data_1GH9
#
_entry.id   1GH9
#
_cell.length_a   1.000
_cell.length_b   1.000
_cell.length_c   1.000
_cell.angle_alpha   90.00
_cell.angle_beta   90.00
_cell.angle_gamma   90.00
#
_symmetry.space_group_name_H-M   'P 1'
#
_entity_poly.entity_id   1
_entity_poly.type   'polypeptide(L)'
_entity_poly.pdbx_seq_one_letter_code
;MYIIFRCDCGRALYSREGAKTRKCVCGRTVNVKDRRIFGRADDFEEASELVRKLQEEKYGSCHFTNPSKRE
;
_entity_poly.pdbx_strand_id   A
#
# COMPACT_ATOMS: atom_id res chain seq x y z
N MET A 1 9.13 -9.51 10.11
CA MET A 1 8.90 -9.29 8.66
C MET A 1 8.41 -7.86 8.40
N TYR A 2 8.06 -7.59 7.14
CA TYR A 2 7.58 -6.27 6.75
C TYR A 2 6.08 -6.28 6.53
N ILE A 3 5.44 -5.13 6.72
CA ILE A 3 4.01 -4.98 6.55
C ILE A 3 3.68 -3.82 5.63
N ILE A 4 2.46 -3.78 5.12
CA ILE A 4 2.02 -2.69 4.26
C ILE A 4 0.72 -2.10 4.79
N PHE A 5 0.51 -0.81 4.56
CA PHE A 5 -0.69 -0.12 5.04
C PHE A 5 -1.14 0.93 4.04
N ARG A 6 -2.07 1.78 4.44
CA ARG A 6 -2.59 2.82 3.55
C ARG A 6 -2.80 4.14 4.28
N CYS A 7 -2.26 5.21 3.70
CA CYS A 7 -2.39 6.54 4.27
C CYS A 7 -3.79 7.08 3.99
N ASP A 8 -4.17 8.14 4.71
CA ASP A 8 -5.50 8.73 4.55
C ASP A 8 -5.69 9.27 3.13
N CYS A 9 -4.60 9.70 2.52
CA CYS A 9 -4.64 10.18 1.14
C CYS A 9 -4.84 9.02 0.17
N GLY A 10 -5.03 7.83 0.72
CA GLY A 10 -5.17 6.65 -0.10
C GLY A 10 -3.83 6.10 -0.52
N ARG A 11 -2.79 6.55 0.18
CA ARG A 11 -1.42 6.13 -0.11
C ARG A 11 -1.12 4.76 0.50
N ALA A 12 0.15 4.37 0.46
CA ALA A 12 0.59 3.10 1.02
C ALA A 12 2.08 3.14 1.37
N LEU A 13 2.46 2.43 2.43
CA LEU A 13 3.85 2.38 2.84
C LEU A 13 4.22 1.00 3.40
N TYR A 14 5.43 0.89 3.95
CA TYR A 14 5.92 -0.37 4.52
C TYR A 14 6.65 -0.13 5.84
N SER A 15 6.48 -1.06 6.78
CA SER A 15 7.14 -0.95 8.09
C SER A 15 7.29 -2.33 8.72
N ARG A 16 7.75 -2.36 9.97
CA ARG A 16 7.92 -3.62 10.70
C ARG A 16 6.58 -4.19 11.15
N GLU A 17 6.49 -5.51 11.16
CA GLU A 17 5.28 -6.20 11.58
C GLU A 17 4.85 -5.77 12.98
N GLY A 18 3.78 -4.98 13.06
CA GLY A 18 3.28 -4.53 14.35
C GLY A 18 2.78 -3.10 14.32
N ALA A 19 3.00 -2.42 13.21
CA ALA A 19 2.56 -1.04 13.07
C ALA A 19 1.06 -0.96 12.85
N LYS A 20 0.34 -0.45 13.85
CA LYS A 20 -1.11 -0.30 13.76
C LYS A 20 -1.48 1.05 13.17
N THR A 21 -0.71 2.07 13.52
CA THR A 21 -0.96 3.42 13.02
C THR A 21 0.34 4.17 12.80
N ARG A 22 0.68 4.39 11.52
CA ARG A 22 1.89 5.12 11.18
C ARG A 22 1.62 6.61 11.08
N LYS A 23 2.60 7.36 10.59
CA LYS A 23 2.46 8.81 10.45
C LYS A 23 3.29 9.32 9.29
N CYS A 24 2.75 10.30 8.58
CA CYS A 24 3.46 10.90 7.45
C CYS A 24 4.14 12.19 7.87
N VAL A 25 5.44 12.27 7.60
CA VAL A 25 6.23 13.43 7.97
C VAL A 25 5.82 14.65 7.15
N CYS A 26 5.13 14.41 6.05
CA CYS A 26 4.66 15.48 5.18
C CYS A 26 3.58 16.28 5.87
N GLY A 27 2.79 15.62 6.71
CA GLY A 27 1.71 16.29 7.42
C GLY A 27 0.41 15.51 7.39
N ARG A 28 0.45 14.28 7.89
CA ARG A 28 -0.73 13.42 7.93
C ARG A 28 -0.47 12.16 8.76
N THR A 29 -1.38 11.20 8.67
CA THR A 29 -1.26 9.95 9.42
C THR A 29 -1.68 8.77 8.55
N VAL A 30 -0.93 7.67 8.66
CA VAL A 30 -1.21 6.48 7.87
C VAL A 30 -1.90 5.41 8.70
N ASN A 31 -3.15 5.09 8.33
CA ASN A 31 -3.92 4.07 9.03
C ASN A 31 -3.78 2.71 8.33
N VAL A 32 -3.19 1.75 9.03
CA VAL A 32 -3.02 0.41 8.47
C VAL A 32 -4.37 -0.26 8.22
N LYS A 33 -4.34 -1.56 7.90
CA LYS A 33 -5.56 -2.30 7.63
C LYS A 33 -6.52 -2.25 8.82
N ASP A 34 -7.65 -2.93 8.68
CA ASP A 34 -8.65 -2.97 9.75
C ASP A 34 -8.38 -4.13 10.68
N ARG A 35 -8.09 -5.29 10.11
CA ARG A 35 -7.78 -6.47 10.89
C ARG A 35 -6.29 -6.47 11.26
N ARG A 36 -5.52 -7.37 10.66
CA ARG A 36 -4.09 -7.43 10.92
C ARG A 36 -3.35 -6.32 10.20
N ILE A 37 -2.95 -6.59 8.96
CA ILE A 37 -2.23 -5.62 8.14
C ILE A 37 -2.41 -5.91 6.65
N PHE A 38 -2.20 -4.89 5.83
CA PHE A 38 -2.31 -5.04 4.39
C PHE A 38 -0.95 -5.41 3.80
N GLY A 39 -0.96 -6.26 2.78
CA GLY A 39 0.28 -6.67 2.14
C GLY A 39 1.34 -7.11 3.13
N ARG A 40 1.41 -8.40 3.40
CA ARG A 40 2.41 -8.93 4.32
C ARG A 40 3.66 -9.35 3.55
N ALA A 41 4.60 -8.42 3.43
CA ALA A 41 5.82 -8.67 2.68
C ALA A 41 6.96 -9.13 3.59
N ASP A 42 7.51 -10.29 3.29
CA ASP A 42 8.62 -10.83 4.05
C ASP A 42 9.94 -10.24 3.56
N ASP A 43 10.07 -10.12 2.24
CA ASP A 43 11.26 -9.56 1.64
C ASP A 43 11.16 -8.04 1.50
N PHE A 44 12.23 -7.34 1.84
CA PHE A 44 12.26 -5.89 1.72
C PHE A 44 11.97 -5.46 0.30
N GLU A 45 12.47 -6.23 -0.67
CA GLU A 45 12.25 -5.93 -2.08
C GLU A 45 10.77 -6.10 -2.44
N GLU A 46 10.16 -7.15 -1.91
CA GLU A 46 8.75 -7.41 -2.16
C GLU A 46 7.88 -6.36 -1.49
N ALA A 47 8.41 -5.78 -0.41
CA ALA A 47 7.68 -4.74 0.32
C ALA A 47 7.37 -3.55 -0.57
N SER A 48 8.41 -2.98 -1.18
CA SER A 48 8.25 -1.83 -2.06
C SER A 48 7.32 -2.16 -3.23
N GLU A 49 7.37 -3.41 -3.69
CA GLU A 49 6.53 -3.85 -4.80
C GLU A 49 5.07 -3.93 -4.39
N LEU A 50 4.83 -4.39 -3.17
CA LEU A 50 3.47 -4.51 -2.65
C LEU A 50 2.85 -3.14 -2.43
N VAL A 51 3.66 -2.20 -1.95
CA VAL A 51 3.21 -0.84 -1.69
C VAL A 51 2.79 -0.15 -2.99
N ARG A 52 3.56 -0.40 -4.05
CA ARG A 52 3.26 0.20 -5.35
C ARG A 52 1.89 -0.24 -5.83
N LYS A 53 1.58 -1.52 -5.67
CA LYS A 53 0.28 -2.04 -6.03
C LYS A 53 -0.78 -1.47 -5.11
N LEU A 54 -0.41 -1.33 -3.83
CA LEU A 54 -1.31 -0.78 -2.83
C LEU A 54 -1.57 0.70 -3.08
N GLN A 55 -0.70 1.32 -3.88
CA GLN A 55 -0.83 2.74 -4.17
C GLN A 55 -2.07 3.02 -5.01
N GLU A 56 -2.18 4.26 -5.49
CA GLU A 56 -3.32 4.67 -6.32
C GLU A 56 -3.14 4.20 -7.76
N GLU A 57 -2.89 2.90 -7.93
CA GLU A 57 -2.71 2.34 -9.26
C GLU A 57 -4.04 2.15 -9.96
N LYS A 58 -4.19 2.82 -11.11
CA LYS A 58 -5.43 2.74 -11.89
C LYS A 58 -5.44 1.47 -12.75
N TYR A 59 -4.73 0.45 -12.30
CA TYR A 59 -4.67 -0.82 -13.03
C TYR A 59 -5.80 -1.75 -12.62
N GLY A 60 -6.54 -2.24 -13.61
CA GLY A 60 -7.65 -3.14 -13.33
C GLY A 60 -8.57 -3.30 -14.52
N SER A 61 -9.05 -2.18 -15.06
CA SER A 61 -9.94 -2.21 -16.21
C SER A 61 -9.15 -2.20 -17.51
N CYS A 62 -8.75 -3.39 -17.95
CA CYS A 62 -7.98 -3.53 -19.19
C CYS A 62 -8.91 -3.58 -20.41
N HIS A 63 -9.38 -2.42 -20.83
CA HIS A 63 -10.27 -2.33 -21.99
C HIS A 63 -9.77 -1.29 -22.98
N PHE A 64 -9.32 -0.16 -22.47
CA PHE A 64 -8.82 0.93 -23.32
C PHE A 64 -7.47 0.56 -23.93
N THR A 65 -6.42 0.68 -23.13
CA THR A 65 -5.06 0.36 -23.58
C THR A 65 -4.67 -1.04 -23.14
N ASN A 66 -3.92 -1.74 -23.98
CA ASN A 66 -3.47 -3.10 -23.68
C ASN A 66 -2.29 -3.07 -22.71
N PRO A 67 -2.18 -4.07 -21.82
CA PRO A 67 -1.09 -4.16 -20.84
C PRO A 67 0.28 -4.21 -21.50
N SER A 68 0.37 -4.95 -22.60
CA SER A 68 1.62 -5.09 -23.34
C SER A 68 1.84 -3.90 -24.28
N LYS A 69 0.89 -2.97 -24.29
CA LYS A 69 0.99 -1.81 -25.14
C LYS A 69 1.73 -0.67 -24.44
N ARG A 70 1.03 0.42 -24.14
CA ARG A 70 1.64 1.56 -23.46
C ARG A 70 1.68 1.34 -21.96
N GLU A 71 0.50 1.23 -21.35
CA GLU A 71 0.39 1.03 -19.91
C GLU A 71 0.37 -0.47 -19.58
N MET A 1 9.88 -9.93 9.44
CA MET A 1 9.11 -9.73 8.18
C MET A 1 8.74 -8.25 8.01
N TYR A 2 7.90 -7.98 7.03
CA TYR A 2 7.45 -6.61 6.76
C TYR A 2 5.95 -6.55 6.55
N ILE A 3 5.37 -5.36 6.76
CA ILE A 3 3.95 -5.16 6.62
C ILE A 3 3.66 -3.96 5.72
N ILE A 4 2.45 -3.90 5.17
CA ILE A 4 2.05 -2.78 4.32
C ILE A 4 0.74 -2.16 4.83
N PHE A 5 0.58 -0.86 4.62
CA PHE A 5 -0.62 -0.16 5.08
C PHE A 5 -1.05 0.88 4.06
N ARG A 6 -1.96 1.77 4.47
CA ARG A 6 -2.45 2.81 3.56
C ARG A 6 -2.67 4.13 4.28
N CYS A 7 -2.15 5.21 3.71
CA CYS A 7 -2.32 6.54 4.27
C CYS A 7 -3.71 7.07 3.96
N ASP A 8 -4.13 8.11 4.67
CA ASP A 8 -5.46 8.67 4.48
C ASP A 8 -5.62 9.23 3.07
N CYS A 9 -4.51 9.67 2.48
CA CYS A 9 -4.52 10.19 1.12
C CYS A 9 -4.67 9.04 0.13
N GLY A 10 -4.86 7.83 0.65
CA GLY A 10 -4.97 6.66 -0.20
C GLY A 10 -3.61 6.11 -0.56
N ARG A 11 -2.59 6.57 0.17
CA ARG A 11 -1.22 6.14 -0.07
C ARG A 11 -0.96 4.77 0.55
N ALA A 12 0.32 4.39 0.61
CA ALA A 12 0.72 3.12 1.19
C ALA A 12 2.18 3.14 1.61
N LEU A 13 2.51 2.41 2.67
CA LEU A 13 3.89 2.35 3.16
C LEU A 13 4.24 0.95 3.65
N TYR A 14 5.48 0.77 4.10
CA TYR A 14 5.96 -0.52 4.59
C TYR A 14 6.78 -0.35 5.86
N SER A 15 6.58 -1.26 6.82
CA SER A 15 7.32 -1.20 8.08
C SER A 15 7.39 -2.58 8.72
N ARG A 16 7.90 -2.65 9.95
CA ARG A 16 8.02 -3.91 10.67
C ARG A 16 6.66 -4.36 11.20
N GLU A 17 6.47 -5.67 11.27
CA GLU A 17 5.22 -6.25 11.76
C GLU A 17 4.88 -5.72 13.16
N GLY A 18 3.82 -4.92 13.25
CA GLY A 18 3.41 -4.39 14.53
C GLY A 18 2.92 -2.96 14.44
N ALA A 19 3.06 -2.35 13.26
CA ALA A 19 2.63 -0.98 13.05
C ALA A 19 1.11 -0.88 12.96
N LYS A 20 0.51 -0.22 13.93
CA LYS A 20 -0.94 -0.05 13.96
C LYS A 20 -1.33 1.22 13.21
N THR A 21 -0.63 2.30 13.49
CA THR A 21 -0.89 3.58 12.83
C THR A 21 0.39 4.38 12.66
N ARG A 22 0.78 4.60 11.41
CA ARG A 22 1.98 5.38 11.12
C ARG A 22 1.64 6.87 11.05
N LYS A 23 2.57 7.66 10.50
CA LYS A 23 2.35 9.09 10.39
C LYS A 23 3.08 9.67 9.18
N CYS A 24 2.44 10.62 8.53
CA CYS A 24 3.02 11.27 7.37
C CYS A 24 3.67 12.60 7.77
N VAL A 25 4.93 12.76 7.42
CA VAL A 25 5.67 13.97 7.75
C VAL A 25 5.13 15.16 6.98
N CYS A 26 4.40 14.87 5.91
CA CYS A 26 3.81 15.93 5.08
C CYS A 26 2.70 16.66 5.84
N GLY A 27 2.02 15.93 6.72
CA GLY A 27 0.95 16.51 7.51
C GLY A 27 -0.29 15.64 7.54
N ARG A 28 -0.14 14.41 8.01
CA ARG A 28 -1.26 13.47 8.10
C ARG A 28 -0.87 12.22 8.88
N THR A 29 -1.69 11.18 8.78
CA THR A 29 -1.43 9.93 9.49
C THR A 29 -1.78 8.73 8.60
N VAL A 30 -0.94 7.70 8.68
CA VAL A 30 -1.15 6.50 7.88
C VAL A 30 -1.83 5.40 8.68
N ASN A 31 -3.06 5.10 8.31
CA ASN A 31 -3.84 4.07 9.00
C ASN A 31 -3.70 2.71 8.31
N VAL A 32 -3.12 1.74 9.00
CA VAL A 32 -2.98 0.40 8.45
C VAL A 32 -4.35 -0.24 8.24
N LYS A 33 -4.37 -1.54 7.92
CA LYS A 33 -5.62 -2.24 7.70
C LYS A 33 -6.54 -2.15 8.92
N ASP A 34 -7.70 -2.79 8.83
CA ASP A 34 -8.66 -2.77 9.93
C ASP A 34 -8.40 -3.93 10.88
N ARG A 35 -8.19 -5.11 10.31
CA ARG A 35 -7.89 -6.30 11.10
C ARG A 35 -6.38 -6.36 11.39
N ARG A 36 -5.69 -7.28 10.73
CA ARG A 36 -4.24 -7.42 10.91
C ARG A 36 -3.49 -6.32 10.17
N ILE A 37 -3.04 -6.64 8.95
CA ILE A 37 -2.28 -5.69 8.14
C ILE A 37 -2.43 -6.02 6.66
N PHE A 38 -2.29 -5.00 5.81
CA PHE A 38 -2.37 -5.20 4.38
C PHE A 38 -0.99 -5.48 3.80
N GLY A 39 -0.96 -6.27 2.73
CA GLY A 39 0.31 -6.60 2.09
C GLY A 39 1.34 -7.09 3.08
N ARG A 40 1.38 -8.40 3.30
CA ARG A 40 2.36 -9.00 4.20
C ARG A 40 3.59 -9.41 3.41
N ALA A 41 4.56 -8.49 3.33
CA ALA A 41 5.77 -8.74 2.56
C ALA A 41 6.89 -9.30 3.44
N ASP A 42 7.27 -10.54 3.17
CA ASP A 42 8.36 -11.17 3.89
C ASP A 42 9.70 -10.77 3.28
N ASP A 43 9.71 -10.59 1.97
CA ASP A 43 10.91 -10.19 1.25
C ASP A 43 11.04 -8.68 1.16
N PHE A 44 12.25 -8.17 1.35
CA PHE A 44 12.50 -6.74 1.26
C PHE A 44 12.07 -6.19 -0.10
N GLU A 45 12.44 -6.91 -1.15
CA GLU A 45 12.10 -6.51 -2.51
C GLU A 45 10.60 -6.56 -2.75
N GLU A 46 9.95 -7.54 -2.11
CA GLU A 46 8.51 -7.72 -2.26
C GLU A 46 7.77 -6.56 -1.59
N ALA A 47 8.38 -6.00 -0.55
CA ALA A 47 7.79 -4.89 0.18
C ALA A 47 7.53 -3.70 -0.74
N SER A 48 8.58 -3.27 -1.44
CA SER A 48 8.47 -2.13 -2.35
C SER A 48 7.43 -2.37 -3.43
N GLU A 49 7.36 -3.62 -3.92
CA GLU A 49 6.40 -3.97 -4.96
C GLU A 49 4.97 -3.94 -4.44
N LEU A 50 4.79 -4.37 -3.19
CA LEU A 50 3.48 -4.40 -2.57
C LEU A 50 2.96 -2.99 -2.32
N VAL A 51 3.82 -2.13 -1.79
CA VAL A 51 3.45 -0.75 -1.50
C VAL A 51 3.14 0.02 -2.76
N ARG A 52 3.92 -0.21 -3.81
CA ARG A 52 3.70 0.48 -5.09
C ARG A 52 2.34 0.14 -5.65
N LYS A 53 2.00 -1.15 -5.61
CA LYS A 53 0.69 -1.60 -6.07
C LYS A 53 -0.39 -1.07 -5.14
N LEU A 54 -0.07 -1.02 -3.86
CA LEU A 54 -0.99 -0.50 -2.85
C LEU A 54 -1.18 1.00 -3.02
N GLN A 55 -0.20 1.64 -3.65
CA GLN A 55 -0.24 3.08 -3.87
C GLN A 55 -1.34 3.46 -4.86
N GLU A 56 -1.33 4.73 -5.27
CA GLU A 56 -2.32 5.22 -6.22
C GLU A 56 -1.98 4.77 -7.64
N GLU A 57 -2.63 3.71 -8.10
CA GLU A 57 -2.40 3.18 -9.44
C GLU A 57 -3.05 4.06 -10.50
N LYS A 58 -2.36 4.22 -11.62
CA LYS A 58 -2.86 5.05 -12.71
C LYS A 58 -3.91 4.30 -13.51
N TYR A 59 -4.60 5.02 -14.39
CA TYR A 59 -5.64 4.42 -15.23
C TYR A 59 -5.05 3.92 -16.54
N GLY A 60 -3.96 3.16 -16.44
CA GLY A 60 -3.33 2.62 -17.63
C GLY A 60 -3.71 1.18 -17.88
N SER A 61 -3.81 0.39 -16.81
CA SER A 61 -4.16 -1.02 -16.90
C SER A 61 -5.68 -1.18 -16.83
N CYS A 62 -6.13 -2.42 -16.63
CA CYS A 62 -7.55 -2.73 -16.54
C CYS A 62 -8.13 -2.21 -15.22
N HIS A 63 -9.40 -1.85 -15.25
CA HIS A 63 -10.08 -1.35 -14.06
C HIS A 63 -10.94 -2.44 -13.42
N PHE A 64 -11.04 -3.58 -14.09
CA PHE A 64 -11.81 -4.71 -13.58
C PHE A 64 -11.01 -5.52 -12.58
N THR A 65 -11.64 -5.84 -11.45
CA THR A 65 -10.99 -6.62 -10.40
C THR A 65 -11.33 -8.10 -10.53
N ASN A 66 -10.40 -8.95 -10.09
CA ASN A 66 -10.60 -10.39 -10.15
C ASN A 66 -11.62 -10.84 -9.10
N PRO A 67 -12.36 -11.93 -9.38
CA PRO A 67 -13.37 -12.46 -8.45
C PRO A 67 -12.76 -12.94 -7.13
N SER A 68 -11.63 -13.63 -7.23
CA SER A 68 -10.95 -14.15 -6.05
C SER A 68 -10.10 -13.09 -5.39
N LYS A 69 -10.03 -11.91 -6.01
CA LYS A 69 -9.23 -10.80 -5.48
C LYS A 69 -10.06 -9.95 -4.52
N ARG A 70 -10.08 -10.35 -3.25
CA ARG A 70 -10.83 -9.63 -2.23
C ARG A 70 -10.02 -8.44 -1.72
N GLU A 71 -9.97 -7.37 -2.52
CA GLU A 71 -9.24 -6.17 -2.14
C GLU A 71 -10.13 -5.19 -1.37
N MET A 1 9.31 -9.62 9.87
CA MET A 1 8.78 -9.47 8.49
C MET A 1 8.32 -8.04 8.23
N TYR A 2 7.94 -7.78 6.98
CA TYR A 2 7.47 -6.45 6.59
C TYR A 2 5.96 -6.44 6.37
N ILE A 3 5.34 -5.29 6.58
CA ILE A 3 3.90 -5.15 6.43
C ILE A 3 3.57 -3.96 5.53
N ILE A 4 2.35 -3.93 5.01
CA ILE A 4 1.91 -2.83 4.16
C ILE A 4 0.60 -2.24 4.69
N PHE A 5 0.41 -0.94 4.48
CA PHE A 5 -0.79 -0.26 4.97
C PHE A 5 -1.26 0.80 3.97
N ARG A 6 -2.14 1.69 4.43
CA ARG A 6 -2.66 2.73 3.55
C ARG A 6 -2.87 4.05 4.28
N CYS A 7 -2.35 5.13 3.71
CA CYS A 7 -2.50 6.45 4.30
C CYS A 7 -3.90 6.98 4.04
N ASP A 8 -4.31 7.99 4.81
CA ASP A 8 -5.65 8.57 4.67
C ASP A 8 -5.81 9.20 3.29
N CYS A 9 -4.71 9.64 2.72
CA CYS A 9 -4.71 10.21 1.37
C CYS A 9 -4.92 9.12 0.33
N GLY A 10 -5.13 7.89 0.81
CA GLY A 10 -5.30 6.76 -0.07
C GLY A 10 -3.97 6.19 -0.49
N ARG A 11 -2.91 6.60 0.21
CA ARG A 11 -1.56 6.13 -0.10
C ARG A 11 -1.30 4.75 0.50
N ALA A 12 -0.03 4.35 0.48
CA ALA A 12 0.37 3.06 1.05
C ALA A 12 1.85 3.06 1.40
N LEU A 13 2.22 2.33 2.45
CA LEU A 13 3.62 2.27 2.87
C LEU A 13 3.98 0.89 3.41
N TYR A 14 5.23 0.75 3.84
CA TYR A 14 5.72 -0.53 4.38
C TYR A 14 6.55 -0.30 5.64
N SER A 15 6.41 -1.20 6.61
CA SER A 15 7.15 -1.10 7.87
C SER A 15 7.31 -2.47 8.51
N ARG A 16 7.81 -2.50 9.74
CA ARG A 16 7.99 -3.75 10.46
C ARG A 16 6.66 -4.30 10.96
N GLU A 17 6.54 -5.62 10.95
CA GLU A 17 5.32 -6.28 11.40
C GLU A 17 4.94 -5.86 12.81
N GLY A 18 3.87 -5.08 12.93
CA GLY A 18 3.41 -4.63 14.24
C GLY A 18 2.96 -3.19 14.24
N ALA A 19 3.10 -2.53 13.10
CA ALA A 19 2.69 -1.14 12.96
C ALA A 19 1.17 -1.00 12.88
N LYS A 20 0.59 -0.36 13.88
CA LYS A 20 -0.85 -0.16 13.93
C LYS A 20 -1.23 1.14 13.22
N THR A 21 -0.51 2.21 13.54
CA THR A 21 -0.76 3.51 12.94
C THR A 21 0.54 4.27 12.71
N ARG A 22 0.86 4.51 11.44
CA ARG A 22 2.06 5.24 11.09
C ARG A 22 1.80 6.74 11.07
N LYS A 23 2.77 7.51 10.57
CA LYS A 23 2.64 8.95 10.51
C LYS A 23 3.41 9.53 9.33
N CYS A 24 2.81 10.51 8.67
CA CYS A 24 3.44 11.17 7.54
C CYS A 24 4.07 12.49 7.95
N VAL A 25 5.37 12.60 7.75
CA VAL A 25 6.09 13.81 8.12
C VAL A 25 5.67 14.98 7.25
N CYS A 26 5.11 14.69 6.09
CA CYS A 26 4.64 15.71 5.17
C CYS A 26 3.42 16.42 5.76
N GLY A 27 2.78 15.78 6.73
CA GLY A 27 1.61 16.37 7.36
C GLY A 27 0.37 15.49 7.22
N ARG A 28 0.43 14.30 7.82
CA ARG A 28 -0.69 13.36 7.76
C ARG A 28 -0.45 12.16 8.66
N THR A 29 -1.32 11.16 8.55
CA THR A 29 -1.22 9.94 9.34
C THR A 29 -1.62 8.73 8.51
N VAL A 30 -0.81 7.69 8.54
CA VAL A 30 -1.09 6.47 7.78
C VAL A 30 -1.73 5.39 8.64
N ASN A 31 -2.98 5.07 8.32
CA ASN A 31 -3.73 4.07 9.06
C ASN A 31 -3.67 2.70 8.38
N VAL A 32 -3.09 1.71 9.05
CA VAL A 32 -3.04 0.36 8.50
C VAL A 32 -4.44 -0.22 8.40
N LYS A 33 -4.54 -1.49 8.02
CA LYS A 33 -5.84 -2.15 7.89
C LYS A 33 -6.63 -2.08 9.19
N ASP A 34 -7.82 -2.65 9.19
CA ASP A 34 -8.67 -2.66 10.37
C ASP A 34 -8.37 -3.87 11.24
N ARG A 35 -8.22 -5.02 10.59
CA ARG A 35 -7.89 -6.26 11.30
C ARG A 35 -6.38 -6.36 11.50
N ARG A 36 -5.74 -7.29 10.80
CA ARG A 36 -4.30 -7.47 10.91
C ARG A 36 -3.56 -6.39 10.13
N ILE A 37 -3.11 -6.72 8.92
CA ILE A 37 -2.37 -5.79 8.07
C ILE A 37 -2.51 -6.17 6.60
N PHE A 38 -2.41 -5.18 5.73
CA PHE A 38 -2.49 -5.41 4.30
C PHE A 38 -1.10 -5.63 3.71
N GLY A 39 -1.03 -6.36 2.61
CA GLY A 39 0.26 -6.64 1.99
C GLY A 39 1.28 -7.15 2.98
N ARG A 40 1.31 -8.46 3.18
CA ARG A 40 2.27 -9.07 4.11
C ARG A 40 3.53 -9.47 3.35
N ALA A 41 4.49 -8.56 3.30
CA ALA A 41 5.73 -8.80 2.59
C ALA A 41 6.82 -9.32 3.52
N ASP A 42 7.34 -10.50 3.20
CA ASP A 42 8.40 -11.10 4.00
C ASP A 42 9.75 -10.51 3.61
N ASP A 43 9.94 -10.30 2.31
CA ASP A 43 11.16 -9.71 1.79
C ASP A 43 11.08 -8.19 1.78
N PHE A 44 12.12 -7.53 2.29
CA PHE A 44 12.16 -6.08 2.31
C PHE A 44 11.95 -5.51 0.91
N GLU A 45 12.50 -6.20 -0.09
CA GLU A 45 12.37 -5.78 -1.48
C GLU A 45 10.92 -5.94 -1.94
N GLU A 46 10.26 -6.98 -1.47
CA GLU A 46 8.88 -7.24 -1.84
C GLU A 46 7.96 -6.17 -1.28
N ALA A 47 8.37 -5.56 -0.17
CA ALA A 47 7.59 -4.50 0.45
C ALA A 47 7.39 -3.33 -0.52
N SER A 48 8.47 -2.93 -1.17
CA SER A 48 8.43 -1.82 -2.12
C SER A 48 7.46 -2.11 -3.27
N GLU A 49 7.53 -3.33 -3.80
CA GLU A 49 6.68 -3.72 -4.92
C GLU A 49 5.22 -3.82 -4.51
N LEU A 50 4.99 -4.25 -3.27
CA LEU A 50 3.63 -4.40 -2.76
C LEU A 50 2.98 -3.03 -2.54
N VAL A 51 3.75 -2.10 -2.00
CA VAL A 51 3.26 -0.75 -1.73
C VAL A 51 2.90 -0.01 -3.01
N ARG A 52 3.77 -0.08 -4.01
CA ARG A 52 3.53 0.61 -5.28
C ARG A 52 2.27 0.07 -5.93
N LYS A 53 2.07 -1.25 -5.82
CA LYS A 53 0.86 -1.87 -6.34
C LYS A 53 -0.34 -1.42 -5.52
N LEU A 54 -0.11 -1.25 -4.22
CA LEU A 54 -1.16 -0.80 -3.30
C LEU A 54 -1.54 0.65 -3.61
N GLN A 55 -0.63 1.37 -4.25
CA GLN A 55 -0.87 2.77 -4.58
C GLN A 55 -1.96 2.91 -5.64
N GLU A 56 -2.17 4.14 -6.10
CA GLU A 56 -3.17 4.42 -7.11
C GLU A 56 -2.67 4.03 -8.49
N GLU A 57 -3.10 2.86 -8.96
CA GLU A 57 -2.69 2.37 -10.27
C GLU A 57 -3.41 3.12 -11.38
N LYS A 58 -2.64 3.60 -12.36
CA LYS A 58 -3.19 4.35 -13.48
C LYS A 58 -3.79 3.41 -14.51
N TYR A 59 -3.97 3.91 -15.74
CA TYR A 59 -4.53 3.11 -16.81
C TYR A 59 -3.45 2.34 -17.56
N GLY A 60 -2.57 3.09 -18.23
CA GLY A 60 -1.49 2.46 -18.98
C GLY A 60 -0.81 3.42 -19.93
N SER A 61 0.46 3.72 -19.67
CA SER A 61 1.22 4.62 -20.52
C SER A 61 1.90 3.86 -21.65
N CYS A 62 2.90 4.49 -22.28
CA CYS A 62 3.64 3.87 -23.38
C CYS A 62 2.69 3.46 -24.50
N HIS A 63 3.06 2.42 -25.25
CA HIS A 63 2.24 1.93 -26.35
C HIS A 63 0.96 1.30 -25.83
N PHE A 64 0.38 0.39 -26.61
CA PHE A 64 -0.84 -0.30 -26.23
C PHE A 64 -0.54 -1.48 -25.31
N THR A 65 0.39 -1.28 -24.39
CA THR A 65 0.78 -2.33 -23.45
C THR A 65 0.06 -2.16 -22.11
N ASN A 66 -1.24 -2.43 -22.12
CA ASN A 66 -2.04 -2.31 -20.91
C ASN A 66 -1.63 -3.35 -19.88
N PRO A 67 -1.82 -3.07 -18.57
CA PRO A 67 -1.46 -4.00 -17.50
C PRO A 67 -2.14 -5.35 -17.67
N SER A 68 -3.41 -5.33 -18.06
CA SER A 68 -4.17 -6.55 -18.27
C SER A 68 -3.89 -7.15 -19.65
N LYS A 69 -3.50 -6.29 -20.58
CA LYS A 69 -3.19 -6.71 -21.94
C LYS A 69 -1.73 -7.12 -22.07
N ARG A 70 -1.47 -8.42 -21.86
CA ARG A 70 -0.12 -8.95 -21.95
C ARG A 70 0.25 -9.24 -23.41
N GLU A 71 1.50 -9.01 -23.76
CA GLU A 71 1.98 -9.25 -25.11
C GLU A 71 2.51 -10.67 -25.26
N MET A 1 10.35 -10.00 8.54
CA MET A 1 9.18 -9.78 7.65
C MET A 1 8.80 -8.32 7.57
N TYR A 2 7.89 -7.99 6.66
CA TYR A 2 7.43 -6.61 6.49
C TYR A 2 5.92 -6.54 6.35
N ILE A 3 5.37 -5.37 6.63
CA ILE A 3 3.93 -5.14 6.56
C ILE A 3 3.63 -3.91 5.71
N ILE A 4 2.46 -3.88 5.07
CA ILE A 4 2.07 -2.75 4.26
C ILE A 4 0.81 -2.10 4.82
N PHE A 5 0.65 -0.79 4.61
CA PHE A 5 -0.49 -0.07 5.13
C PHE A 5 -0.95 0.99 4.14
N ARG A 6 -1.87 1.86 4.55
CA ARG A 6 -2.38 2.89 3.66
C ARG A 6 -2.64 4.21 4.39
N CYS A 7 -1.97 5.27 3.93
CA CYS A 7 -2.16 6.59 4.52
C CYS A 7 -3.44 7.23 4.01
N ASP A 8 -3.94 8.20 4.76
CA ASP A 8 -5.20 8.86 4.43
C ASP A 8 -5.13 9.56 3.07
N CYS A 9 -3.91 9.87 2.64
CA CYS A 9 -3.70 10.48 1.34
C CYS A 9 -3.93 9.45 0.23
N GLY A 10 -4.36 8.25 0.64
CA GLY A 10 -4.59 7.18 -0.30
C GLY A 10 -3.30 6.48 -0.67
N ARG A 11 -2.21 6.86 0.01
CA ARG A 11 -0.90 6.27 -0.26
C ARG A 11 -0.73 4.96 0.51
N ALA A 12 0.49 4.41 0.47
CA ALA A 12 0.80 3.17 1.16
C ALA A 12 2.29 3.09 1.47
N LEU A 13 2.65 2.40 2.55
CA LEU A 13 4.06 2.25 2.93
C LEU A 13 4.33 0.85 3.49
N TYR A 14 5.59 0.62 3.88
CA TYR A 14 6.01 -0.66 4.43
C TYR A 14 6.87 -0.47 5.68
N SER A 15 6.67 -1.36 6.66
CA SER A 15 7.43 -1.29 7.91
C SER A 15 7.49 -2.66 8.57
N ARG A 16 8.07 -2.74 9.75
CA ARG A 16 8.16 -3.99 10.48
C ARG A 16 6.82 -4.35 11.11
N GLU A 17 6.55 -5.65 11.22
CA GLU A 17 5.30 -6.13 11.80
C GLU A 17 5.06 -5.53 13.18
N GLY A 18 4.01 -4.71 13.29
CA GLY A 18 3.69 -4.10 14.57
C GLY A 18 3.13 -2.70 14.42
N ALA A 19 3.26 -2.13 13.22
CA ALA A 19 2.78 -0.79 12.95
C ALA A 19 1.25 -0.78 12.82
N LYS A 20 0.58 -0.27 13.85
CA LYS A 20 -0.88 -0.18 13.84
C LYS A 20 -1.32 1.14 13.23
N THR A 21 -0.65 2.22 13.60
CA THR A 21 -0.97 3.55 13.09
C THR A 21 0.29 4.40 12.98
N ARG A 22 0.71 4.67 11.74
CA ARG A 22 1.89 5.47 11.48
C ARG A 22 1.52 6.96 11.43
N LYS A 23 2.36 7.75 10.77
CA LYS A 23 2.11 9.18 10.65
C LYS A 23 2.70 9.74 9.35
N CYS A 24 2.03 10.75 8.80
CA CYS A 24 2.49 11.40 7.58
C CYS A 24 3.22 12.70 7.91
N VAL A 25 4.45 12.81 7.45
CA VAL A 25 5.27 13.99 7.71
C VAL A 25 4.71 15.20 6.98
N CYS A 26 3.96 14.95 5.91
CA CYS A 26 3.34 16.02 5.15
C CYS A 26 2.24 16.71 5.94
N GLY A 27 1.62 15.95 6.85
CA GLY A 27 0.55 16.50 7.67
C GLY A 27 -0.68 15.60 7.69
N ARG A 28 -0.52 14.41 8.24
CA ARG A 28 -1.61 13.44 8.33
C ARG A 28 -1.21 12.22 9.16
N THR A 29 -1.97 11.14 9.02
CA THR A 29 -1.70 9.90 9.74
C THR A 29 -1.92 8.70 8.84
N VAL A 30 -1.03 7.71 8.93
CA VAL A 30 -1.13 6.50 8.12
C VAL A 30 -1.84 5.39 8.87
N ASN A 31 -3.06 5.08 8.41
CA ASN A 31 -3.86 4.03 9.04
C ASN A 31 -3.66 2.69 8.34
N VAL A 32 -3.04 1.75 9.02
CA VAL A 32 -2.84 0.42 8.46
C VAL A 32 -4.19 -0.28 8.26
N LYS A 33 -4.15 -1.59 7.99
CA LYS A 33 -5.39 -2.35 7.78
C LYS A 33 -6.31 -2.25 8.99
N ASP A 34 -7.46 -2.91 8.91
CA ASP A 34 -8.42 -2.88 10.00
C ASP A 34 -8.13 -4.01 10.99
N ARG A 35 -7.92 -5.21 10.47
CA ARG A 35 -7.60 -6.35 11.29
C ARG A 35 -6.10 -6.39 11.58
N ARG A 36 -5.38 -7.28 10.90
CA ARG A 36 -3.94 -7.39 11.07
C ARG A 36 -3.22 -6.28 10.31
N ILE A 37 -2.87 -6.56 9.05
CA ILE A 37 -2.16 -5.60 8.22
C ILE A 37 -2.41 -5.88 6.73
N PHE A 38 -2.28 -4.86 5.91
CA PHE A 38 -2.44 -5.02 4.47
C PHE A 38 -1.10 -5.33 3.82
N GLY A 39 -1.14 -6.09 2.73
CA GLY A 39 0.09 -6.46 2.04
C GLY A 39 1.15 -6.99 2.99
N ARG A 40 1.14 -8.29 3.22
CA ARG A 40 2.12 -8.91 4.10
C ARG A 40 3.33 -9.37 3.30
N ALA A 41 4.32 -8.50 3.18
CA ALA A 41 5.51 -8.79 2.41
C ALA A 41 6.63 -9.33 3.30
N ASP A 42 6.98 -10.58 3.10
CA ASP A 42 8.05 -11.20 3.87
C ASP A 42 9.41 -10.83 3.29
N ASP A 43 9.46 -10.69 1.97
CA ASP A 43 10.69 -10.31 1.29
C ASP A 43 10.82 -8.79 1.21
N PHE A 44 12.01 -8.29 1.53
CA PHE A 44 12.27 -6.86 1.48
C PHE A 44 11.98 -6.31 0.08
N GLU A 45 12.38 -7.07 -0.94
CA GLU A 45 12.14 -6.67 -2.33
C GLU A 45 10.65 -6.67 -2.63
N GLU A 46 9.95 -7.66 -2.09
CA GLU A 46 8.51 -7.79 -2.28
C GLU A 46 7.77 -6.66 -1.57
N ALA A 47 8.39 -6.12 -0.53
CA ALA A 47 7.82 -5.03 0.23
C ALA A 47 7.53 -3.82 -0.66
N SER A 48 8.58 -3.31 -1.30
CA SER A 48 8.45 -2.16 -2.19
C SER A 48 7.47 -2.45 -3.32
N GLU A 49 7.45 -3.69 -3.78
CA GLU A 49 6.57 -4.10 -4.87
C GLU A 49 5.11 -4.10 -4.42
N LEU A 50 4.88 -4.52 -3.17
CA LEU A 50 3.53 -4.56 -2.62
C LEU A 50 2.98 -3.15 -2.43
N VAL A 51 3.83 -2.26 -1.90
CA VAL A 51 3.44 -0.88 -1.68
C VAL A 51 3.14 -0.17 -3.01
N ARG A 52 3.95 -0.47 -4.02
CA ARG A 52 3.78 0.13 -5.33
C ARG A 52 2.43 -0.24 -5.92
N LYS A 53 2.06 -1.52 -5.78
CA LYS A 53 0.77 -1.98 -6.24
C LYS A 53 -0.34 -1.38 -5.38
N LEU A 54 -0.02 -1.17 -4.10
CA LEU A 54 -0.97 -0.58 -3.16
C LEU A 54 -1.21 0.89 -3.48
N GLN A 55 -0.41 1.44 -4.39
CA GLN A 55 -0.53 2.84 -4.77
C GLN A 55 -1.84 3.10 -5.50
N GLU A 56 -1.95 4.25 -6.15
CA GLU A 56 -3.15 4.62 -6.89
C GLU A 56 -3.23 3.86 -8.22
N GLU A 57 -3.50 2.56 -8.14
CA GLU A 57 -3.61 1.73 -9.33
C GLU A 57 -4.94 1.94 -10.02
N LYS A 58 -4.90 2.21 -11.32
CA LYS A 58 -6.11 2.44 -12.10
C LYS A 58 -6.78 1.12 -12.44
N TYR A 59 -8.11 1.12 -12.43
CA TYR A 59 -8.89 -0.08 -12.73
C TYR A 59 -9.17 -0.19 -14.23
N GLY A 60 -8.67 -1.25 -14.85
CA GLY A 60 -8.88 -1.44 -16.27
C GLY A 60 -8.30 -2.76 -16.76
N SER A 61 -7.15 -3.14 -16.21
CA SER A 61 -6.49 -4.39 -16.59
C SER A 61 -6.96 -5.54 -15.73
N CYS A 62 -7.51 -6.58 -16.37
CA CYS A 62 -7.99 -7.75 -15.66
C CYS A 62 -7.36 -9.02 -16.22
N HIS A 63 -6.84 -9.87 -15.33
CA HIS A 63 -6.22 -11.11 -15.73
C HIS A 63 -7.19 -12.28 -15.61
N PHE A 64 -7.67 -12.52 -14.39
CA PHE A 64 -8.61 -13.60 -14.13
C PHE A 64 -9.94 -13.35 -14.86
N THR A 65 -10.76 -14.39 -14.94
CA THR A 65 -12.05 -14.28 -15.61
C THR A 65 -13.17 -14.01 -14.61
N ASN A 66 -13.88 -12.91 -14.80
CA ASN A 66 -14.98 -12.54 -13.91
C ASN A 66 -16.15 -13.52 -14.07
N PRO A 67 -16.93 -13.72 -13.00
CA PRO A 67 -18.09 -14.63 -13.02
C PRO A 67 -19.07 -14.29 -14.14
N SER A 68 -19.30 -13.00 -14.36
CA SER A 68 -20.20 -12.54 -15.40
C SER A 68 -19.52 -12.53 -16.76
N LYS A 69 -18.19 -12.61 -16.75
CA LYS A 69 -17.41 -12.59 -17.98
C LYS A 69 -17.24 -14.01 -18.52
N ARG A 70 -17.55 -14.19 -19.80
CA ARG A 70 -17.42 -15.50 -20.44
C ARG A 70 -15.98 -15.74 -20.88
N GLU A 71 -15.51 -14.97 -21.85
CA GLU A 71 -14.15 -15.10 -22.36
C GLU A 71 -13.19 -14.20 -21.58
N MET A 1 8.82 -9.80 9.88
CA MET A 1 8.87 -9.43 8.44
C MET A 1 8.41 -8.00 8.23
N TYR A 2 8.05 -7.67 6.99
CA TYR A 2 7.58 -6.33 6.65
C TYR A 2 6.07 -6.32 6.44
N ILE A 3 5.47 -5.16 6.65
CA ILE A 3 4.02 -5.01 6.49
C ILE A 3 3.69 -3.83 5.57
N ILE A 4 2.48 -3.82 5.05
CA ILE A 4 2.03 -2.74 4.18
C ILE A 4 0.73 -2.14 4.71
N PHE A 5 0.54 -0.84 4.48
CA PHE A 5 -0.65 -0.15 4.96
C PHE A 5 -1.13 0.90 3.96
N ARG A 6 -1.99 1.82 4.40
CA ARG A 6 -2.51 2.85 3.52
C ARG A 6 -2.65 4.18 4.24
N CYS A 7 -2.14 5.25 3.63
CA CYS A 7 -2.25 6.58 4.20
C CYS A 7 -3.66 7.13 3.98
N ASP A 8 -3.99 8.20 4.70
CA ASP A 8 -5.31 8.79 4.61
C ASP A 8 -5.57 9.33 3.21
N CYS A 9 -4.51 9.73 2.53
CA CYS A 9 -4.61 10.21 1.16
C CYS A 9 -4.86 9.05 0.20
N GLY A 10 -5.03 7.86 0.77
CA GLY A 10 -5.23 6.67 -0.03
C GLY A 10 -3.93 6.08 -0.50
N ARG A 11 -2.84 6.50 0.15
CA ARG A 11 -1.50 6.03 -0.21
C ARG A 11 -1.23 4.65 0.37
N ALA A 12 0.05 4.26 0.36
CA ALA A 12 0.48 2.97 0.90
C ALA A 12 1.96 3.00 1.24
N LEU A 13 2.34 2.34 2.34
CA LEU A 13 3.75 2.29 2.75
C LEU A 13 4.11 0.93 3.35
N TYR A 14 5.35 0.80 3.82
CA TYR A 14 5.83 -0.45 4.40
C TYR A 14 6.65 -0.19 5.66
N SER A 15 6.52 -1.08 6.65
CA SER A 15 7.26 -0.97 7.90
C SER A 15 7.41 -2.33 8.56
N ARG A 16 7.88 -2.34 9.79
CA ARG A 16 8.05 -3.59 10.53
C ARG A 16 6.70 -4.11 11.02
N GLU A 17 6.55 -5.44 11.02
CA GLU A 17 5.32 -6.07 11.48
C GLU A 17 4.95 -5.62 12.88
N GLY A 18 3.90 -4.82 13.00
CA GLY A 18 3.45 -4.35 14.30
C GLY A 18 2.91 -2.94 14.26
N ALA A 19 3.07 -2.27 13.12
CA ALA A 19 2.59 -0.91 12.97
C ALA A 19 1.07 -0.88 12.83
N LYS A 20 0.40 -0.34 13.84
CA LYS A 20 -1.06 -0.23 13.83
C LYS A 20 -1.49 1.08 13.19
N THR A 21 -0.81 2.16 13.57
CA THR A 21 -1.10 3.49 13.00
C THR A 21 0.17 4.31 12.93
N ARG A 22 0.65 4.54 11.71
CA ARG A 22 1.85 5.33 11.51
C ARG A 22 1.50 6.81 11.36
N LYS A 23 2.49 7.60 10.96
CA LYS A 23 2.28 9.04 10.80
C LYS A 23 3.18 9.60 9.71
N CYS A 24 2.66 10.54 8.95
CA CYS A 24 3.42 11.17 7.88
C CYS A 24 4.03 12.48 8.36
N VAL A 25 5.34 12.61 8.19
CA VAL A 25 6.04 13.81 8.63
C VAL A 25 5.64 15.02 7.79
N CYS A 26 5.05 14.75 6.64
CA CYS A 26 4.58 15.81 5.75
C CYS A 26 3.41 16.56 6.36
N GLY A 27 2.63 15.85 7.17
CA GLY A 27 1.48 16.46 7.81
C GLY A 27 0.22 15.63 7.67
N ARG A 28 0.26 14.39 8.16
CA ARG A 28 -0.88 13.48 8.09
C ARG A 28 -0.64 12.23 8.92
N THR A 29 -1.52 11.23 8.75
CA THR A 29 -1.40 9.98 9.49
C THR A 29 -1.73 8.79 8.58
N VAL A 30 -0.92 7.74 8.68
CA VAL A 30 -1.11 6.54 7.87
C VAL A 30 -1.79 5.44 8.66
N ASN A 31 -3.03 5.15 8.30
CA ASN A 31 -3.81 4.11 8.97
C ASN A 31 -3.67 2.77 8.28
N VAL A 32 -3.10 1.78 8.96
CA VAL A 32 -2.94 0.45 8.40
C VAL A 32 -4.31 -0.21 8.17
N LYS A 33 -4.30 -1.51 7.90
CA LYS A 33 -5.53 -2.25 7.68
C LYS A 33 -6.48 -2.13 8.87
N ASP A 34 -7.60 -2.82 8.80
CA ASP A 34 -8.58 -2.79 9.88
C ASP A 34 -8.29 -3.88 10.89
N ARG A 35 -8.04 -5.09 10.37
CA ARG A 35 -7.71 -6.22 11.22
C ARG A 35 -6.22 -6.26 11.50
N ARG A 36 -5.51 -7.18 10.84
CA ARG A 36 -4.06 -7.30 11.01
C ARG A 36 -3.33 -6.20 10.25
N ILE A 37 -2.93 -6.50 9.01
CA ILE A 37 -2.19 -5.56 8.18
C ILE A 37 -2.40 -5.87 6.70
N PHE A 38 -2.19 -4.86 5.86
CA PHE A 38 -2.32 -5.04 4.42
C PHE A 38 -0.98 -5.44 3.82
N GLY A 39 -1.01 -6.27 2.78
CA GLY A 39 0.21 -6.72 2.13
C GLY A 39 1.28 -7.16 3.11
N ARG A 40 1.34 -8.47 3.36
CA ARG A 40 2.35 -9.01 4.27
C ARG A 40 3.60 -9.41 3.48
N ALA A 41 4.53 -8.47 3.37
CA ALA A 41 5.75 -8.70 2.61
C ALA A 41 6.88 -9.18 3.51
N ASP A 42 7.37 -10.38 3.24
CA ASP A 42 8.47 -10.94 4.01
C ASP A 42 9.81 -10.42 3.48
N ASP A 43 9.90 -10.27 2.16
CA ASP A 43 11.12 -9.79 1.53
C ASP A 43 11.12 -8.27 1.45
N PHE A 44 12.27 -7.66 1.77
CA PHE A 44 12.40 -6.21 1.71
C PHE A 44 12.05 -5.69 0.32
N GLU A 45 12.50 -6.41 -0.71
CA GLU A 45 12.21 -6.04 -2.08
C GLU A 45 10.72 -6.21 -2.39
N GLU A 46 10.12 -7.22 -1.77
CA GLU A 46 8.71 -7.49 -1.95
C GLU A 46 7.86 -6.38 -1.33
N ALA A 47 8.42 -5.73 -0.32
CA ALA A 47 7.74 -4.63 0.36
C ALA A 47 7.40 -3.52 -0.63
N SER A 48 8.43 -2.97 -1.27
CA SER A 48 8.24 -1.89 -2.23
C SER A 48 7.33 -2.31 -3.38
N GLU A 49 7.42 -3.57 -3.77
CA GLU A 49 6.61 -4.09 -4.87
C GLU A 49 5.14 -4.18 -4.46
N LEU A 50 4.89 -4.57 -3.21
CA LEU A 50 3.54 -4.68 -2.70
C LEU A 50 2.89 -3.30 -2.57
N VAL A 51 3.68 -2.34 -2.10
CA VAL A 51 3.19 -0.97 -1.95
C VAL A 51 2.86 -0.35 -3.30
N ARG A 52 3.65 -0.70 -4.31
CA ARG A 52 3.43 -0.18 -5.66
C ARG A 52 2.07 -0.60 -6.16
N LYS A 53 1.73 -1.87 -5.95
CA LYS A 53 0.42 -2.38 -6.34
C LYS A 53 -0.65 -1.76 -5.44
N LEU A 54 -0.30 -1.57 -4.17
CA LEU A 54 -1.21 -0.97 -3.20
C LEU A 54 -1.46 0.50 -3.52
N GLN A 55 -0.65 1.06 -4.42
CA GLN A 55 -0.79 2.46 -4.80
C GLN A 55 -2.10 2.72 -5.52
N GLU A 56 -2.24 3.92 -6.08
CA GLU A 56 -3.46 4.30 -6.78
C GLU A 56 -3.51 3.66 -8.16
N GLU A 57 -3.84 2.37 -8.20
CA GLU A 57 -3.93 1.65 -9.47
C GLU A 57 -5.21 2.00 -10.20
N LYS A 58 -5.26 1.67 -11.49
CA LYS A 58 -6.43 1.95 -12.31
C LYS A 58 -7.52 0.90 -12.06
N TYR A 59 -8.60 0.99 -12.84
CA TYR A 59 -9.71 0.05 -12.70
C TYR A 59 -9.49 -1.18 -13.57
N GLY A 60 -8.68 -2.11 -13.08
CA GLY A 60 -8.40 -3.32 -13.82
C GLY A 60 -8.49 -4.57 -12.96
N SER A 61 -8.52 -4.37 -11.64
CA SER A 61 -8.61 -5.48 -10.70
C SER A 61 -10.06 -5.81 -10.40
N CYS A 62 -10.27 -6.87 -9.61
CA CYS A 62 -11.62 -7.30 -9.25
C CYS A 62 -12.28 -6.27 -8.33
N HIS A 63 -13.60 -6.38 -8.19
CA HIS A 63 -14.36 -5.47 -7.36
C HIS A 63 -14.21 -5.83 -5.88
N PHE A 64 -14.87 -5.06 -5.01
CA PHE A 64 -14.82 -5.31 -3.58
C PHE A 64 -15.73 -6.46 -3.18
N THR A 65 -15.14 -7.55 -2.70
CA THR A 65 -15.90 -8.71 -2.27
C THR A 65 -16.13 -8.69 -0.77
N ASN A 66 -15.05 -8.70 0.00
CA ASN A 66 -15.13 -8.66 1.45
C ASN A 66 -15.68 -7.32 1.93
N PRO A 67 -16.08 -7.21 3.22
CA PRO A 67 -15.96 -8.29 4.22
C PRO A 67 -17.07 -9.34 4.07
N SER A 68 -17.64 -9.44 2.88
CA SER A 68 -18.69 -10.41 2.61
C SER A 68 -18.08 -11.79 2.33
N LYS A 69 -17.27 -11.87 1.28
CA LYS A 69 -16.63 -13.12 0.91
C LYS A 69 -15.28 -13.26 1.61
N ARG A 70 -15.01 -14.45 2.13
CA ARG A 70 -13.76 -14.70 2.83
C ARG A 70 -12.64 -15.01 1.85
N GLU A 71 -12.14 -13.97 1.18
CA GLU A 71 -11.07 -14.12 0.21
C GLU A 71 -9.70 -13.98 0.87
N MET A 1 9.65 -9.81 9.50
CA MET A 1 9.11 -9.53 8.14
C MET A 1 8.70 -8.07 8.00
N TYR A 2 7.96 -7.76 6.94
CA TYR A 2 7.50 -6.40 6.69
C TYR A 2 5.99 -6.37 6.47
N ILE A 3 5.39 -5.21 6.68
CA ILE A 3 3.95 -5.03 6.52
C ILE A 3 3.64 -3.83 5.63
N ILE A 4 2.44 -3.80 5.08
CA ILE A 4 2.01 -2.70 4.23
C ILE A 4 0.70 -2.11 4.75
N PHE A 5 0.50 -0.81 4.54
CA PHE A 5 -0.70 -0.14 5.02
C PHE A 5 -1.17 0.92 4.04
N ARG A 6 -2.02 1.84 4.50
CA ARG A 6 -2.54 2.90 3.63
C ARG A 6 -2.66 4.22 4.36
N CYS A 7 -2.15 5.29 3.74
CA CYS A 7 -2.23 6.62 4.30
C CYS A 7 -3.63 7.19 4.11
N ASP A 8 -3.93 8.27 4.82
CA ASP A 8 -5.25 8.89 4.74
C ASP A 8 -5.53 9.40 3.33
N CYS A 9 -4.47 9.78 2.64
CA CYS A 9 -4.58 10.25 1.27
C CYS A 9 -4.85 9.07 0.33
N GLY A 10 -5.03 7.90 0.92
CA GLY A 10 -5.26 6.69 0.13
C GLY A 10 -3.96 6.09 -0.36
N ARG A 11 -2.86 6.51 0.27
CA ARG A 11 -1.53 6.03 -0.11
C ARG A 11 -1.24 4.66 0.49
N ALA A 12 0.04 4.29 0.51
CA ALA A 12 0.48 3.02 1.06
C ALA A 12 1.96 3.08 1.45
N LEU A 13 2.33 2.37 2.53
CA LEU A 13 3.71 2.36 2.97
C LEU A 13 4.10 0.98 3.51
N TYR A 14 5.33 0.87 4.03
CA TYR A 14 5.84 -0.39 4.55
C TYR A 14 6.60 -0.17 5.87
N SER A 15 6.45 -1.10 6.79
CA SER A 15 7.13 -1.02 8.09
C SER A 15 7.28 -2.42 8.70
N ARG A 16 7.77 -2.48 9.93
CA ARG A 16 7.96 -3.75 10.62
C ARG A 16 6.63 -4.31 11.11
N GLU A 17 6.52 -5.63 11.12
CA GLU A 17 5.30 -6.29 11.58
C GLU A 17 4.92 -5.85 12.98
N GLY A 18 3.86 -5.05 13.08
CA GLY A 18 3.41 -4.57 14.37
C GLY A 18 2.94 -3.12 14.34
N ALA A 19 3.13 -2.47 13.19
CA ALA A 19 2.72 -1.08 13.04
C ALA A 19 1.20 -0.98 12.89
N LYS A 20 0.55 -0.42 13.92
CA LYS A 20 -0.89 -0.26 13.90
C LYS A 20 -1.28 1.09 13.28
N THR A 21 -0.54 2.12 13.63
CA THR A 21 -0.81 3.46 13.11
C THR A 21 0.49 4.25 12.92
N ARG A 22 0.82 4.50 11.65
CA ARG A 22 2.02 5.27 11.32
C ARG A 22 1.68 6.75 11.24
N LYS A 23 2.61 7.55 10.70
CA LYS A 23 2.39 8.98 10.57
C LYS A 23 3.18 9.54 9.40
N CYS A 24 2.54 10.48 8.68
CA CYS A 24 3.19 11.11 7.54
C CYS A 24 3.77 12.46 7.96
N VAL A 25 5.08 12.58 7.82
CA VAL A 25 5.79 13.80 8.19
C VAL A 25 5.39 14.94 7.26
N CYS A 26 4.77 14.60 6.14
CA CYS A 26 4.31 15.60 5.18
C CYS A 26 3.15 16.40 5.77
N GLY A 27 2.44 15.81 6.73
CA GLY A 27 1.33 16.48 7.37
C GLY A 27 0.07 15.63 7.40
N ARG A 28 0.19 14.42 7.93
CA ARG A 28 -0.95 13.50 8.03
C ARG A 28 -0.60 12.28 8.86
N THR A 29 -1.47 11.26 8.80
CA THR A 29 -1.28 10.02 9.54
C THR A 29 -1.65 8.82 8.69
N VAL A 30 -0.82 7.78 8.73
CA VAL A 30 -1.05 6.58 7.94
C VAL A 30 -1.70 5.48 8.78
N ASN A 31 -2.94 5.17 8.47
CA ASN A 31 -3.69 4.13 9.17
C ASN A 31 -3.61 2.79 8.45
N VAL A 32 -3.05 1.78 9.13
CA VAL A 32 -2.95 0.45 8.54
C VAL A 32 -4.33 -0.15 8.35
N LYS A 33 -4.39 -1.44 7.99
CA LYS A 33 -5.65 -2.12 7.77
C LYS A 33 -6.54 -2.06 9.02
N ASP A 34 -7.71 -2.67 8.93
CA ASP A 34 -8.65 -2.69 10.05
C ASP A 34 -8.39 -3.90 10.93
N ARG A 35 -8.19 -5.05 10.30
CA ARG A 35 -7.90 -6.28 11.03
C ARG A 35 -6.39 -6.38 11.32
N ARG A 36 -5.71 -7.27 10.61
CA ARG A 36 -4.28 -7.44 10.78
C ARG A 36 -3.49 -6.32 10.07
N ILE A 37 -3.07 -6.60 8.84
CA ILE A 37 -2.30 -5.64 8.05
C ILE A 37 -2.46 -5.90 6.57
N PHE A 38 -2.23 -4.87 5.75
CA PHE A 38 -2.32 -5.00 4.31
C PHE A 38 -0.97 -5.41 3.73
N GLY A 39 -0.98 -6.25 2.71
CA GLY A 39 0.24 -6.69 2.07
C GLY A 39 1.30 -7.14 3.06
N ARG A 40 1.36 -8.44 3.32
CA ARG A 40 2.35 -8.98 4.23
C ARG A 40 3.60 -9.38 3.46
N ALA A 41 4.52 -8.43 3.32
CA ALA A 41 5.75 -8.65 2.57
C ALA A 41 6.88 -9.12 3.46
N ASP A 42 7.28 -10.37 3.28
CA ASP A 42 8.39 -10.94 4.04
C ASP A 42 9.72 -10.55 3.43
N ASP A 43 9.72 -10.38 2.10
CA ASP A 43 10.92 -9.99 1.38
C ASP A 43 11.06 -8.47 1.36
N PHE A 44 12.26 -7.98 1.66
CA PHE A 44 12.53 -6.55 1.66
C PHE A 44 12.19 -5.93 0.31
N GLU A 45 12.62 -6.58 -0.76
CA GLU A 45 12.35 -6.09 -2.11
C GLU A 45 10.87 -6.17 -2.44
N GLU A 46 10.21 -7.21 -1.92
CA GLU A 46 8.78 -7.40 -2.17
C GLU A 46 7.97 -6.32 -1.47
N ALA A 47 8.54 -5.74 -0.41
CA ALA A 47 7.86 -4.69 0.35
C ALA A 47 7.51 -3.51 -0.54
N SER A 48 8.54 -2.91 -1.15
CA SER A 48 8.33 -1.76 -2.03
C SER A 48 7.42 -2.10 -3.19
N GLU A 49 7.50 -3.34 -3.66
CA GLU A 49 6.69 -3.79 -4.78
C GLU A 49 5.21 -3.89 -4.38
N LEU A 50 4.97 -4.35 -3.16
CA LEU A 50 3.61 -4.49 -2.64
C LEU A 50 2.96 -3.13 -2.46
N VAL A 51 3.73 -2.17 -1.98
CA VAL A 51 3.25 -0.82 -1.75
C VAL A 51 2.87 -0.16 -3.08
N ARG A 52 3.69 -0.38 -4.10
CA ARG A 52 3.43 0.20 -5.42
C ARG A 52 2.12 -0.34 -5.98
N LYS A 53 1.91 -1.64 -5.82
CA LYS A 53 0.67 -2.27 -6.26
C LYS A 53 -0.48 -1.73 -5.44
N LEU A 54 -0.20 -1.47 -4.17
CA LEU A 54 -1.20 -0.91 -3.26
C LEU A 54 -1.55 0.51 -3.69
N GLN A 55 -0.58 1.18 -4.31
CA GLN A 55 -0.77 2.55 -4.77
C GLN A 55 -1.76 2.60 -5.92
N GLU A 56 -1.96 3.80 -6.49
CA GLU A 56 -2.88 3.98 -7.60
C GLU A 56 -2.23 3.54 -8.92
N GLU A 57 -1.67 2.34 -8.93
CA GLU A 57 -1.01 1.81 -10.12
C GLU A 57 -2.04 1.35 -11.15
N LYS A 58 -1.57 1.13 -12.38
CA LYS A 58 -2.45 0.68 -13.46
C LYS A 58 -2.72 -0.82 -13.36
N TYR A 59 -3.73 -1.27 -14.10
CA TYR A 59 -4.10 -2.68 -14.09
C TYR A 59 -3.33 -3.45 -15.16
N GLY A 60 -2.36 -2.79 -15.78
CA GLY A 60 -1.56 -3.41 -16.82
C GLY A 60 -2.34 -3.57 -18.12
N SER A 61 -2.76 -2.45 -18.69
CA SER A 61 -3.52 -2.46 -19.94
C SER A 61 -2.57 -2.42 -21.14
N CYS A 62 -3.08 -2.84 -22.29
CA CYS A 62 -2.28 -2.85 -23.51
C CYS A 62 -2.36 -1.50 -24.22
N HIS A 63 -3.58 -0.98 -24.35
CA HIS A 63 -3.79 0.30 -25.01
C HIS A 63 -3.91 1.43 -23.99
N PHE A 64 -3.25 2.54 -24.27
CA PHE A 64 -3.30 3.70 -23.38
C PHE A 64 -4.61 4.46 -23.53
N THR A 65 -5.49 4.31 -22.55
CA THR A 65 -6.78 4.97 -22.57
C THR A 65 -6.75 6.26 -21.76
N ASN A 66 -6.11 7.29 -22.31
CA ASN A 66 -5.99 8.57 -21.64
C ASN A 66 -7.23 9.44 -21.93
N PRO A 67 -7.65 10.26 -20.95
CA PRO A 67 -8.83 11.13 -21.10
C PRO A 67 -8.67 12.12 -22.25
N SER A 68 -7.55 12.85 -22.25
CA SER A 68 -7.29 13.85 -23.28
C SER A 68 -6.72 13.21 -24.54
N LYS A 69 -6.80 11.89 -24.63
CA LYS A 69 -6.29 11.17 -25.79
C LYS A 69 -7.37 11.05 -26.87
N ARG A 70 -6.97 11.34 -28.11
CA ARG A 70 -7.90 11.27 -29.23
C ARG A 70 -8.01 9.84 -29.76
N GLU A 71 -8.20 8.89 -28.85
CA GLU A 71 -8.33 7.49 -29.22
C GLU A 71 -9.78 7.12 -29.49
N MET A 1 9.75 -9.83 9.35
CA MET A 1 9.12 -9.57 8.03
C MET A 1 8.70 -8.11 7.89
N TYR A 2 7.93 -7.82 6.85
CA TYR A 2 7.48 -6.46 6.60
C TYR A 2 5.96 -6.43 6.36
N ILE A 3 5.37 -5.26 6.59
CA ILE A 3 3.93 -5.09 6.42
C ILE A 3 3.63 -3.88 5.55
N ILE A 4 2.40 -3.81 5.03
CA ILE A 4 1.98 -2.68 4.20
C ILE A 4 0.66 -2.11 4.74
N PHE A 5 0.47 -0.81 4.56
CA PHE A 5 -0.73 -0.14 5.05
C PHE A 5 -1.20 0.94 4.09
N ARG A 6 -2.06 1.84 4.56
CA ARG A 6 -2.59 2.91 3.71
C ARG A 6 -2.71 4.22 4.47
N CYS A 7 -2.20 5.29 3.89
CA CYS A 7 -2.28 6.60 4.51
C CYS A 7 -3.68 7.17 4.35
N ASP A 8 -3.98 8.24 5.09
CA ASP A 8 -5.31 8.85 5.04
C ASP A 8 -5.59 9.41 3.66
N CYS A 9 -4.53 9.81 2.95
CA CYS A 9 -4.65 10.31 1.59
C CYS A 9 -4.93 9.15 0.63
N GLY A 10 -5.08 7.95 1.19
CA GLY A 10 -5.32 6.76 0.38
C GLY A 10 -4.03 6.19 -0.15
N ARG A 11 -2.92 6.54 0.49
CA ARG A 11 -1.60 6.07 0.07
C ARG A 11 -1.32 4.67 0.58
N ALA A 12 -0.04 4.30 0.58
CA ALA A 12 0.39 2.99 1.05
C ALA A 12 1.88 3.01 1.41
N LEU A 13 2.22 2.43 2.55
CA LEU A 13 3.61 2.41 3.01
C LEU A 13 4.01 1.03 3.52
N TYR A 14 5.24 0.92 4.01
CA TYR A 14 5.77 -0.35 4.52
C TYR A 14 6.54 -0.15 5.83
N SER A 15 6.39 -1.10 6.76
CA SER A 15 7.09 -1.04 8.03
C SER A 15 7.22 -2.44 8.63
N ARG A 16 7.69 -2.52 9.88
CA ARG A 16 7.84 -3.79 10.56
C ARG A 16 6.50 -4.34 11.01
N GLU A 17 6.36 -5.67 10.99
CA GLU A 17 5.12 -6.31 11.42
C GLU A 17 4.74 -5.92 12.84
N GLY A 18 3.69 -5.09 12.96
CA GLY A 18 3.24 -4.67 14.27
C GLY A 18 2.76 -3.23 14.28
N ALA A 19 2.98 -2.52 13.17
CA ALA A 19 2.56 -1.13 13.06
C ALA A 19 1.05 -1.01 12.90
N LYS A 20 0.41 -0.38 13.88
CA LYS A 20 -1.04 -0.19 13.85
C LYS A 20 -1.40 1.13 13.17
N THR A 21 -0.67 2.18 13.52
CA THR A 21 -0.89 3.50 12.95
C THR A 21 0.41 4.29 12.89
N ARG A 22 0.92 4.51 11.68
CA ARG A 22 2.16 5.25 11.52
C ARG A 22 1.86 6.74 11.30
N LYS A 23 2.76 7.45 10.63
CA LYS A 23 2.57 8.88 10.38
C LYS A 23 3.24 9.29 9.07
N CYS A 24 2.63 10.24 8.38
CA CYS A 24 3.16 10.75 7.13
C CYS A 24 3.94 12.04 7.37
N VAL A 25 5.17 12.07 6.89
CA VAL A 25 6.03 13.24 7.05
C VAL A 25 5.50 14.41 6.24
N CYS A 26 4.62 14.12 5.29
CA CYS A 26 4.02 15.16 4.45
C CYS A 26 3.07 16.02 5.28
N GLY A 27 2.60 15.48 6.40
CA GLY A 27 1.69 16.22 7.26
C GLY A 27 0.37 15.50 7.46
N ARG A 28 0.44 14.27 7.96
CA ARG A 28 -0.77 13.46 8.20
C ARG A 28 -0.44 12.20 8.99
N THR A 29 -1.39 11.27 9.02
CA THR A 29 -1.22 10.01 9.73
C THR A 29 -1.74 8.85 8.88
N VAL A 30 -0.97 7.77 8.83
CA VAL A 30 -1.34 6.61 8.02
C VAL A 30 -1.94 5.50 8.88
N ASN A 31 -3.17 5.13 8.56
CA ASN A 31 -3.86 4.07 9.26
C ASN A 31 -3.71 2.74 8.52
N VAL A 32 -3.12 1.75 9.17
CA VAL A 32 -2.95 0.44 8.57
C VAL A 32 -4.30 -0.23 8.30
N LYS A 33 -4.27 -1.52 8.00
CA LYS A 33 -5.50 -2.26 7.73
C LYS A 33 -6.46 -2.17 8.91
N ASP A 34 -7.61 -2.83 8.78
CA ASP A 34 -8.61 -2.83 9.83
C ASP A 34 -8.36 -3.96 10.81
N ARG A 35 -8.13 -5.15 10.27
CA ARG A 35 -7.82 -6.32 11.09
C ARG A 35 -6.33 -6.37 11.39
N ARG A 36 -5.61 -7.29 10.74
CA ARG A 36 -4.18 -7.41 10.94
C ARG A 36 -3.42 -6.31 10.19
N ILE A 37 -3.03 -6.61 8.95
CA ILE A 37 -2.30 -5.66 8.13
C ILE A 37 -2.49 -5.98 6.64
N PHE A 38 -2.35 -4.95 5.80
CA PHE A 38 -2.46 -5.13 4.36
C PHE A 38 -1.09 -5.40 3.75
N GLY A 39 -1.06 -6.12 2.64
CA GLY A 39 0.19 -6.43 1.98
C GLY A 39 1.25 -6.95 2.94
N ARG A 40 1.28 -8.26 3.13
CA ARG A 40 2.25 -8.87 4.02
C ARG A 40 3.50 -9.27 3.25
N ALA A 41 4.45 -8.36 3.18
CA ALA A 41 5.68 -8.60 2.45
C ALA A 41 6.78 -9.13 3.36
N ASP A 42 7.21 -10.36 3.11
CA ASP A 42 8.26 -10.98 3.90
C ASP A 42 9.63 -10.51 3.43
N ASP A 43 9.76 -10.30 2.13
CA ASP A 43 11.01 -9.84 1.54
C ASP A 43 11.09 -8.31 1.58
N PHE A 44 12.24 -7.79 2.03
CA PHE A 44 12.43 -6.34 2.09
C PHE A 44 12.21 -5.70 0.73
N GLU A 45 12.68 -6.36 -0.32
CA GLU A 45 12.51 -5.87 -1.69
C GLU A 45 11.05 -5.95 -2.11
N GLU A 46 10.37 -7.01 -1.69
CA GLU A 46 8.97 -7.20 -2.03
C GLU A 46 8.10 -6.16 -1.35
N ALA A 47 8.58 -5.60 -0.24
CA ALA A 47 7.84 -4.58 0.49
C ALA A 47 7.52 -3.39 -0.39
N SER A 48 8.57 -2.77 -0.94
CA SER A 48 8.41 -1.61 -1.80
C SER A 48 7.55 -1.95 -3.01
N GLU A 49 7.64 -3.18 -3.49
CA GLU A 49 6.88 -3.63 -4.64
C GLU A 49 5.40 -3.74 -4.31
N LEU A 50 5.10 -4.23 -3.12
CA LEU A 50 3.72 -4.39 -2.67
C LEU A 50 3.05 -3.02 -2.49
N VAL A 51 3.83 -2.07 -1.98
CA VAL A 51 3.34 -0.71 -1.75
C VAL A 51 2.95 -0.04 -3.06
N ARG A 52 3.79 -0.17 -4.08
CA ARG A 52 3.52 0.43 -5.38
C ARG A 52 2.25 -0.14 -5.97
N LYS A 53 2.06 -1.44 -5.81
CA LYS A 53 0.85 -2.10 -6.27
C LYS A 53 -0.34 -1.61 -5.45
N LEU A 54 -0.07 -1.37 -4.17
CA LEU A 54 -1.10 -0.87 -3.26
C LEU A 54 -1.51 0.56 -3.63
N GLN A 55 -0.62 1.25 -4.34
CA GLN A 55 -0.88 2.62 -4.77
C GLN A 55 -2.01 2.67 -5.79
N GLU A 56 -2.17 3.82 -6.44
CA GLU A 56 -3.21 3.98 -7.45
C GLU A 56 -2.80 3.35 -8.78
N GLU A 57 -2.49 2.06 -8.74
CA GLU A 57 -2.09 1.33 -9.94
C GLU A 57 -3.29 0.99 -10.80
N LYS A 58 -3.06 0.79 -12.10
CA LYS A 58 -4.13 0.46 -13.03
C LYS A 58 -4.49 -1.02 -12.95
N TYR A 59 -5.79 -1.30 -12.87
CA TYR A 59 -6.27 -2.67 -12.78
C TYR A 59 -6.52 -3.25 -14.17
N GLY A 60 -7.62 -2.84 -14.79
CA GLY A 60 -7.96 -3.32 -16.11
C GLY A 60 -9.45 -3.56 -16.29
N SER A 61 -10.12 -3.92 -15.20
CA SER A 61 -11.56 -4.18 -15.23
C SER A 61 -12.35 -2.90 -14.98
N CYS A 62 -11.65 -1.77 -14.97
CA CYS A 62 -12.28 -0.48 -14.74
C CYS A 62 -13.05 -0.01 -15.98
N HIS A 63 -13.53 1.22 -15.94
CA HIS A 63 -14.28 1.79 -17.05
C HIS A 63 -13.39 1.95 -18.28
N PHE A 64 -12.12 2.27 -18.05
CA PHE A 64 -11.17 2.45 -19.15
C PHE A 64 -10.94 1.15 -19.90
N THR A 65 -11.30 1.13 -21.17
CA THR A 65 -11.13 -0.05 -22.01
C THR A 65 -9.85 0.05 -22.84
N ASN A 66 -9.57 -0.99 -23.62
CA ASN A 66 -8.38 -1.03 -24.46
C ASN A 66 -8.63 -0.30 -25.78
N PRO A 67 -7.60 0.39 -26.31
CA PRO A 67 -7.71 1.13 -27.58
C PRO A 67 -8.17 0.26 -28.73
N SER A 68 -7.63 -0.96 -28.79
CA SER A 68 -8.00 -1.90 -29.85
C SER A 68 -9.30 -2.63 -29.51
N LYS A 69 -9.64 -2.64 -28.22
CA LYS A 69 -10.87 -3.30 -27.77
C LYS A 69 -12.03 -2.32 -27.77
N ARG A 70 -12.39 -1.84 -28.96
CA ARG A 70 -13.49 -0.89 -29.10
C ARG A 70 -14.83 -1.62 -29.13
N GLU A 71 -15.81 -1.07 -28.42
CA GLU A 71 -17.14 -1.66 -28.36
C GLU A 71 -18.03 -1.12 -29.47
N MET A 1 10.56 -9.52 8.82
CA MET A 1 9.42 -9.38 7.88
C MET A 1 8.97 -7.93 7.75
N TYR A 2 8.07 -7.67 6.81
CA TYR A 2 7.55 -6.33 6.59
C TYR A 2 6.03 -6.34 6.42
N ILE A 3 5.42 -5.18 6.64
CA ILE A 3 3.98 -5.04 6.52
C ILE A 3 3.62 -3.87 5.62
N ILE A 4 2.41 -3.88 5.08
CA ILE A 4 1.94 -2.79 4.23
C ILE A 4 0.63 -2.21 4.77
N PHE A 5 0.43 -0.92 4.55
CA PHE A 5 -0.76 -0.24 5.05
C PHE A 5 -1.26 0.81 4.05
N ARG A 6 -2.16 1.68 4.50
CA ARG A 6 -2.71 2.71 3.62
C ARG A 6 -2.95 4.02 4.36
N CYS A 7 -2.32 5.09 3.88
CA CYS A 7 -2.51 6.41 4.46
C CYS A 7 -3.82 7.01 3.98
N ASP A 8 -4.34 7.98 4.74
CA ASP A 8 -5.63 8.59 4.42
C ASP A 8 -5.59 9.26 3.05
N CYS A 9 -4.40 9.53 2.55
CA CYS A 9 -4.24 10.11 1.22
C CYS A 9 -4.54 9.05 0.16
N GLY A 10 -4.97 7.88 0.62
CA GLY A 10 -5.26 6.78 -0.28
C GLY A 10 -4.01 6.08 -0.75
N ARG A 11 -2.87 6.47 -0.18
CA ARG A 11 -1.59 5.86 -0.54
C ARG A 11 -1.32 4.61 0.28
N ALA A 12 -0.06 4.18 0.30
CA ALA A 12 0.34 2.99 1.04
C ALA A 12 1.83 3.04 1.40
N LEU A 13 2.21 2.33 2.45
CA LEU A 13 3.61 2.30 2.87
C LEU A 13 4.00 0.93 3.43
N TYR A 14 5.23 0.81 3.91
CA TYR A 14 5.73 -0.44 4.46
C TYR A 14 6.55 -0.21 5.74
N SER A 15 6.43 -1.12 6.70
CA SER A 15 7.15 -1.02 7.96
C SER A 15 7.32 -2.40 8.59
N ARG A 16 7.82 -2.43 9.82
CA ARG A 16 8.00 -3.69 10.53
C ARG A 16 6.67 -4.23 11.05
N GLU A 17 6.55 -5.56 11.08
CA GLU A 17 5.33 -6.20 11.56
C GLU A 17 4.97 -5.74 12.97
N GLY A 18 3.92 -4.95 13.07
CA GLY A 18 3.48 -4.47 14.38
C GLY A 18 2.98 -3.03 14.34
N ALA A 19 3.15 -2.37 13.20
CA ALA A 19 2.70 -0.99 13.05
C ALA A 19 1.19 -0.91 12.91
N LYS A 20 0.53 -0.34 13.91
CA LYS A 20 -0.91 -0.19 13.91
C LYS A 20 -1.31 1.13 13.26
N THR A 21 -0.60 2.19 13.60
CA THR A 21 -0.88 3.52 13.05
C THR A 21 0.41 4.31 12.85
N ARG A 22 0.76 4.55 11.60
CA ARG A 22 1.95 5.32 11.27
C ARG A 22 1.63 6.80 11.21
N LYS A 23 2.60 7.61 10.79
CA LYS A 23 2.40 9.04 10.69
C LYS A 23 3.27 9.66 9.60
N CYS A 24 2.70 10.59 8.86
CA CYS A 24 3.43 11.26 7.80
C CYS A 24 3.97 12.60 8.28
N VAL A 25 5.28 12.79 8.15
CA VAL A 25 5.93 14.01 8.60
C VAL A 25 5.52 15.19 7.73
N CYS A 26 4.97 14.89 6.55
CA CYS A 26 4.51 15.92 5.63
C CYS A 26 3.29 16.64 6.18
N GLY A 27 2.43 15.89 6.87
CA GLY A 27 1.23 16.49 7.44
C GLY A 27 0.02 15.58 7.32
N ARG A 28 0.14 14.36 7.86
CA ARG A 28 -0.96 13.39 7.81
C ARG A 28 -0.66 12.19 8.70
N THR A 29 -1.52 11.17 8.61
CA THR A 29 -1.36 9.95 9.39
C THR A 29 -1.72 8.73 8.56
N VAL A 30 -0.89 7.69 8.66
CA VAL A 30 -1.12 6.47 7.90
C VAL A 30 -1.81 5.41 8.74
N ASN A 31 -3.03 5.07 8.35
CA ASN A 31 -3.83 4.06 9.07
C ASN A 31 -3.72 2.70 8.40
N VAL A 32 -3.12 1.73 9.08
CA VAL A 32 -2.99 0.38 8.54
C VAL A 32 -4.37 -0.26 8.37
N LYS A 33 -4.38 -1.55 8.07
CA LYS A 33 -5.63 -2.27 7.87
C LYS A 33 -6.53 -2.18 9.11
N ASP A 34 -7.67 -2.85 9.06
CA ASP A 34 -8.60 -2.84 10.18
C ASP A 34 -8.28 -3.98 11.15
N ARG A 35 -8.05 -5.16 10.58
CA ARG A 35 -7.70 -6.33 11.38
C ARG A 35 -6.19 -6.35 11.66
N ARG A 36 -5.48 -7.28 11.02
CA ARG A 36 -4.03 -7.37 11.19
C ARG A 36 -3.31 -6.29 10.40
N ILE A 37 -2.92 -6.62 9.18
CA ILE A 37 -2.21 -5.68 8.31
C ILE A 37 -2.43 -6.03 6.84
N PHE A 38 -2.27 -5.03 5.97
CA PHE A 38 -2.42 -5.24 4.54
C PHE A 38 -1.06 -5.57 3.92
N GLY A 39 -1.08 -6.36 2.86
CA GLY A 39 0.16 -6.75 2.20
C GLY A 39 1.23 -7.20 3.16
N ARG A 40 1.29 -8.49 3.44
CA ARG A 40 2.31 -9.03 4.33
C ARG A 40 3.54 -9.42 3.53
N ALA A 41 4.46 -8.48 3.39
CA ALA A 41 5.67 -8.70 2.62
C ALA A 41 6.82 -9.14 3.51
N ASP A 42 7.21 -10.40 3.38
CA ASP A 42 8.33 -10.93 4.15
C ASP A 42 9.65 -10.56 3.48
N ASP A 43 9.62 -10.45 2.15
CA ASP A 43 10.79 -10.09 1.38
C ASP A 43 10.92 -8.58 1.27
N PHE A 44 12.10 -8.05 1.58
CA PHE A 44 12.34 -6.62 1.50
C PHE A 44 12.01 -6.08 0.11
N GLU A 45 12.33 -6.89 -0.91
CA GLU A 45 12.06 -6.51 -2.29
C GLU A 45 10.57 -6.46 -2.57
N GLU A 46 9.85 -7.45 -2.05
CA GLU A 46 8.41 -7.53 -2.23
C GLU A 46 7.69 -6.40 -1.49
N ALA A 47 8.35 -5.86 -0.48
CA ALA A 47 7.78 -4.78 0.32
C ALA A 47 7.49 -3.56 -0.56
N SER A 48 8.53 -3.00 -1.16
CA SER A 48 8.38 -1.83 -2.02
C SER A 48 7.44 -2.10 -3.19
N GLU A 49 7.47 -3.33 -3.70
CA GLU A 49 6.62 -3.71 -4.82
C GLU A 49 5.15 -3.75 -4.40
N LEU A 50 4.91 -4.24 -3.19
CA LEU A 50 3.55 -4.34 -2.65
C LEU A 50 2.96 -2.95 -2.41
N VAL A 51 3.78 -2.05 -1.88
CA VAL A 51 3.35 -0.69 -1.61
C VAL A 51 2.99 0.05 -2.91
N ARG A 52 3.88 -0.01 -3.88
CA ARG A 52 3.65 0.65 -5.17
C ARG A 52 2.46 0.03 -5.87
N LYS A 53 2.32 -1.29 -5.75
CA LYS A 53 1.18 -1.99 -6.33
C LYS A 53 -0.09 -1.53 -5.63
N LEU A 54 0.05 -1.23 -4.34
CA LEU A 54 -1.06 -0.71 -3.55
C LEU A 54 -1.46 0.67 -4.06
N GLN A 55 -0.45 1.45 -4.45
CA GLN A 55 -0.68 2.80 -4.97
C GLN A 55 -1.36 2.74 -6.33
N GLU A 56 -1.79 3.90 -6.82
CA GLU A 56 -2.45 4.01 -8.12
C GLU A 56 -1.43 3.99 -9.25
N GLU A 57 -0.40 3.16 -9.11
CA GLU A 57 0.65 3.06 -10.13
C GLU A 57 0.17 2.24 -11.32
N LYS A 58 0.76 2.52 -12.49
CA LYS A 58 0.40 1.82 -13.71
C LYS A 58 1.06 0.45 -13.77
N TYR A 59 1.02 -0.17 -14.95
CA TYR A 59 1.63 -1.49 -15.13
C TYR A 59 3.09 -1.36 -15.54
N GLY A 60 3.76 -2.51 -15.66
CA GLY A 60 5.16 -2.50 -16.04
C GLY A 60 5.40 -1.93 -17.42
N SER A 61 5.04 -2.69 -18.45
CA SER A 61 5.23 -2.24 -19.83
C SER A 61 4.02 -1.45 -20.31
N CYS A 62 4.28 -0.34 -21.01
CA CYS A 62 3.21 0.50 -21.53
C CYS A 62 3.77 1.50 -22.54
N HIS A 63 5.09 1.51 -22.70
CA HIS A 63 5.74 2.41 -23.64
C HIS A 63 5.38 3.87 -23.35
N PHE A 64 6.17 4.50 -22.48
CA PHE A 64 5.95 5.88 -22.11
C PHE A 64 6.00 6.79 -23.34
N THR A 65 4.83 7.18 -23.83
CA THR A 65 4.75 8.04 -25.00
C THR A 65 4.56 9.50 -24.59
N ASN A 66 5.65 10.27 -24.69
CA ASN A 66 5.61 11.69 -24.33
C ASN A 66 4.71 12.46 -25.29
N PRO A 67 4.04 13.53 -24.79
CA PRO A 67 3.15 14.35 -25.61
C PRO A 67 3.87 14.99 -26.80
N SER A 68 5.10 15.42 -26.56
CA SER A 68 5.90 16.05 -27.61
C SER A 68 6.59 15.00 -28.47
N LYS A 69 6.54 13.75 -28.02
CA LYS A 69 7.16 12.66 -28.76
C LYS A 69 6.19 12.05 -29.77
N ARG A 70 6.72 11.20 -30.65
CA ARG A 70 5.90 10.56 -31.68
C ARG A 70 5.19 9.34 -31.12
N GLU A 71 4.22 8.84 -31.87
CA GLU A 71 3.45 7.67 -31.46
C GLU A 71 4.10 6.39 -31.97
N MET A 1 9.54 -9.89 9.46
CA MET A 1 8.86 -9.59 8.18
C MET A 1 8.36 -8.14 8.14
N TYR A 2 7.96 -7.69 6.97
CA TYR A 2 7.47 -6.33 6.79
C TYR A 2 5.95 -6.32 6.56
N ILE A 3 5.34 -5.17 6.81
CA ILE A 3 3.90 -5.00 6.66
C ILE A 3 3.59 -3.79 5.78
N ILE A 4 2.44 -3.82 5.12
CA ILE A 4 2.01 -2.71 4.27
C ILE A 4 0.69 -2.13 4.78
N PHE A 5 0.49 -0.84 4.57
CA PHE A 5 -0.73 -0.18 5.03
C PHE A 5 -1.20 0.86 4.02
N ARG A 6 -2.14 1.70 4.42
CA ARG A 6 -2.68 2.72 3.52
C ARG A 6 -2.94 4.04 4.25
N CYS A 7 -2.45 5.13 3.66
CA CYS A 7 -2.68 6.45 4.24
C CYS A 7 -4.09 6.92 3.93
N ASP A 8 -4.52 7.99 4.61
CA ASP A 8 -5.87 8.51 4.42
C ASP A 8 -6.07 9.00 2.99
N CYS A 9 -4.99 9.49 2.39
CA CYS A 9 -5.03 9.95 1.00
C CYS A 9 -5.13 8.76 0.06
N GLY A 10 -5.23 7.56 0.62
CA GLY A 10 -5.30 6.36 -0.17
C GLY A 10 -3.92 5.88 -0.56
N ARG A 11 -2.92 6.32 0.19
CA ARG A 11 -1.53 5.95 -0.07
C ARG A 11 -1.22 4.55 0.45
N ALA A 12 0.07 4.21 0.48
CA ALA A 12 0.52 2.90 0.97
C ALA A 12 1.98 2.95 1.35
N LEU A 13 2.31 2.40 2.52
CA LEU A 13 3.69 2.40 3.01
C LEU A 13 4.10 1.03 3.54
N TYR A 14 5.33 0.94 4.05
CA TYR A 14 5.85 -0.32 4.57
C TYR A 14 6.62 -0.10 5.88
N SER A 15 6.46 -1.03 6.81
CA SER A 15 7.14 -0.96 8.11
C SER A 15 7.27 -2.35 8.72
N ARG A 16 7.75 -2.41 9.95
CA ARG A 16 7.90 -3.69 10.65
C ARG A 16 6.55 -4.20 11.14
N GLU A 17 6.44 -5.53 11.27
CA GLU A 17 5.22 -6.16 11.74
C GLU A 17 4.83 -5.65 13.13
N GLY A 18 3.77 -4.86 13.19
CA GLY A 18 3.31 -4.34 14.48
C GLY A 18 2.80 -2.91 14.39
N ALA A 19 3.00 -2.28 13.24
CA ALA A 19 2.56 -0.91 13.05
C ALA A 19 1.04 -0.84 12.86
N LYS A 20 0.36 -0.29 13.86
CA LYS A 20 -1.09 -0.16 13.82
C LYS A 20 -1.49 1.15 13.17
N THR A 21 -0.78 2.22 13.52
CA THR A 21 -1.04 3.54 12.96
C THR A 21 0.25 4.32 12.77
N ARG A 22 0.64 4.53 11.52
CA ARG A 22 1.86 5.26 11.21
C ARG A 22 1.57 6.75 11.07
N LYS A 23 2.60 7.52 10.70
CA LYS A 23 2.45 8.96 10.53
C LYS A 23 3.41 9.48 9.47
N CYS A 24 2.96 10.51 8.76
CA CYS A 24 3.79 11.12 7.72
C CYS A 24 4.46 12.37 8.26
N VAL A 25 5.78 12.44 8.10
CA VAL A 25 6.55 13.57 8.59
C VAL A 25 6.20 14.83 7.82
N CYS A 26 5.69 14.65 6.61
CA CYS A 26 5.28 15.78 5.78
C CYS A 26 4.03 16.44 6.35
N GLY A 27 3.24 15.66 7.07
CA GLY A 27 2.01 16.19 7.66
C GLY A 27 0.80 15.36 7.32
N ARG A 28 0.71 14.16 7.89
CA ARG A 28 -0.40 13.25 7.64
C ARG A 28 -0.33 12.04 8.57
N THR A 29 -1.26 11.10 8.37
CA THR A 29 -1.30 9.89 9.18
C THR A 29 -1.67 8.69 8.32
N VAL A 30 -0.90 7.61 8.44
CA VAL A 30 -1.15 6.41 7.66
C VAL A 30 -1.81 5.32 8.51
N ASN A 31 -3.06 5.04 8.21
CA ASN A 31 -3.82 4.04 8.96
C ASN A 31 -3.75 2.68 8.28
N VAL A 32 -3.16 1.70 8.97
CA VAL A 32 -3.07 0.35 8.42
C VAL A 32 -4.46 -0.27 8.27
N LYS A 33 -4.50 -1.56 7.94
CA LYS A 33 -5.77 -2.26 7.76
C LYS A 33 -6.62 -2.16 9.02
N ASP A 34 -7.80 -2.78 8.98
CA ASP A 34 -8.71 -2.76 10.12
C ASP A 34 -8.41 -3.94 11.04
N ARG A 35 -8.22 -5.11 10.45
CA ARG A 35 -7.90 -6.30 11.22
C ARG A 35 -6.39 -6.38 11.46
N ARG A 36 -5.72 -7.30 10.77
CA ARG A 36 -4.27 -7.45 10.90
C ARG A 36 -3.52 -6.35 10.16
N ILE A 37 -3.09 -6.65 8.94
CA ILE A 37 -2.33 -5.70 8.13
C ILE A 37 -2.49 -6.01 6.64
N PHE A 38 -2.34 -5.00 5.80
CA PHE A 38 -2.44 -5.16 4.36
C PHE A 38 -1.06 -5.44 3.78
N GLY A 39 -1.03 -6.20 2.68
CA GLY A 39 0.23 -6.53 2.04
C GLY A 39 1.30 -6.99 3.01
N ARG A 40 1.37 -8.30 3.24
CA ARG A 40 2.36 -8.85 4.15
C ARG A 40 3.61 -9.24 3.37
N ALA A 41 4.55 -8.31 3.27
CA ALA A 41 5.79 -8.53 2.54
C ALA A 41 6.91 -8.96 3.47
N ASP A 42 7.45 -10.15 3.23
CA ASP A 42 8.55 -10.67 4.04
C ASP A 42 9.87 -10.09 3.55
N ASP A 43 10.02 -9.98 2.24
CA ASP A 43 11.22 -9.43 1.64
C ASP A 43 11.14 -7.92 1.48
N PHE A 44 12.19 -7.22 1.89
CA PHE A 44 12.23 -5.77 1.77
C PHE A 44 11.99 -5.33 0.32
N GLU A 45 12.54 -6.11 -0.61
CA GLU A 45 12.37 -5.83 -2.03
C GLU A 45 10.91 -5.99 -2.44
N GLU A 46 10.29 -7.05 -1.94
CA GLU A 46 8.89 -7.33 -2.23
C GLU A 46 7.99 -6.28 -1.60
N ALA A 47 8.49 -5.67 -0.53
CA ALA A 47 7.75 -4.62 0.18
C ALA A 47 7.44 -3.46 -0.76
N SER A 48 8.47 -2.96 -1.44
CA SER A 48 8.31 -1.86 -2.37
C SER A 48 7.32 -2.21 -3.49
N GLU A 49 7.37 -3.46 -3.92
CA GLU A 49 6.48 -3.93 -4.99
C GLU A 49 5.03 -4.00 -4.51
N LEU A 50 4.84 -4.43 -3.27
CA LEU A 50 3.51 -4.54 -2.69
C LEU A 50 2.90 -3.16 -2.49
N VAL A 51 3.72 -2.21 -2.03
CA VAL A 51 3.28 -0.85 -1.80
C VAL A 51 2.88 -0.16 -3.10
N ARG A 52 3.69 -0.37 -4.14
CA ARG A 52 3.42 0.24 -5.44
C ARG A 52 2.08 -0.24 -5.98
N LYS A 53 1.83 -1.53 -5.85
CA LYS A 53 0.56 -2.10 -6.29
C LYS A 53 -0.56 -1.60 -5.37
N LEU A 54 -0.21 -1.43 -4.10
CA LEU A 54 -1.16 -0.94 -3.10
C LEU A 54 -1.52 0.52 -3.37
N GLN A 55 -0.75 1.17 -4.22
CA GLN A 55 -0.97 2.58 -4.54
C GLN A 55 -2.28 2.76 -5.31
N GLU A 56 -2.47 3.96 -5.85
CA GLU A 56 -3.69 4.27 -6.60
C GLU A 56 -3.63 3.66 -8.00
N GLU A 57 -3.77 2.33 -8.07
CA GLU A 57 -3.73 1.62 -9.34
C GLU A 57 -5.05 1.78 -10.09
N LYS A 58 -4.95 1.93 -11.41
CA LYS A 58 -6.12 2.09 -12.26
C LYS A 58 -6.80 0.74 -12.52
N TYR A 59 -8.06 0.78 -12.88
CA TYR A 59 -8.82 -0.43 -13.16
C TYR A 59 -8.69 -0.84 -14.63
N GLY A 60 -7.49 -1.25 -15.02
CA GLY A 60 -7.25 -1.64 -16.40
C GLY A 60 -6.08 -2.59 -16.54
N SER A 61 -5.32 -2.76 -15.46
CA SER A 61 -4.16 -3.64 -15.47
C SER A 61 -4.56 -5.06 -15.10
N CYS A 62 -5.21 -5.22 -13.94
CA CYS A 62 -5.66 -6.53 -13.48
C CYS A 62 -7.00 -6.89 -14.09
N HIS A 63 -7.56 -8.01 -13.62
CA HIS A 63 -8.86 -8.47 -14.13
C HIS A 63 -10.00 -7.69 -13.48
N PHE A 64 -11.22 -8.23 -13.58
CA PHE A 64 -12.40 -7.58 -13.02
C PHE A 64 -12.25 -7.40 -11.51
N THR A 65 -12.19 -6.14 -11.07
CA THR A 65 -12.06 -5.83 -9.66
C THR A 65 -13.41 -5.52 -9.04
N ASN A 66 -13.40 -4.84 -7.90
CA ASN A 66 -14.63 -4.48 -7.20
C ASN A 66 -15.47 -3.53 -8.04
N PRO A 67 -16.76 -3.31 -7.68
CA PRO A 67 -17.39 -3.89 -6.48
C PRO A 67 -17.82 -5.33 -6.67
N SER A 68 -17.16 -6.03 -7.59
CA SER A 68 -17.48 -7.43 -7.87
C SER A 68 -16.82 -8.34 -6.84
N LYS A 69 -15.49 -8.38 -6.86
CA LYS A 69 -14.74 -9.21 -5.93
C LYS A 69 -14.44 -8.46 -4.64
N ARG A 70 -14.75 -9.08 -3.51
CA ARG A 70 -14.51 -8.48 -2.21
C ARG A 70 -13.06 -8.68 -1.77
N GLU A 71 -12.21 -7.72 -2.13
CA GLU A 71 -10.79 -7.80 -1.79
C GLU A 71 -10.52 -7.12 -0.44
N MET A 1 9.50 -9.66 9.76
CA MET A 1 9.08 -9.37 8.37
C MET A 1 8.54 -7.95 8.23
N TYR A 2 8.09 -7.59 7.03
CA TYR A 2 7.56 -6.27 6.77
C TYR A 2 6.04 -6.30 6.57
N ILE A 3 5.41 -5.15 6.78
CA ILE A 3 3.97 -5.01 6.62
C ILE A 3 3.64 -3.85 5.71
N ILE A 4 2.43 -3.83 5.15
CA ILE A 4 2.00 -2.74 4.29
C ILE A 4 0.68 -2.16 4.80
N PHE A 5 0.47 -0.86 4.58
CA PHE A 5 -0.73 -0.19 5.05
C PHE A 5 -1.18 0.88 4.06
N ARG A 6 -2.05 1.78 4.50
CA ARG A 6 -2.55 2.84 3.63
C ARG A 6 -2.73 4.15 4.38
N CYS A 7 -2.23 5.23 3.78
CA CYS A 7 -2.37 6.56 4.37
C CYS A 7 -3.77 7.10 4.11
N ASP A 8 -4.15 8.14 4.85
CA ASP A 8 -5.48 8.72 4.71
C ASP A 8 -5.67 9.31 3.32
N CYS A 9 -4.57 9.74 2.73
CA CYS A 9 -4.59 10.28 1.38
C CYS A 9 -4.79 9.16 0.36
N GLY A 10 -5.00 7.95 0.88
CA GLY A 10 -5.17 6.79 0.01
C GLY A 10 -3.83 6.21 -0.41
N ARG A 11 -2.78 6.62 0.30
CA ARG A 11 -1.43 6.15 0.00
C ARG A 11 -1.18 4.77 0.59
N ALA A 12 0.10 4.37 0.60
CA ALA A 12 0.50 3.08 1.16
C ALA A 12 1.99 3.10 1.52
N LEU A 13 2.35 2.38 2.59
CA LEU A 13 3.75 2.33 3.00
C LEU A 13 4.11 0.96 3.56
N TYR A 14 5.34 0.84 4.07
CA TYR A 14 5.84 -0.41 4.62
C TYR A 14 6.59 -0.17 5.93
N SER A 15 6.43 -1.09 6.89
CA SER A 15 7.11 -0.99 8.17
C SER A 15 7.26 -2.37 8.81
N ARG A 16 7.73 -2.41 10.05
CA ARG A 16 7.91 -3.67 10.76
C ARG A 16 6.57 -4.22 11.23
N GLU A 17 6.50 -5.54 11.32
CA GLU A 17 5.28 -6.21 11.76
C GLU A 17 4.87 -5.76 13.16
N GLY A 18 3.77 -5.00 13.23
CA GLY A 18 3.29 -4.53 14.51
C GLY A 18 2.78 -3.10 14.47
N ALA A 19 2.97 -2.44 13.33
CA ALA A 19 2.52 -1.06 13.17
C ALA A 19 1.01 -0.99 13.03
N LYS A 20 0.35 -0.42 14.04
CA LYS A 20 -1.10 -0.28 14.01
C LYS A 20 -1.49 1.05 13.37
N THR A 21 -0.78 2.11 13.73
CA THR A 21 -1.04 3.44 13.18
C THR A 21 0.27 4.20 12.99
N ARG A 22 0.66 4.39 11.73
CA ARG A 22 1.88 5.10 11.41
C ARG A 22 1.62 6.60 11.29
N LYS A 23 2.55 7.30 10.64
CA LYS A 23 2.40 8.75 10.47
C LYS A 23 3.09 9.21 9.19
N CYS A 24 2.51 10.23 8.56
CA CYS A 24 3.05 10.79 7.33
C CYS A 24 3.89 12.03 7.64
N VAL A 25 5.15 12.01 7.19
CA VAL A 25 6.06 13.11 7.44
C VAL A 25 5.65 14.35 6.65
N CYS A 26 4.87 14.15 5.59
CA CYS A 26 4.40 15.26 4.76
C CYS A 26 3.39 16.12 5.52
N GLY A 27 2.71 15.50 6.49
CA GLY A 27 1.74 16.22 7.29
C GLY A 27 0.41 15.49 7.38
N ARG A 28 0.45 14.22 7.77
CA ARG A 28 -0.75 13.40 7.91
C ARG A 28 -0.48 12.18 8.77
N THR A 29 -1.37 11.19 8.69
CA THR A 29 -1.24 9.96 9.47
C THR A 29 -1.61 8.75 8.61
N VAL A 30 -0.82 7.69 8.71
CA VAL A 30 -1.05 6.48 7.93
C VAL A 30 -1.71 5.39 8.77
N ASN A 31 -2.97 5.10 8.45
CA ASN A 31 -3.73 4.08 9.16
C ASN A 31 -3.64 2.73 8.44
N VAL A 32 -3.10 1.73 9.12
CA VAL A 32 -3.00 0.39 8.55
C VAL A 32 -4.40 -0.21 8.32
N LYS A 33 -4.44 -1.49 7.95
CA LYS A 33 -5.71 -2.15 7.70
C LYS A 33 -6.62 -2.10 8.91
N ASP A 34 -7.78 -2.75 8.81
CA ASP A 34 -8.75 -2.77 9.90
C ASP A 34 -8.49 -3.95 10.82
N ARG A 35 -8.24 -5.11 10.21
CA ARG A 35 -7.94 -6.31 10.98
C ARG A 35 -6.45 -6.37 11.31
N ARG A 36 -5.73 -7.29 10.68
CA ARG A 36 -4.29 -7.43 10.90
C ARG A 36 -3.52 -6.33 10.16
N ILE A 37 -3.06 -6.65 8.96
CA ILE A 37 -2.29 -5.71 8.16
C ILE A 37 -2.43 -6.05 6.68
N PHE A 38 -2.29 -5.03 5.83
CA PHE A 38 -2.37 -5.23 4.39
C PHE A 38 -0.99 -5.50 3.81
N GLY A 39 -0.94 -6.30 2.76
CA GLY A 39 0.33 -6.62 2.12
C GLY A 39 1.39 -7.05 3.12
N ARG A 40 1.46 -8.35 3.39
CA ARG A 40 2.47 -8.88 4.30
C ARG A 40 3.71 -9.28 3.52
N ALA A 41 4.65 -8.35 3.40
CA ALA A 41 5.86 -8.59 2.64
C ALA A 41 7.00 -9.05 3.53
N ASP A 42 7.48 -10.26 3.30
CA ASP A 42 8.60 -10.80 4.06
C ASP A 42 9.92 -10.30 3.49
N ASP A 43 9.97 -10.17 2.17
CA ASP A 43 11.16 -9.69 1.48
C ASP A 43 11.14 -8.17 1.37
N PHE A 44 12.26 -7.54 1.73
CA PHE A 44 12.37 -6.09 1.65
C PHE A 44 12.08 -5.60 0.23
N GLU A 45 12.55 -6.36 -0.75
CA GLU A 45 12.32 -6.02 -2.16
C GLU A 45 10.85 -6.12 -2.50
N GLU A 46 10.19 -7.15 -1.95
CA GLU A 46 8.77 -7.37 -2.20
C GLU A 46 7.96 -6.26 -1.53
N ALA A 47 8.51 -5.67 -0.49
CA ALA A 47 7.85 -4.59 0.23
C ALA A 47 7.55 -3.41 -0.71
N SER A 48 8.58 -2.98 -1.44
CA SER A 48 8.45 -1.87 -2.36
C SER A 48 7.41 -2.15 -3.44
N GLU A 49 7.44 -3.35 -4.01
CA GLU A 49 6.52 -3.72 -5.07
C GLU A 49 5.08 -3.82 -4.56
N LEU A 50 4.93 -4.26 -3.32
CA LEU A 50 3.61 -4.40 -2.71
C LEU A 50 2.97 -3.03 -2.49
N VAL A 51 3.77 -2.10 -1.96
CA VAL A 51 3.29 -0.75 -1.70
C VAL A 51 2.93 -0.04 -2.99
N ARG A 52 3.75 -0.23 -4.02
CA ARG A 52 3.50 0.40 -5.32
C ARG A 52 2.18 -0.09 -5.90
N LYS A 53 1.93 -1.38 -5.76
CA LYS A 53 0.67 -1.97 -6.22
C LYS A 53 -0.47 -1.47 -5.35
N LEU A 54 -0.17 -1.24 -4.08
CA LEU A 54 -1.14 -0.73 -3.13
C LEU A 54 -1.53 0.71 -3.45
N GLN A 55 -0.75 1.34 -4.32
CA GLN A 55 -1.00 2.73 -4.69
C GLN A 55 -2.31 2.86 -5.47
N GLU A 56 -2.47 4.00 -6.15
CA GLU A 56 -3.68 4.25 -6.93
C GLU A 56 -3.66 3.46 -8.23
N GLU A 57 -4.12 2.21 -8.17
CA GLU A 57 -4.16 1.35 -9.35
C GLU A 57 -5.34 1.72 -10.26
N LYS A 58 -5.26 1.30 -11.52
CA LYS A 58 -6.30 1.60 -12.48
C LYS A 58 -7.49 0.64 -12.33
N TYR A 59 -7.56 0.00 -11.17
CA TYR A 59 -8.65 -0.94 -10.89
C TYR A 59 -9.81 -0.23 -10.22
N GLY A 60 -10.80 0.17 -11.02
CA GLY A 60 -11.96 0.86 -10.49
C GLY A 60 -12.69 1.66 -11.55
N SER A 61 -12.39 1.39 -12.81
CA SER A 61 -13.02 2.10 -13.92
C SER A 61 -14.31 1.40 -14.35
N CYS A 62 -14.23 0.09 -14.57
CA CYS A 62 -15.38 -0.69 -14.96
C CYS A 62 -15.15 -2.18 -14.71
N HIS A 63 -13.92 -2.54 -14.39
CA HIS A 63 -13.55 -3.93 -14.12
C HIS A 63 -13.73 -4.80 -15.35
N PHE A 64 -13.00 -5.91 -15.39
CA PHE A 64 -13.07 -6.83 -16.52
C PHE A 64 -14.25 -7.79 -16.36
N THR A 65 -15.35 -7.47 -17.03
CA THR A 65 -16.55 -8.31 -16.98
C THR A 65 -16.61 -9.26 -18.17
N ASN A 66 -17.67 -10.05 -18.23
CA ASN A 66 -17.85 -11.01 -19.32
C ASN A 66 -18.55 -10.36 -20.50
N PRO A 67 -18.19 -10.76 -21.74
CA PRO A 67 -18.79 -10.20 -22.96
C PRO A 67 -20.26 -10.59 -23.09
N SER A 68 -20.58 -11.82 -22.73
CA SER A 68 -21.95 -12.31 -22.80
C SER A 68 -22.75 -11.89 -21.58
N LYS A 69 -22.10 -11.15 -20.68
CA LYS A 69 -22.73 -10.68 -19.46
C LYS A 69 -23.42 -9.33 -19.69
N ARG A 70 -24.73 -9.37 -19.87
CA ARG A 70 -25.50 -8.15 -20.11
C ARG A 70 -25.84 -7.45 -18.79
N GLU A 71 -24.99 -6.49 -18.42
CA GLU A 71 -25.19 -5.75 -17.18
C GLU A 71 -26.03 -4.49 -17.42
N MET A 1 10.41 -9.27 9.40
CA MET A 1 9.39 -9.19 8.32
C MET A 1 8.93 -7.75 8.13
N TYR A 2 8.10 -7.53 7.11
CA TYR A 2 7.57 -6.21 6.81
C TYR A 2 6.07 -6.26 6.56
N ILE A 3 5.41 -5.12 6.77
CA ILE A 3 3.96 -5.03 6.58
C ILE A 3 3.62 -3.84 5.68
N ILE A 4 2.41 -3.85 5.12
CA ILE A 4 1.95 -2.75 4.28
C ILE A 4 0.62 -2.20 4.80
N PHE A 5 0.39 -0.92 4.58
CA PHE A 5 -0.82 -0.26 5.05
C PHE A 5 -1.28 0.81 4.08
N ARG A 6 -2.17 1.71 4.52
CA ARG A 6 -2.68 2.76 3.64
C ARG A 6 -2.90 4.07 4.40
N CYS A 7 -2.22 5.11 3.94
CA CYS A 7 -2.38 6.43 4.56
C CYS A 7 -3.68 7.07 4.10
N ASP A 8 -4.15 8.05 4.87
CA ASP A 8 -5.41 8.72 4.57
C ASP A 8 -5.37 9.40 3.22
N CYS A 9 -4.17 9.62 2.71
CA CYS A 9 -4.00 10.21 1.38
C CYS A 9 -4.37 9.18 0.31
N GLY A 10 -4.83 8.01 0.77
CA GLY A 10 -5.18 6.94 -0.14
C GLY A 10 -3.96 6.19 -0.61
N ARG A 11 -2.80 6.55 -0.07
CA ARG A 11 -1.54 5.92 -0.44
C ARG A 11 -1.29 4.65 0.37
N ALA A 12 -0.03 4.21 0.41
CA ALA A 12 0.37 3.03 1.15
C ALA A 12 1.84 3.09 1.54
N LEU A 13 2.22 2.35 2.57
CA LEU A 13 3.61 2.35 3.03
C LEU A 13 4.04 0.98 3.54
N TYR A 14 5.26 0.91 4.08
CA TYR A 14 5.82 -0.33 4.60
C TYR A 14 6.54 -0.09 5.92
N SER A 15 6.40 -1.03 6.86
CA SER A 15 7.06 -0.94 8.16
C SER A 15 7.26 -2.31 8.78
N ARG A 16 7.67 -2.34 10.05
CA ARG A 16 7.89 -3.59 10.75
C ARG A 16 6.56 -4.23 11.15
N GLU A 17 6.52 -5.56 11.10
CA GLU A 17 5.30 -6.29 11.46
C GLU A 17 4.83 -5.94 12.86
N GLY A 18 3.73 -5.19 12.95
CA GLY A 18 3.18 -4.82 14.24
C GLY A 18 2.73 -3.38 14.29
N ALA A 19 2.92 -2.65 13.20
CA ALA A 19 2.52 -1.25 13.13
C ALA A 19 1.00 -1.12 12.99
N LYS A 20 0.37 -0.53 14.00
CA LYS A 20 -1.08 -0.34 13.98
C LYS A 20 -1.44 0.98 13.33
N THR A 21 -0.72 2.03 13.69
CA THR A 21 -0.96 3.36 13.14
C THR A 21 0.35 4.11 12.92
N ARG A 22 0.71 4.32 11.65
CA ARG A 22 1.93 5.04 11.31
C ARG A 22 1.66 6.53 11.18
N LYS A 23 2.59 7.25 10.57
CA LYS A 23 2.44 8.70 10.39
C LYS A 23 3.17 9.17 9.14
N CYS A 24 2.63 10.20 8.50
CA CYS A 24 3.23 10.76 7.29
C CYS A 24 4.02 12.01 7.63
N VAL A 25 5.29 12.02 7.21
CA VAL A 25 6.17 13.17 7.48
C VAL A 25 5.72 14.38 6.67
N CYS A 26 4.96 14.14 5.61
CA CYS A 26 4.46 15.21 4.77
C CYS A 26 3.43 16.06 5.51
N GLY A 27 2.73 15.44 6.45
CA GLY A 27 1.73 16.15 7.22
C GLY A 27 0.41 15.41 7.30
N ARG A 28 0.44 14.20 7.87
CA ARG A 28 -0.76 13.38 8.01
C ARG A 28 -0.46 12.14 8.86
N THR A 29 -1.36 11.16 8.79
CA THR A 29 -1.20 9.92 9.56
C THR A 29 -1.58 8.72 8.71
N VAL A 30 -0.77 7.67 8.78
CA VAL A 30 -1.02 6.45 8.00
C VAL A 30 -1.72 5.40 8.85
N ASN A 31 -2.92 5.03 8.43
CA ASN A 31 -3.71 4.03 9.15
C ASN A 31 -3.70 2.67 8.44
N VAL A 32 -3.17 1.66 9.11
CA VAL A 32 -3.18 0.31 8.55
C VAL A 32 -4.61 -0.21 8.49
N LYS A 33 -4.80 -1.44 8.03
CA LYS A 33 -6.14 -2.02 7.92
C LYS A 33 -6.83 -2.03 9.28
N ASP A 34 -8.06 -2.55 9.32
CA ASP A 34 -8.82 -2.61 10.55
C ASP A 34 -8.52 -3.92 11.29
N ARG A 35 -8.26 -4.97 10.53
CA ARG A 35 -7.94 -6.27 11.11
C ARG A 35 -6.44 -6.37 11.42
N ARG A 36 -5.74 -7.25 10.72
CA ARG A 36 -4.31 -7.43 10.92
C ARG A 36 -3.51 -6.37 10.17
N ILE A 37 -3.04 -6.72 8.97
CA ILE A 37 -2.27 -5.80 8.15
C ILE A 37 -2.39 -6.18 6.68
N PHE A 38 -2.32 -5.19 5.79
CA PHE A 38 -2.39 -5.43 4.36
C PHE A 38 -0.99 -5.62 3.79
N GLY A 39 -0.89 -6.38 2.70
CA GLY A 39 0.39 -6.63 2.08
C GLY A 39 1.44 -7.08 3.07
N ARG A 40 1.51 -8.38 3.32
CA ARG A 40 2.49 -8.93 4.24
C ARG A 40 3.76 -9.32 3.50
N ALA A 41 4.68 -8.38 3.40
CA ALA A 41 5.92 -8.60 2.68
C ALA A 41 7.05 -9.02 3.61
N ASP A 42 7.60 -10.20 3.37
CA ASP A 42 8.71 -10.70 4.17
C ASP A 42 10.02 -10.12 3.67
N ASP A 43 10.15 -10.02 2.35
CA ASP A 43 11.35 -9.46 1.74
C ASP A 43 11.24 -7.95 1.59
N PHE A 44 12.30 -7.25 1.93
CA PHE A 44 12.33 -5.79 1.82
C PHE A 44 12.01 -5.36 0.39
N GLU A 45 12.48 -6.15 -0.57
CA GLU A 45 12.26 -5.86 -1.98
C GLU A 45 10.78 -6.01 -2.34
N GLU A 46 10.14 -7.04 -1.79
CA GLU A 46 8.74 -7.30 -2.05
C GLU A 46 7.85 -6.21 -1.46
N ALA A 47 8.33 -5.60 -0.37
CA ALA A 47 7.59 -4.54 0.30
C ALA A 47 7.33 -3.37 -0.63
N SER A 48 8.40 -2.87 -1.26
CA SER A 48 8.29 -1.74 -2.19
C SER A 48 7.35 -2.06 -3.34
N GLU A 49 7.37 -3.31 -3.79
CA GLU A 49 6.52 -3.73 -4.90
C GLU A 49 5.06 -3.79 -4.47
N LEU A 50 4.83 -4.22 -3.23
CA LEU A 50 3.48 -4.33 -2.70
C LEU A 50 2.86 -2.94 -2.52
N VAL A 51 3.64 -2.02 -1.99
CA VAL A 51 3.17 -0.65 -1.75
C VAL A 51 2.84 0.04 -3.06
N ARG A 52 3.67 -0.16 -4.08
CA ARG A 52 3.45 0.44 -5.38
C ARG A 52 2.15 -0.08 -5.99
N LYS A 53 1.92 -1.38 -5.86
CA LYS A 53 0.69 -1.98 -6.35
C LYS A 53 -0.49 -1.45 -5.53
N LEU A 54 -0.22 -1.20 -4.25
CA LEU A 54 -1.23 -0.64 -3.35
C LEU A 54 -1.55 0.79 -3.77
N GLN A 55 -0.55 1.48 -4.34
CA GLN A 55 -0.71 2.85 -4.77
C GLN A 55 -1.64 2.96 -5.98
N GLU A 56 -1.66 4.12 -6.61
CA GLU A 56 -2.50 4.36 -7.78
C GLU A 56 -1.90 3.71 -9.02
N GLU A 57 -2.42 2.54 -9.37
CA GLU A 57 -1.93 1.82 -10.55
C GLU A 57 -2.46 2.43 -11.83
N LYS A 58 -1.72 2.25 -12.92
CA LYS A 58 -2.11 2.78 -14.22
C LYS A 58 -3.16 1.91 -14.89
N TYR A 59 -4.03 1.31 -14.09
CA TYR A 59 -5.09 0.45 -14.62
C TYR A 59 -6.34 1.26 -14.93
N GLY A 60 -6.39 2.49 -14.42
CA GLY A 60 -7.55 3.34 -14.66
C GLY A 60 -7.20 4.56 -15.49
N SER A 61 -6.01 4.55 -16.10
CA SER A 61 -5.56 5.66 -16.92
C SER A 61 -6.03 5.48 -18.37
N CYS A 62 -7.32 5.70 -18.60
CA CYS A 62 -7.90 5.57 -19.93
C CYS A 62 -7.74 6.86 -20.72
N HIS A 63 -7.69 6.74 -22.05
CA HIS A 63 -7.55 7.90 -22.91
C HIS A 63 -8.27 7.69 -24.25
N PHE A 64 -9.57 7.43 -24.17
CA PHE A 64 -10.36 7.19 -25.38
C PHE A 64 -10.46 8.46 -26.22
N THR A 65 -11.48 9.28 -25.96
CA THR A 65 -11.68 10.52 -26.69
C THR A 65 -11.14 11.70 -25.89
N ASN A 66 -10.01 12.25 -26.33
CA ASN A 66 -9.41 13.40 -25.67
C ASN A 66 -10.18 14.68 -25.98
N PRO A 67 -10.49 15.47 -24.94
CA PRO A 67 -11.24 16.73 -25.11
C PRO A 67 -10.53 17.72 -26.01
N SER A 68 -9.21 17.82 -25.84
CA SER A 68 -8.40 18.76 -26.63
C SER A 68 -8.04 18.16 -27.98
N LYS A 69 -8.57 16.97 -28.27
CA LYS A 69 -8.30 16.30 -29.54
C LYS A 69 -9.31 16.72 -30.60
N ARG A 70 -8.82 17.44 -31.61
CA ARG A 70 -9.67 17.90 -32.70
C ARG A 70 -9.87 16.80 -33.74
N GLU A 71 -10.90 15.99 -33.55
CA GLU A 71 -11.20 14.90 -34.48
C GLU A 71 -12.14 15.37 -35.59
N MET A 1 10.21 -9.13 9.51
CA MET A 1 9.39 -9.07 8.28
C MET A 1 8.94 -7.64 7.98
N TYR A 2 8.08 -7.49 6.98
CA TYR A 2 7.57 -6.18 6.59
C TYR A 2 6.07 -6.22 6.38
N ILE A 3 5.42 -5.07 6.58
CA ILE A 3 3.98 -4.95 6.42
C ILE A 3 3.63 -3.78 5.51
N ILE A 4 2.41 -3.78 4.98
CA ILE A 4 1.95 -2.71 4.11
C ILE A 4 0.65 -2.12 4.66
N PHE A 5 0.43 -0.83 4.43
CA PHE A 5 -0.77 -0.15 4.95
C PHE A 5 -1.25 0.90 3.96
N ARG A 6 -2.12 1.80 4.42
CA ARG A 6 -2.67 2.83 3.55
C ARG A 6 -2.86 4.15 4.29
N CYS A 7 -2.23 5.21 3.78
CA CYS A 7 -2.38 6.54 4.36
C CYS A 7 -3.71 7.15 3.94
N ASP A 8 -4.14 8.19 4.65
CA ASP A 8 -5.43 8.83 4.39
C ASP A 8 -5.49 9.39 2.97
N CYS A 9 -4.33 9.64 2.38
CA CYS A 9 -4.27 10.12 1.00
C CYS A 9 -4.62 8.99 0.04
N GLY A 10 -5.01 7.84 0.61
CA GLY A 10 -5.33 6.69 -0.20
C GLY A 10 -4.10 5.98 -0.70
N ARG A 11 -2.95 6.40 -0.20
CA ARG A 11 -1.67 5.81 -0.61
C ARG A 11 -1.37 4.54 0.19
N ALA A 12 -0.11 4.11 0.15
CA ALA A 12 0.32 2.91 0.88
C ALA A 12 1.81 2.98 1.19
N LEU A 13 2.21 2.33 2.28
CA LEU A 13 3.63 2.32 2.68
C LEU A 13 4.04 0.96 3.24
N TYR A 14 5.27 0.90 3.75
CA TYR A 14 5.81 -0.35 4.31
C TYR A 14 6.57 -0.07 5.61
N SER A 15 6.43 -0.99 6.57
CA SER A 15 7.12 -0.87 7.86
C SER A 15 7.32 -2.23 8.50
N ARG A 16 7.76 -2.24 9.75
CA ARG A 16 7.98 -3.49 10.47
C ARG A 16 6.66 -4.10 10.92
N GLU A 17 6.61 -5.43 10.92
CA GLU A 17 5.40 -6.15 11.33
C GLU A 17 4.98 -5.75 12.75
N GLY A 18 3.90 -4.99 12.85
CA GLY A 18 3.41 -4.58 14.15
C GLY A 18 2.92 -3.15 14.18
N ALA A 19 3.11 -2.43 13.07
CA ALA A 19 2.67 -1.04 12.97
C ALA A 19 1.16 -0.94 12.83
N LYS A 20 0.50 -0.41 13.86
CA LYS A 20 -0.95 -0.26 13.83
C LYS A 20 -1.35 1.09 13.23
N THR A 21 -0.64 2.13 13.62
CA THR A 21 -0.92 3.46 13.13
C THR A 21 0.37 4.26 12.94
N ARG A 22 0.69 4.58 11.70
CA ARG A 22 1.88 5.34 11.38
C ARG A 22 1.59 6.84 11.42
N LYS A 23 2.57 7.65 11.03
CA LYS A 23 2.41 9.09 11.02
C LYS A 23 3.26 9.73 9.93
N CYS A 24 2.70 10.73 9.28
CA CYS A 24 3.41 11.44 8.23
C CYS A 24 4.03 12.71 8.76
N VAL A 25 5.34 12.78 8.72
CA VAL A 25 6.07 13.93 9.21
C VAL A 25 5.79 15.16 8.35
N CYS A 26 5.36 14.90 7.11
CA CYS A 26 5.01 15.98 6.19
C CYS A 26 3.72 16.68 6.65
N GLY A 27 2.92 15.96 7.42
CA GLY A 27 1.67 16.52 7.93
C GLY A 27 0.48 15.64 7.62
N ARG A 28 0.45 14.44 8.21
CA ARG A 28 -0.65 13.50 7.99
C ARG A 28 -0.51 12.28 8.90
N THR A 29 -1.36 11.28 8.67
CA THR A 29 -1.34 10.05 9.45
C THR A 29 -1.67 8.84 8.58
N VAL A 30 -0.85 7.80 8.69
CA VAL A 30 -1.07 6.58 7.90
C VAL A 30 -1.75 5.50 8.73
N ASN A 31 -2.97 5.17 8.35
CA ASN A 31 -3.75 4.15 9.05
C ASN A 31 -3.65 2.79 8.35
N VAL A 32 -3.07 1.81 9.04
CA VAL A 32 -2.96 0.47 8.49
C VAL A 32 -4.34 -0.17 8.32
N LYS A 33 -4.37 -1.45 7.98
CA LYS A 33 -5.63 -2.16 7.79
C LYS A 33 -6.50 -2.09 9.05
N ASP A 34 -7.68 -2.69 8.98
CA ASP A 34 -8.60 -2.70 10.12
C ASP A 34 -8.31 -3.91 11.01
N ARG A 35 -8.08 -5.05 10.37
CA ARG A 35 -7.77 -6.27 11.10
C ARG A 35 -6.26 -6.31 11.40
N ARG A 36 -5.55 -7.25 10.78
CA ARG A 36 -4.12 -7.37 10.96
C ARG A 36 -3.38 -6.27 10.20
N ILE A 37 -2.98 -6.59 8.97
CA ILE A 37 -2.25 -5.64 8.12
C ILE A 37 -2.44 -6.00 6.65
N PHE A 38 -2.32 -5.00 5.78
CA PHE A 38 -2.43 -5.22 4.35
C PHE A 38 -1.05 -5.48 3.76
N GLY A 39 -1.00 -6.29 2.71
CA GLY A 39 0.26 -6.62 2.08
C GLY A 39 1.32 -7.06 3.07
N ARG A 40 1.38 -8.36 3.35
CA ARG A 40 2.37 -8.90 4.28
C ARG A 40 3.61 -9.33 3.52
N ALA A 41 4.54 -8.39 3.34
CA ALA A 41 5.77 -8.66 2.61
C ALA A 41 6.88 -9.10 3.55
N ASP A 42 7.37 -10.32 3.35
CA ASP A 42 8.46 -10.85 4.16
C ASP A 42 9.81 -10.34 3.66
N ASP A 43 9.92 -10.21 2.34
CA ASP A 43 11.15 -9.71 1.73
C ASP A 43 11.13 -8.19 1.64
N PHE A 44 12.22 -7.56 2.05
CA PHE A 44 12.33 -6.11 2.00
C PHE A 44 12.05 -5.60 0.60
N GLU A 45 12.55 -6.32 -0.40
CA GLU A 45 12.36 -5.96 -1.80
C GLU A 45 10.89 -6.13 -2.19
N GLU A 46 10.25 -7.16 -1.63
CA GLU A 46 8.86 -7.44 -1.92
C GLU A 46 7.95 -6.36 -1.36
N ALA A 47 8.41 -5.70 -0.29
CA ALA A 47 7.63 -4.63 0.33
C ALA A 47 7.34 -3.51 -0.65
N SER A 48 8.40 -3.00 -1.28
CA SER A 48 8.27 -1.91 -2.24
C SER A 48 7.37 -2.30 -3.40
N GLU A 49 7.47 -3.56 -3.82
CA GLU A 49 6.67 -4.06 -4.93
C GLU A 49 5.20 -4.18 -4.54
N LEU A 50 4.95 -4.56 -3.29
CA LEU A 50 3.60 -4.73 -2.79
C LEU A 50 2.89 -3.37 -2.69
N VAL A 51 3.60 -2.37 -2.19
CA VAL A 51 3.05 -1.04 -2.05
C VAL A 51 2.69 -0.45 -3.40
N ARG A 52 3.50 -0.75 -4.41
CA ARG A 52 3.24 -0.26 -5.76
C ARG A 52 1.92 -0.80 -6.27
N LYS A 53 1.65 -2.06 -6.00
CA LYS A 53 0.39 -2.68 -6.37
C LYS A 53 -0.74 -2.06 -5.55
N LEU A 54 -0.42 -1.76 -4.29
CA LEU A 54 -1.39 -1.14 -3.39
C LEU A 54 -1.74 0.27 -3.84
N GLN A 55 -0.88 0.83 -4.71
CA GLN A 55 -1.09 2.18 -5.22
C GLN A 55 -2.33 2.25 -6.11
N GLU A 56 -2.45 3.34 -6.85
CA GLU A 56 -3.59 3.53 -7.75
C GLU A 56 -3.42 2.69 -9.01
N GLU A 57 -3.68 1.38 -8.88
CA GLU A 57 -3.57 0.47 -10.01
C GLU A 57 -4.77 0.59 -10.94
N LYS A 58 -4.64 0.04 -12.14
CA LYS A 58 -5.71 0.10 -13.13
C LYS A 58 -6.77 -0.96 -12.83
N TYR A 59 -7.65 -1.20 -13.79
CA TYR A 59 -8.71 -2.18 -13.63
C TYR A 59 -8.26 -3.56 -14.09
N GLY A 60 -7.18 -3.60 -14.87
CA GLY A 60 -6.66 -4.86 -15.35
C GLY A 60 -5.93 -4.71 -16.68
N SER A 61 -4.91 -3.86 -16.70
CA SER A 61 -4.12 -3.63 -17.90
C SER A 61 -2.96 -4.61 -17.99
N CYS A 62 -3.21 -5.79 -18.55
CA CYS A 62 -2.18 -6.81 -18.68
C CYS A 62 -1.61 -6.82 -20.10
N HIS A 63 -0.29 -7.00 -20.19
CA HIS A 63 0.38 -7.04 -21.49
C HIS A 63 0.64 -8.47 -21.93
N PHE A 64 0.14 -8.82 -23.11
CA PHE A 64 0.32 -10.17 -23.65
C PHE A 64 1.77 -10.39 -24.08
N THR A 65 2.62 -10.81 -23.15
CA THR A 65 4.03 -11.05 -23.44
C THR A 65 4.29 -12.52 -23.73
N ASN A 66 3.33 -13.16 -24.38
CA ASN A 66 3.46 -14.57 -24.74
C ASN A 66 4.59 -14.77 -25.76
N PRO A 67 5.29 -15.90 -25.67
CA PRO A 67 6.40 -16.21 -26.60
C PRO A 67 5.99 -16.13 -28.06
N SER A 68 4.81 -16.68 -28.35
CA SER A 68 4.29 -16.68 -29.71
C SER A 68 3.60 -15.36 -30.05
N LYS A 69 3.22 -14.62 -29.02
CA LYS A 69 2.55 -13.33 -29.21
C LYS A 69 3.56 -12.20 -29.30
N ARG A 70 3.52 -11.46 -30.40
CA ARG A 70 4.43 -10.34 -30.62
C ARG A 70 3.91 -9.09 -29.93
N GLU A 71 4.80 -8.12 -29.71
CA GLU A 71 4.43 -6.87 -29.07
C GLU A 71 4.01 -5.83 -30.09
N MET A 1 10.73 -9.71 8.57
CA MET A 1 9.68 -9.46 7.55
C MET A 1 9.18 -8.02 7.61
N TYR A 2 8.27 -7.68 6.70
CA TYR A 2 7.71 -6.34 6.64
C TYR A 2 6.20 -6.38 6.46
N ILE A 3 5.56 -5.26 6.75
CA ILE A 3 4.11 -5.13 6.64
C ILE A 3 3.74 -3.90 5.81
N ILE A 4 2.53 -3.90 5.25
CA ILE A 4 2.08 -2.78 4.44
C ILE A 4 0.75 -2.22 4.96
N PHE A 5 0.60 -0.90 4.89
CA PHE A 5 -0.60 -0.23 5.37
C PHE A 5 -1.13 0.75 4.33
N ARG A 6 -1.99 1.67 4.74
CA ARG A 6 -2.57 2.62 3.79
C ARG A 6 -2.65 4.04 4.37
N CYS A 7 -2.17 5.02 3.60
CA CYS A 7 -2.23 6.40 4.03
C CYS A 7 -3.63 6.96 3.83
N ASP A 8 -3.93 8.09 4.47
CA ASP A 8 -5.26 8.68 4.38
C ASP A 8 -5.57 9.09 2.95
N CYS A 9 -4.53 9.43 2.20
CA CYS A 9 -4.69 9.79 0.80
C CYS A 9 -4.99 8.55 -0.04
N GLY A 10 -5.16 7.42 0.64
CA GLY A 10 -5.40 6.17 -0.03
C GLY A 10 -4.10 5.52 -0.48
N ARG A 11 -2.99 6.04 0.04
CA ARG A 11 -1.67 5.54 -0.31
C ARG A 11 -1.33 4.27 0.47
N ALA A 12 -0.05 3.94 0.52
CA ALA A 12 0.42 2.76 1.24
C ALA A 12 1.90 2.91 1.62
N LEU A 13 2.32 2.19 2.66
CA LEU A 13 3.72 2.24 3.10
C LEU A 13 4.18 0.87 3.62
N TYR A 14 5.41 0.82 4.10
CA TYR A 14 5.97 -0.43 4.62
C TYR A 14 6.77 -0.20 5.89
N SER A 15 6.62 -1.10 6.86
CA SER A 15 7.33 -1.02 8.13
C SER A 15 7.44 -2.41 8.77
N ARG A 16 7.94 -2.46 9.99
CA ARG A 16 8.06 -3.72 10.71
C ARG A 16 6.71 -4.20 11.21
N GLU A 17 6.54 -5.51 11.30
CA GLU A 17 5.30 -6.11 11.78
C GLU A 17 4.91 -5.58 13.15
N GLY A 18 3.85 -4.77 13.20
CA GLY A 18 3.39 -4.22 14.46
C GLY A 18 2.81 -2.83 14.33
N ALA A 19 3.00 -2.23 13.17
CA ALA A 19 2.50 -0.88 12.91
C ALA A 19 0.99 -0.87 12.72
N LYS A 20 0.28 -0.35 13.71
CA LYS A 20 -1.18 -0.25 13.65
C LYS A 20 -1.59 1.07 13.01
N THR A 21 -0.86 2.13 13.35
CA THR A 21 -1.11 3.45 12.77
C THR A 21 0.19 4.22 12.62
N ARG A 22 0.54 4.55 11.39
CA ARG A 22 1.77 5.29 11.11
C ARG A 22 1.50 6.79 11.13
N LYS A 23 2.53 7.58 10.83
CA LYS A 23 2.40 9.03 10.81
C LYS A 23 3.36 9.65 9.82
N CYS A 24 2.88 10.63 9.07
CA CYS A 24 3.70 11.32 8.07
C CYS A 24 4.24 12.62 8.64
N VAL A 25 5.57 12.75 8.66
CA VAL A 25 6.22 13.94 9.19
C VAL A 25 5.94 15.14 8.31
N CYS A 26 5.59 14.89 7.06
CA CYS A 26 5.27 15.96 6.12
C CYS A 26 3.97 16.66 6.50
N GLY A 27 3.15 15.97 7.29
CA GLY A 27 1.89 16.54 7.72
C GLY A 27 0.69 15.67 7.37
N ARG A 28 0.66 14.47 7.93
CA ARG A 28 -0.43 13.54 7.66
C ARG A 28 -0.32 12.31 8.57
N THR A 29 -1.23 11.35 8.37
CA THR A 29 -1.22 10.12 9.15
C THR A 29 -1.60 8.92 8.28
N VAL A 30 -0.81 7.85 8.39
CA VAL A 30 -1.06 6.64 7.61
C VAL A 30 -1.81 5.60 8.43
N ASN A 31 -3.07 5.36 8.07
CA ASN A 31 -3.90 4.40 8.78
C ASN A 31 -3.83 3.01 8.15
N VAL A 32 -3.28 2.05 8.90
CA VAL A 32 -3.20 0.68 8.43
C VAL A 32 -4.61 0.12 8.20
N LYS A 33 -4.70 -1.06 7.59
CA LYS A 33 -5.99 -1.69 7.30
C LYS A 33 -6.85 -1.82 8.56
N ASP A 34 -7.99 -2.50 8.42
CA ASP A 34 -8.91 -2.68 9.54
C ASP A 34 -8.58 -3.94 10.33
N ARG A 35 -8.11 -4.97 9.63
CA ARG A 35 -7.74 -6.22 10.27
C ARG A 35 -6.31 -6.13 10.84
N ARG A 36 -5.49 -7.13 10.55
CA ARG A 36 -4.11 -7.14 11.02
C ARG A 36 -3.27 -6.14 10.24
N ILE A 37 -2.87 -6.53 9.04
CA ILE A 37 -2.05 -5.68 8.18
C ILE A 37 -2.24 -6.03 6.72
N PHE A 38 -2.07 -5.05 5.84
CA PHE A 38 -2.19 -5.27 4.41
C PHE A 38 -0.81 -5.59 3.82
N GLY A 39 -0.80 -6.37 2.74
CA GLY A 39 0.44 -6.73 2.09
C GLY A 39 1.51 -7.18 3.06
N ARG A 40 1.58 -8.48 3.31
CA ARG A 40 2.59 -9.03 4.22
C ARG A 40 3.85 -9.38 3.44
N ALA A 41 4.72 -8.40 3.28
CA ALA A 41 5.95 -8.58 2.52
C ALA A 41 7.11 -8.95 3.43
N ASP A 42 7.56 -10.20 3.34
CA ASP A 42 8.69 -10.66 4.13
C ASP A 42 9.99 -10.24 3.47
N ASP A 43 9.97 -10.16 2.14
CA ASP A 43 11.14 -9.73 1.38
C ASP A 43 11.17 -8.21 1.25
N PHE A 44 12.31 -7.62 1.59
CA PHE A 44 12.47 -6.17 1.50
C PHE A 44 12.14 -5.66 0.10
N GLU A 45 12.52 -6.43 -0.91
CA GLU A 45 12.25 -6.07 -2.29
C GLU A 45 10.77 -6.13 -2.60
N GLU A 46 10.11 -7.17 -2.10
CA GLU A 46 8.68 -7.36 -2.32
C GLU A 46 7.87 -6.28 -1.61
N ALA A 47 8.46 -5.69 -0.58
CA ALA A 47 7.81 -4.63 0.18
C ALA A 47 7.45 -3.46 -0.71
N SER A 48 8.44 -2.93 -1.42
CA SER A 48 8.24 -1.79 -2.31
C SER A 48 7.23 -2.12 -3.39
N GLU A 49 7.29 -3.34 -3.93
CA GLU A 49 6.38 -3.76 -4.99
C GLU A 49 4.96 -3.89 -4.48
N LEU A 50 4.81 -4.35 -3.23
CA LEU A 50 3.50 -4.53 -2.63
C LEU A 50 2.82 -3.19 -2.38
N VAL A 51 3.59 -2.21 -1.92
CA VAL A 51 3.07 -0.88 -1.65
C VAL A 51 2.58 -0.20 -2.93
N ARG A 52 3.37 -0.33 -3.99
CA ARG A 52 3.01 0.28 -5.28
C ARG A 52 1.72 -0.34 -5.81
N LYS A 53 1.57 -1.64 -5.63
CA LYS A 53 0.36 -2.33 -6.03
C LYS A 53 -0.81 -1.88 -5.16
N LEU A 54 -0.49 -1.60 -3.90
CA LEU A 54 -1.49 -1.11 -2.95
C LEU A 54 -1.96 0.27 -3.33
N GLN A 55 -1.17 0.97 -4.15
CA GLN A 55 -1.50 2.32 -4.58
C GLN A 55 -2.72 2.31 -5.50
N GLU A 56 -2.87 3.37 -6.29
CA GLU A 56 -3.99 3.49 -7.20
C GLU A 56 -3.81 2.57 -8.41
N GLU A 57 -4.27 1.34 -8.27
CA GLU A 57 -4.16 0.35 -9.35
C GLU A 57 -5.20 0.62 -10.44
N LYS A 58 -5.10 -0.14 -11.53
CA LYS A 58 -6.03 0.00 -12.64
C LYS A 58 -7.35 -0.69 -12.34
N TYR A 59 -8.42 -0.24 -13.00
CA TYR A 59 -9.74 -0.82 -12.81
C TYR A 59 -9.98 -1.95 -13.78
N GLY A 60 -11.09 -2.67 -13.58
CA GLY A 60 -11.41 -3.79 -14.44
C GLY A 60 -12.73 -4.44 -14.07
N SER A 61 -13.39 -3.91 -13.04
CA SER A 61 -14.66 -4.45 -12.59
C SER A 61 -15.82 -3.81 -13.33
N CYS A 62 -16.57 -4.62 -14.07
CA CYS A 62 -17.72 -4.12 -14.83
C CYS A 62 -18.94 -4.98 -14.57
N HIS A 63 -18.71 -6.26 -14.30
CA HIS A 63 -19.80 -7.20 -14.03
C HIS A 63 -19.34 -8.31 -13.10
N PHE A 64 -18.03 -8.36 -12.85
CA PHE A 64 -17.47 -9.38 -11.97
C PHE A 64 -17.78 -9.06 -10.51
N THR A 65 -17.38 -7.88 -10.07
CA THR A 65 -17.60 -7.45 -8.69
C THR A 65 -18.86 -6.59 -8.58
N ASN A 66 -20.00 -7.23 -8.40
CA ASN A 66 -21.27 -6.54 -8.27
C ASN A 66 -21.28 -5.63 -7.05
N PRO A 67 -22.05 -4.53 -7.09
CA PRO A 67 -22.15 -3.59 -5.96
C PRO A 67 -22.63 -4.26 -4.69
N SER A 68 -23.61 -5.15 -4.82
CA SER A 68 -24.15 -5.87 -3.68
C SER A 68 -23.28 -7.06 -3.32
N LYS A 69 -22.37 -7.42 -4.22
CA LYS A 69 -21.48 -8.55 -4.00
C LYS A 69 -20.20 -8.11 -3.27
N ARG A 70 -19.49 -9.08 -2.70
CA ARG A 70 -18.27 -8.79 -1.97
C ARG A 70 -17.08 -8.67 -2.92
N GLU A 71 -15.88 -8.53 -2.36
CA GLU A 71 -14.67 -8.40 -3.16
C GLU A 71 -14.06 -9.76 -3.44
N MET A 1 10.34 -9.28 9.20
CA MET A 1 9.30 -9.20 8.14
C MET A 1 8.71 -7.81 8.04
N TYR A 2 8.24 -7.45 6.85
CA TYR A 2 7.66 -6.13 6.61
C TYR A 2 6.15 -6.21 6.44
N ILE A 3 5.48 -5.08 6.66
CA ILE A 3 4.04 -5.00 6.52
C ILE A 3 3.67 -3.81 5.65
N ILE A 4 2.47 -3.84 5.06
CA ILE A 4 2.02 -2.75 4.21
C ILE A 4 0.71 -2.16 4.77
N PHE A 5 0.52 -0.86 4.55
CA PHE A 5 -0.67 -0.18 5.05
C PHE A 5 -1.15 0.86 4.05
N ARG A 6 -2.06 1.73 4.47
CA ARG A 6 -2.61 2.75 3.57
C ARG A 6 -2.79 4.09 4.29
N CYS A 7 -2.28 5.15 3.67
CA CYS A 7 -2.41 6.48 4.24
C CYS A 7 -3.82 7.02 3.97
N ASP A 8 -4.19 8.09 4.69
CA ASP A 8 -5.52 8.66 4.55
C ASP A 8 -5.72 9.19 3.14
N CYS A 9 -4.63 9.62 2.51
CA CYS A 9 -4.68 10.11 1.13
C CYS A 9 -4.87 8.93 0.17
N GLY A 10 -5.05 7.74 0.73
CA GLY A 10 -5.19 6.54 -0.07
C GLY A 10 -3.85 6.00 -0.49
N ARG A 11 -2.81 6.44 0.20
CA ARG A 11 -1.44 6.01 -0.10
C ARG A 11 -1.15 4.64 0.51
N ALA A 12 0.13 4.28 0.53
CA ALA A 12 0.57 3.01 1.10
C ALA A 12 2.04 3.05 1.47
N LEU A 13 2.41 2.35 2.54
CA LEU A 13 3.80 2.31 2.98
C LEU A 13 4.18 0.95 3.54
N TYR A 14 5.41 0.84 4.04
CA TYR A 14 5.91 -0.43 4.59
C TYR A 14 6.67 -0.19 5.91
N SER A 15 6.49 -1.11 6.85
CA SER A 15 7.16 -1.03 8.15
C SER A 15 7.28 -2.41 8.78
N ARG A 16 7.72 -2.46 10.04
CA ARG A 16 7.87 -3.74 10.73
C ARG A 16 6.52 -4.28 11.17
N GLU A 17 6.40 -5.60 11.20
CA GLU A 17 5.15 -6.24 11.61
C GLU A 17 4.76 -5.82 13.01
N GLY A 18 3.70 -5.00 13.11
CA GLY A 18 3.23 -4.55 14.40
C GLY A 18 2.75 -3.11 14.39
N ALA A 19 2.94 -2.44 13.25
CA ALA A 19 2.52 -1.05 13.11
C ALA A 19 1.01 -0.93 13.00
N LYS A 20 0.39 -0.30 13.99
CA LYS A 20 -1.07 -0.13 14.00
C LYS A 20 -1.45 1.17 13.29
N THR A 21 -0.79 2.26 13.67
CA THR A 21 -1.05 3.56 13.07
C THR A 21 0.22 4.38 13.00
N ARG A 22 0.75 4.55 11.79
CA ARG A 22 1.95 5.34 11.58
C ARG A 22 1.60 6.80 11.31
N LYS A 23 2.58 7.62 10.99
CA LYS A 23 2.34 9.03 10.74
C LYS A 23 3.27 9.55 9.65
N CYS A 24 2.73 10.40 8.78
CA CYS A 24 3.49 10.99 7.71
C CYS A 24 4.00 12.37 8.12
N VAL A 25 5.31 12.52 8.12
CA VAL A 25 5.93 13.78 8.52
C VAL A 25 5.60 14.89 7.52
N CYS A 26 5.10 14.50 6.35
CA CYS A 26 4.70 15.46 5.33
C CYS A 26 3.49 16.26 5.81
N GLY A 27 2.76 15.70 6.78
CA GLY A 27 1.59 16.38 7.31
C GLY A 27 0.33 15.53 7.22
N ARG A 28 0.40 14.32 7.78
CA ARG A 28 -0.73 13.39 7.76
C ARG A 28 -0.48 12.18 8.65
N THR A 29 -1.38 11.20 8.56
CA THR A 29 -1.26 9.97 9.35
C THR A 29 -1.68 8.77 8.51
N VAL A 30 -0.90 7.70 8.58
CA VAL A 30 -1.19 6.49 7.80
C VAL A 30 -1.86 5.42 8.66
N ASN A 31 -3.10 5.10 8.33
CA ASN A 31 -3.85 4.08 9.03
C ASN A 31 -3.71 2.72 8.36
N VAL A 32 -3.10 1.77 9.05
CA VAL A 32 -2.92 0.43 8.51
C VAL A 32 -4.27 -0.25 8.28
N LYS A 33 -4.23 -1.55 7.99
CA LYS A 33 -5.44 -2.32 7.73
C LYS A 33 -6.41 -2.24 8.92
N ASP A 34 -7.54 -2.92 8.80
CA ASP A 34 -8.54 -2.92 9.85
C ASP A 34 -8.26 -4.05 10.84
N ARG A 35 -8.00 -5.24 10.30
CA ARG A 35 -7.69 -6.39 11.14
C ARG A 35 -6.20 -6.40 11.48
N ARG A 36 -5.46 -7.31 10.86
CA ARG A 36 -4.02 -7.40 11.09
C ARG A 36 -3.29 -6.30 10.32
N ILE A 37 -2.90 -6.61 9.08
CA ILE A 37 -2.18 -5.66 8.24
C ILE A 37 -2.38 -5.99 6.76
N PHE A 38 -2.24 -4.99 5.91
CA PHE A 38 -2.37 -5.20 4.47
C PHE A 38 -1.01 -5.51 3.86
N GLY A 39 -1.00 -6.31 2.81
CA GLY A 39 0.24 -6.67 2.15
C GLY A 39 1.32 -7.11 3.13
N ARG A 40 1.39 -8.40 3.40
CA ARG A 40 2.40 -8.94 4.32
C ARG A 40 3.64 -9.34 3.55
N ALA A 41 4.55 -8.38 3.38
CA ALA A 41 5.78 -8.61 2.64
C ALA A 41 6.93 -8.97 3.57
N ASP A 42 7.39 -10.22 3.47
CA ASP A 42 8.51 -10.68 4.28
C ASP A 42 9.83 -10.23 3.66
N ASP A 43 9.86 -10.20 2.33
CA ASP A 43 11.04 -9.76 1.60
C ASP A 43 11.03 -8.25 1.38
N PHE A 44 12.15 -7.60 1.69
CA PHE A 44 12.26 -6.16 1.50
C PHE A 44 11.96 -5.78 0.05
N GLU A 45 12.36 -6.65 -0.87
CA GLU A 45 12.11 -6.41 -2.30
C GLU A 45 10.62 -6.44 -2.61
N GLU A 46 9.93 -7.43 -2.05
CA GLU A 46 8.50 -7.56 -2.26
C GLU A 46 7.74 -6.42 -1.60
N ALA A 47 8.34 -5.84 -0.57
CA ALA A 47 7.73 -4.74 0.16
C ALA A 47 7.46 -3.55 -0.77
N SER A 48 8.50 -3.11 -1.47
CA SER A 48 8.39 -1.99 -2.40
C SER A 48 7.35 -2.25 -3.49
N GLU A 49 7.33 -3.49 -3.99
CA GLU A 49 6.40 -3.87 -5.04
C GLU A 49 4.97 -3.90 -4.54
N LEU A 50 4.79 -4.33 -3.30
CA LEU A 50 3.46 -4.42 -2.70
C LEU A 50 2.88 -3.03 -2.47
N VAL A 51 3.71 -2.12 -1.97
CA VAL A 51 3.29 -0.74 -1.72
C VAL A 51 2.92 -0.03 -3.01
N ARG A 52 3.76 -0.19 -4.04
CA ARG A 52 3.51 0.45 -5.32
C ARG A 52 2.21 -0.04 -5.92
N LYS A 53 1.98 -1.34 -5.84
CA LYS A 53 0.73 -1.91 -6.33
C LYS A 53 -0.43 -1.42 -5.48
N LEU A 54 -0.14 -1.24 -4.19
CA LEU A 54 -1.14 -0.74 -3.25
C LEU A 54 -1.49 0.71 -3.55
N GLN A 55 -0.57 1.40 -4.23
CA GLN A 55 -0.77 2.81 -4.58
C GLN A 55 -1.89 2.98 -5.59
N GLU A 56 -2.03 4.20 -6.10
CA GLU A 56 -3.06 4.51 -7.08
C GLU A 56 -2.64 4.04 -8.48
N GLU A 57 -3.21 2.93 -8.91
CA GLU A 57 -2.92 2.37 -10.23
C GLU A 57 -3.63 3.17 -11.31
N LYS A 58 -3.10 3.10 -12.53
CA LYS A 58 -3.67 3.82 -13.66
C LYS A 58 -4.88 3.09 -14.21
N TYR A 59 -5.94 3.86 -14.52
CA TYR A 59 -7.16 3.29 -15.06
C TYR A 59 -7.13 3.24 -16.58
N GLY A 60 -6.10 3.84 -17.16
CA GLY A 60 -5.96 3.86 -18.60
C GLY A 60 -4.85 2.95 -19.09
N SER A 61 -5.03 1.65 -18.91
CA SER A 61 -4.03 0.67 -19.33
C SER A 61 -4.26 0.23 -20.78
N CYS A 62 -3.18 0.02 -21.50
CA CYS A 62 -3.26 -0.40 -22.89
C CYS A 62 -2.61 -1.76 -23.08
N HIS A 63 -2.94 -2.43 -24.19
CA HIS A 63 -2.39 -3.75 -24.47
C HIS A 63 -1.18 -3.65 -25.40
N PHE A 64 -0.85 -2.42 -25.80
CA PHE A 64 0.29 -2.19 -26.67
C PHE A 64 1.60 -2.35 -25.91
N THR A 65 1.63 -1.84 -24.68
CA THR A 65 2.82 -1.94 -23.84
C THR A 65 2.69 -3.10 -22.86
N ASN A 66 3.22 -4.25 -23.26
CA ASN A 66 3.18 -5.45 -22.42
C ASN A 66 4.04 -5.28 -21.18
N PRO A 67 3.62 -5.87 -20.05
CA PRO A 67 4.36 -5.77 -18.79
C PRO A 67 5.78 -6.32 -18.90
N SER A 68 5.92 -7.43 -19.63
CA SER A 68 7.23 -8.06 -19.82
C SER A 68 8.00 -7.37 -20.93
N LYS A 69 7.36 -6.41 -21.60
CA LYS A 69 7.99 -5.69 -22.69
C LYS A 69 8.73 -4.46 -22.17
N ARG A 70 9.64 -3.93 -22.98
CA ARG A 70 10.43 -2.76 -22.60
C ARG A 70 9.64 -1.47 -22.85
N GLU A 71 9.76 -0.94 -24.07
CA GLU A 71 9.07 0.29 -24.43
C GLU A 71 7.72 -0.02 -25.06
N MET A 1 9.95 -9.89 9.23
CA MET A 1 9.15 -9.60 8.02
C MET A 1 8.70 -8.15 7.99
N TYR A 2 7.95 -7.78 6.95
CA TYR A 2 7.46 -6.42 6.80
C TYR A 2 5.95 -6.41 6.55
N ILE A 3 5.34 -5.25 6.79
CA ILE A 3 3.90 -5.08 6.61
C ILE A 3 3.61 -3.86 5.74
N ILE A 4 2.40 -3.81 5.18
CA ILE A 4 2.00 -2.68 4.36
C ILE A 4 0.67 -2.11 4.86
N PHE A 5 0.48 -0.81 4.69
CA PHE A 5 -0.73 -0.15 5.16
C PHE A 5 -1.20 0.92 4.18
N ARG A 6 -2.14 1.77 4.61
CA ARG A 6 -2.68 2.80 3.73
C ARG A 6 -2.87 4.13 4.46
N CYS A 7 -2.33 5.20 3.90
CA CYS A 7 -2.48 6.53 4.47
C CYS A 7 -3.86 7.09 4.19
N ASP A 8 -4.23 8.15 4.90
CA ASP A 8 -5.55 8.76 4.73
C ASP A 8 -5.73 9.29 3.32
N CYS A 9 -4.62 9.72 2.71
CA CYS A 9 -4.64 10.21 1.33
C CYS A 9 -4.83 9.05 0.36
N GLY A 10 -5.03 7.85 0.91
CA GLY A 10 -5.17 6.67 0.10
C GLY A 10 -3.81 6.12 -0.31
N ARG A 11 -2.78 6.57 0.40
CA ARG A 11 -1.41 6.14 0.13
C ARG A 11 -1.12 4.77 0.75
N ALA A 12 0.16 4.43 0.80
CA ALA A 12 0.59 3.16 1.39
C ALA A 12 2.05 3.22 1.82
N LEU A 13 2.41 2.45 2.83
CA LEU A 13 3.80 2.42 3.31
C LEU A 13 4.20 1.03 3.77
N TYR A 14 5.39 0.93 4.37
CA TYR A 14 5.92 -0.34 4.86
C TYR A 14 6.61 -0.17 6.21
N SER A 15 6.40 -1.14 7.10
CA SER A 15 7.01 -1.11 8.43
C SER A 15 7.13 -2.52 9.00
N ARG A 16 7.60 -2.63 10.24
CA ARG A 16 7.74 -3.93 10.89
C ARG A 16 6.38 -4.48 11.32
N GLU A 17 6.28 -5.80 11.37
CA GLU A 17 5.04 -6.46 11.79
C GLU A 17 4.62 -6.00 13.17
N GLY A 18 3.55 -5.20 13.24
CA GLY A 18 3.07 -4.73 14.52
C GLY A 18 2.63 -3.27 14.48
N ALA A 19 2.89 -2.61 13.36
CA ALA A 19 2.52 -1.21 13.21
C ALA A 19 1.01 -1.05 13.04
N LYS A 20 0.38 -0.38 13.99
CA LYS A 20 -1.06 -0.16 13.96
C LYS A 20 -1.40 1.13 13.19
N THR A 21 -0.65 2.18 13.46
CA THR A 21 -0.85 3.47 12.80
C THR A 21 0.47 4.20 12.66
N ARG A 22 0.90 4.46 11.42
CA ARG A 22 2.15 5.17 11.19
C ARG A 22 1.89 6.66 11.02
N LYS A 23 2.77 7.34 10.29
CA LYS A 23 2.63 8.78 10.07
C LYS A 23 3.23 9.21 8.74
N CYS A 24 2.65 10.25 8.16
CA CYS A 24 3.13 10.78 6.90
C CYS A 24 3.99 12.02 7.13
N VAL A 25 5.21 12.00 6.63
CA VAL A 25 6.12 13.13 6.80
C VAL A 25 5.65 14.34 6.02
N CYS A 26 4.76 14.10 5.05
CA CYS A 26 4.21 15.19 4.25
C CYS A 26 3.28 16.05 5.10
N GLY A 27 2.78 15.48 6.20
CA GLY A 27 1.89 16.21 7.08
C GLY A 27 0.56 15.51 7.27
N ARG A 28 0.59 14.30 7.81
CA ARG A 28 -0.63 13.52 8.03
C ARG A 28 -0.33 12.25 8.82
N THR A 29 -1.28 11.31 8.81
CA THR A 29 -1.13 10.05 9.51
C THR A 29 -1.70 8.90 8.68
N VAL A 30 -1.02 7.77 8.70
CA VAL A 30 -1.46 6.60 7.94
C VAL A 30 -1.99 5.50 8.85
N ASN A 31 -3.21 5.06 8.57
CA ASN A 31 -3.83 3.99 9.33
C ASN A 31 -3.72 2.66 8.58
N VAL A 32 -3.17 1.65 9.24
CA VAL A 32 -3.04 0.34 8.62
C VAL A 32 -4.41 -0.28 8.37
N LYS A 33 -4.42 -1.57 8.01
CA LYS A 33 -5.68 -2.27 7.74
C LYS A 33 -6.61 -2.21 8.94
N ASP A 34 -7.79 -2.81 8.80
CA ASP A 34 -8.76 -2.84 9.88
C ASP A 34 -8.53 -4.06 10.76
N ARG A 35 -8.28 -5.20 10.13
CA ARG A 35 -8.01 -6.42 10.85
C ARG A 35 -6.52 -6.50 11.20
N ARG A 36 -5.79 -7.41 10.56
CA ARG A 36 -4.35 -7.54 10.79
C ARG A 36 -3.58 -6.43 10.08
N ILE A 37 -3.12 -6.73 8.86
CA ILE A 37 -2.35 -5.78 8.07
C ILE A 37 -2.48 -6.08 6.58
N PHE A 38 -2.32 -5.05 5.75
CA PHE A 38 -2.37 -5.22 4.31
C PHE A 38 -0.98 -5.46 3.75
N GLY A 39 -0.91 -6.22 2.66
CA GLY A 39 0.37 -6.50 2.04
C GLY A 39 1.42 -6.97 3.03
N ARG A 40 1.49 -8.29 3.24
CA ARG A 40 2.48 -8.86 4.14
C ARG A 40 3.73 -9.24 3.36
N ALA A 41 4.65 -8.28 3.25
CA ALA A 41 5.87 -8.49 2.49
C ALA A 41 7.02 -8.95 3.37
N ASP A 42 7.46 -10.18 3.17
CA ASP A 42 8.58 -10.73 3.92
C ASP A 42 9.89 -10.28 3.30
N ASP A 43 9.89 -10.13 1.98
CA ASP A 43 11.08 -9.70 1.25
C ASP A 43 11.15 -8.18 1.19
N PHE A 44 12.30 -7.62 1.54
CA PHE A 44 12.50 -6.19 1.52
C PHE A 44 12.21 -5.61 0.14
N GLU A 45 12.64 -6.34 -0.90
CA GLU A 45 12.42 -5.91 -2.27
C GLU A 45 10.93 -5.96 -2.60
N GLU A 46 10.26 -7.02 -2.16
CA GLU A 46 8.83 -7.18 -2.39
C GLU A 46 8.04 -6.17 -1.59
N ALA A 47 8.67 -5.62 -0.55
CA ALA A 47 8.03 -4.63 0.30
C ALA A 47 7.61 -3.40 -0.51
N SER A 48 8.61 -2.70 -1.06
CA SER A 48 8.35 -1.51 -1.86
C SER A 48 7.45 -1.83 -3.05
N GLU A 49 7.57 -3.04 -3.58
CA GLU A 49 6.76 -3.47 -4.71
C GLU A 49 5.30 -3.63 -4.30
N LEU A 50 5.10 -4.12 -3.07
CA LEU A 50 3.76 -4.31 -2.54
C LEU A 50 3.06 -2.97 -2.31
N VAL A 51 3.82 -2.02 -1.77
CA VAL A 51 3.32 -0.68 -1.51
C VAL A 51 2.92 0.02 -2.81
N ARG A 52 3.73 -0.20 -3.85
CA ARG A 52 3.45 0.40 -5.16
C ARG A 52 2.13 -0.12 -5.70
N LYS A 53 1.85 -1.38 -5.46
CA LYS A 53 0.59 -1.99 -5.87
C LYS A 53 -0.56 -1.39 -5.07
N LEU A 54 -0.29 -1.14 -3.79
CA LEU A 54 -1.29 -0.54 -2.89
C LEU A 54 -1.59 0.89 -3.31
N GLN A 55 -0.68 1.48 -4.09
CA GLN A 55 -0.83 2.85 -4.56
C GLN A 55 -1.99 2.99 -5.53
N GLU A 56 -1.91 4.02 -6.36
CA GLU A 56 -2.92 4.28 -7.36
C GLU A 56 -2.84 3.28 -8.50
N GLU A 57 -3.08 3.76 -9.71
CA GLU A 57 -3.06 2.91 -10.90
C GLU A 57 -1.63 2.54 -11.28
N LYS A 58 -1.44 1.28 -11.65
CA LYS A 58 -0.12 0.79 -12.03
C LYS A 58 0.22 1.20 -13.46
N TYR A 59 1.51 1.11 -13.79
CA TYR A 59 1.96 1.48 -15.14
C TYR A 59 1.92 0.28 -16.07
N GLY A 60 2.07 0.53 -17.37
CA GLY A 60 2.03 -0.53 -18.35
C GLY A 60 3.24 -0.52 -19.26
N SER A 61 4.39 -0.11 -18.71
CA SER A 61 5.63 -0.06 -19.48
C SER A 61 6.37 -1.39 -19.41
N CYS A 62 6.91 -1.70 -18.23
CA CYS A 62 7.65 -2.94 -18.03
C CYS A 62 8.81 -3.06 -19.00
N HIS A 63 9.51 -1.95 -19.21
CA HIS A 63 10.64 -1.92 -20.12
C HIS A 63 11.97 -1.97 -19.36
N PHE A 64 12.10 -2.98 -18.50
CA PHE A 64 13.31 -3.15 -17.71
C PHE A 64 14.52 -3.39 -18.60
N THR A 65 15.46 -2.46 -18.59
CA THR A 65 16.66 -2.57 -19.41
C THR A 65 17.82 -3.16 -18.60
N ASN A 66 17.95 -4.48 -18.64
CA ASN A 66 19.02 -5.17 -17.92
C ASN A 66 20.37 -4.87 -18.54
N PRO A 67 21.45 -4.85 -17.73
CA PRO A 67 22.81 -4.58 -18.23
C PRO A 67 23.25 -5.58 -19.30
N SER A 68 23.01 -6.86 -19.05
CA SER A 68 23.39 -7.90 -19.98
C SER A 68 22.34 -8.06 -21.09
N LYS A 69 21.30 -7.23 -21.04
CA LYS A 69 20.23 -7.28 -22.03
C LYS A 69 20.55 -6.38 -23.23
N ARG A 70 20.11 -5.13 -23.15
CA ARG A 70 20.34 -4.17 -24.23
C ARG A 70 21.74 -3.55 -24.12
N GLU A 71 21.83 -2.47 -23.34
CA GLU A 71 23.10 -1.78 -23.15
C GLU A 71 23.84 -2.34 -21.94
N MET A 1 9.04 -9.98 9.80
CA MET A 1 8.86 -9.56 8.38
C MET A 1 8.34 -8.13 8.29
N TYR A 2 8.01 -7.71 7.07
CA TYR A 2 7.51 -6.35 6.85
C TYR A 2 6.01 -6.35 6.60
N ILE A 3 5.39 -5.20 6.84
CA ILE A 3 3.95 -5.04 6.65
C ILE A 3 3.66 -3.82 5.79
N ILE A 4 2.49 -3.81 5.15
CA ILE A 4 2.09 -2.69 4.31
C ILE A 4 0.77 -2.09 4.82
N PHE A 5 0.59 -0.79 4.60
CA PHE A 5 -0.61 -0.11 5.06
C PHE A 5 -1.04 0.96 4.06
N ARG A 6 -1.91 1.88 4.49
CA ARG A 6 -2.39 2.93 3.62
C ARG A 6 -2.59 4.26 4.36
N CYS A 7 -1.93 5.30 3.87
CA CYS A 7 -2.09 6.62 4.47
C CYS A 7 -3.39 7.28 4.01
N ASP A 8 -3.83 8.29 4.75
CA ASP A 8 -5.11 8.96 4.45
C ASP A 8 -5.09 9.57 3.06
N CYS A 9 -3.90 9.80 2.52
CA CYS A 9 -3.76 10.33 1.18
C CYS A 9 -4.12 9.27 0.16
N GLY A 10 -4.58 8.12 0.65
CA GLY A 10 -4.94 7.01 -0.21
C GLY A 10 -3.72 6.26 -0.70
N ARG A 11 -2.56 6.62 -0.15
CA ARG A 11 -1.30 5.98 -0.53
C ARG A 11 -1.06 4.70 0.27
N ALA A 12 0.19 4.26 0.31
CA ALA A 12 0.57 3.05 1.05
C ALA A 12 2.04 3.09 1.44
N LEU A 13 2.39 2.40 2.52
CA LEU A 13 3.78 2.36 2.98
C LEU A 13 4.14 0.99 3.56
N TYR A 14 5.35 0.88 4.10
CA TYR A 14 5.82 -0.38 4.67
C TYR A 14 6.59 -0.14 5.98
N SER A 15 6.43 -1.05 6.93
CA SER A 15 7.12 -0.97 8.22
C SER A 15 7.26 -2.36 8.84
N ARG A 16 7.72 -2.40 10.08
CA ARG A 16 7.88 -3.67 10.79
C ARG A 16 6.54 -4.22 11.23
N GLU A 17 6.40 -5.55 11.21
CA GLU A 17 5.17 -6.20 11.62
C GLU A 17 4.76 -5.79 13.02
N GLY A 18 3.69 -5.00 13.12
CA GLY A 18 3.20 -4.55 14.41
C GLY A 18 2.71 -3.12 14.40
N ALA A 19 2.88 -2.45 13.26
CA ALA A 19 2.43 -1.07 13.13
C ALA A 19 0.92 -0.98 13.00
N LYS A 20 0.28 -0.40 14.01
CA LYS A 20 -1.17 -0.25 14.01
C LYS A 20 -1.57 1.09 13.39
N THR A 21 -0.87 2.15 13.78
CA THR A 21 -1.12 3.48 13.24
C THR A 21 0.18 4.27 13.11
N ARG A 22 0.58 4.51 11.88
CA ARG A 22 1.80 5.26 11.61
C ARG A 22 1.52 6.76 11.53
N LYS A 23 2.45 7.51 10.96
CA LYS A 23 2.29 8.95 10.82
C LYS A 23 3.02 9.46 9.59
N CYS A 24 2.42 10.46 8.94
CA CYS A 24 3.01 11.05 7.74
C CYS A 24 3.76 12.32 8.08
N VAL A 25 5.05 12.36 7.75
CA VAL A 25 5.88 13.52 8.03
C VAL A 25 5.47 14.70 7.16
N CYS A 26 4.84 14.40 6.03
CA CYS A 26 4.38 15.45 5.11
C CYS A 26 3.21 16.23 5.73
N GLY A 27 2.61 15.65 6.75
CA GLY A 27 1.49 16.30 7.42
C GLY A 27 0.22 15.48 7.40
N ARG A 28 0.28 14.27 7.97
CA ARG A 28 -0.89 13.39 8.02
C ARG A 28 -0.64 12.19 8.93
N THR A 29 -1.50 11.18 8.81
CA THR A 29 -1.39 9.97 9.61
C THR A 29 -1.68 8.74 8.75
N VAL A 30 -0.84 7.72 8.87
CA VAL A 30 -1.00 6.51 8.08
C VAL A 30 -1.72 5.42 8.87
N ASN A 31 -2.94 5.13 8.45
CA ASN A 31 -3.76 4.11 9.09
C ASN A 31 -3.62 2.76 8.39
N VAL A 32 -3.08 1.77 9.09
CA VAL A 32 -2.93 0.44 8.52
C VAL A 32 -4.29 -0.20 8.23
N LYS A 33 -4.27 -1.49 7.93
CA LYS A 33 -5.51 -2.22 7.63
C LYS A 33 -6.50 -2.12 8.78
N ASP A 34 -7.65 -2.77 8.62
CA ASP A 34 -8.67 -2.75 9.65
C ASP A 34 -8.45 -3.89 10.63
N ARG A 35 -8.23 -5.09 10.10
CA ARG A 35 -7.95 -6.26 10.92
C ARG A 35 -6.46 -6.34 11.23
N ARG A 36 -5.76 -7.27 10.57
CA ARG A 36 -4.33 -7.43 10.77
C ARG A 36 -3.54 -6.32 10.04
N ILE A 37 -3.09 -6.63 8.83
CA ILE A 37 -2.31 -5.69 8.04
C ILE A 37 -2.43 -6.00 6.55
N PHE A 38 -2.29 -4.98 5.71
CA PHE A 38 -2.35 -5.16 4.27
C PHE A 38 -0.95 -5.41 3.71
N GLY A 39 -0.87 -6.19 2.64
CA GLY A 39 0.41 -6.49 2.03
C GLY A 39 1.44 -6.97 3.02
N ARG A 40 1.53 -8.27 3.23
CA ARG A 40 2.51 -8.85 4.14
C ARG A 40 3.77 -9.21 3.38
N ALA A 41 4.70 -8.27 3.28
CA ALA A 41 5.93 -8.48 2.54
C ALA A 41 7.06 -8.97 3.44
N ASP A 42 7.51 -10.19 3.19
CA ASP A 42 8.62 -10.77 3.94
C ASP A 42 9.95 -10.33 3.34
N ASP A 43 9.97 -10.17 2.03
CA ASP A 43 11.17 -9.75 1.31
C ASP A 43 11.27 -8.23 1.24
N PHE A 44 12.48 -7.71 1.43
CA PHE A 44 12.71 -6.27 1.36
C PHE A 44 12.28 -5.71 0.00
N GLU A 45 12.73 -6.36 -1.06
CA GLU A 45 12.40 -5.94 -2.41
C GLU A 45 10.91 -6.08 -2.69
N GLU A 46 10.31 -7.13 -2.14
CA GLU A 46 8.88 -7.38 -2.33
C GLU A 46 8.05 -6.33 -1.61
N ALA A 47 8.65 -5.71 -0.59
CA ALA A 47 7.98 -4.67 0.17
C ALA A 47 7.55 -3.50 -0.72
N SER A 48 8.52 -2.91 -1.41
CA SER A 48 8.26 -1.78 -2.29
C SER A 48 7.27 -2.16 -3.40
N GLU A 49 7.37 -3.40 -3.87
CA GLU A 49 6.49 -3.88 -4.93
C GLU A 49 5.06 -4.03 -4.43
N LEU A 50 4.92 -4.44 -3.17
CA LEU A 50 3.61 -4.62 -2.56
C LEU A 50 2.91 -3.27 -2.38
N VAL A 51 3.68 -2.28 -1.94
CA VAL A 51 3.16 -0.94 -1.72
C VAL A 51 2.66 -0.32 -3.01
N ARG A 52 3.39 -0.53 -4.09
CA ARG A 52 3.02 0.02 -5.39
C ARG A 52 1.69 -0.55 -5.85
N LYS A 53 1.48 -1.84 -5.60
CA LYS A 53 0.23 -2.48 -5.93
C LYS A 53 -0.89 -1.93 -5.05
N LEU A 54 -0.54 -1.63 -3.80
CA LEU A 54 -1.49 -1.07 -2.85
C LEU A 54 -1.89 0.35 -3.26
N GLN A 55 -1.09 0.96 -4.13
CA GLN A 55 -1.36 2.33 -4.59
C GLN A 55 -2.62 2.38 -5.44
N GLU A 56 -2.73 3.44 -6.23
CA GLU A 56 -3.85 3.62 -7.13
C GLU A 56 -3.71 2.70 -8.34
N GLU A 57 -4.19 3.19 -9.47
CA GLU A 57 -4.12 2.43 -10.71
C GLU A 57 -2.71 2.47 -11.31
N LYS A 58 -2.46 1.59 -12.28
CA LYS A 58 -1.16 1.53 -12.93
C LYS A 58 -1.02 2.65 -13.96
N TYR A 59 0.18 2.78 -14.52
CA TYR A 59 0.45 3.80 -15.53
C TYR A 59 0.17 3.26 -16.92
N GLY A 60 -0.36 4.13 -17.78
CA GLY A 60 -0.67 3.72 -19.14
C GLY A 60 -2.15 3.46 -19.35
N SER A 61 -2.98 4.24 -18.66
CA SER A 61 -4.43 4.09 -18.77
C SER A 61 -4.99 4.96 -19.89
N CYS A 62 -4.13 5.30 -20.85
CA CYS A 62 -4.53 6.13 -21.98
C CYS A 62 -4.89 5.27 -23.18
N HIS A 63 -5.49 5.90 -24.19
CA HIS A 63 -5.90 5.20 -25.41
C HIS A 63 -6.85 4.05 -25.09
N PHE A 64 -7.11 3.21 -26.08
CA PHE A 64 -8.01 2.08 -25.92
C PHE A 64 -7.28 0.91 -25.24
N THR A 65 -7.89 -0.27 -25.31
CA THR A 65 -7.30 -1.46 -24.71
C THR A 65 -6.52 -2.27 -25.75
N ASN A 66 -5.68 -3.18 -25.27
CA ASN A 66 -4.88 -4.01 -26.16
C ASN A 66 -5.77 -4.90 -27.03
N PRO A 67 -5.38 -5.11 -28.30
CA PRO A 67 -6.15 -5.96 -29.22
C PRO A 67 -6.23 -7.41 -28.75
N SER A 68 -5.17 -7.86 -28.09
CA SER A 68 -5.12 -9.22 -27.57
C SER A 68 -5.84 -9.33 -26.24
N LYS A 69 -6.22 -8.17 -25.69
CA LYS A 69 -6.93 -8.11 -24.41
C LYS A 69 -8.43 -8.20 -24.62
N ARG A 70 -9.17 -8.38 -23.53
CA ARG A 70 -10.62 -8.48 -23.59
C ARG A 70 -11.26 -7.10 -23.65
N GLU A 71 -12.60 -7.07 -23.68
CA GLU A 71 -13.33 -5.82 -23.73
C GLU A 71 -13.64 -5.31 -22.33
N MET A 1 9.67 -9.96 9.65
CA MET A 1 8.85 -9.77 8.42
C MET A 1 8.38 -8.33 8.29
N TYR A 2 8.02 -7.93 7.07
CA TYR A 2 7.55 -6.58 6.81
C TYR A 2 6.04 -6.56 6.57
N ILE A 3 5.44 -5.40 6.78
CA ILE A 3 4.01 -5.22 6.60
C ILE A 3 3.72 -4.02 5.71
N ILE A 4 2.50 -3.93 5.20
CA ILE A 4 2.10 -2.81 4.37
C ILE A 4 0.77 -2.23 4.86
N PHE A 5 0.57 -0.94 4.63
CA PHE A 5 -0.63 -0.26 5.08
C PHE A 5 -1.06 0.78 4.06
N ARG A 6 -1.92 1.71 4.49
CA ARG A 6 -2.41 2.76 3.60
C ARG A 6 -2.36 4.13 4.28
N CYS A 7 -1.61 5.05 3.69
CA CYS A 7 -1.49 6.39 4.22
C CYS A 7 -2.72 7.22 3.87
N ASP A 8 -3.06 8.17 4.75
CA ASP A 8 -4.27 8.97 4.57
C ASP A 8 -4.23 9.75 3.27
N CYS A 9 -3.05 9.91 2.70
CA CYS A 9 -2.89 10.59 1.43
C CYS A 9 -3.41 9.70 0.30
N GLY A 10 -3.99 8.57 0.69
CA GLY A 10 -4.49 7.60 -0.27
C GLY A 10 -3.39 6.69 -0.75
N ARG A 11 -2.18 6.93 -0.24
CA ARG A 11 -1.01 6.13 -0.61
C ARG A 11 -0.92 4.86 0.22
N ALA A 12 0.28 4.30 0.27
CA ALA A 12 0.55 3.09 1.05
C ALA A 12 2.03 3.01 1.42
N LEU A 13 2.33 2.42 2.58
CA LEU A 13 3.72 2.31 3.02
C LEU A 13 4.02 0.93 3.60
N TYR A 14 5.28 0.72 3.99
CA TYR A 14 5.71 -0.55 4.55
C TYR A 14 6.58 -0.34 5.80
N SER A 15 6.42 -1.22 6.79
CA SER A 15 7.19 -1.14 8.03
C SER A 15 7.32 -2.51 8.69
N ARG A 16 7.83 -2.53 9.91
CA ARG A 16 7.99 -3.78 10.64
C ARG A 16 6.63 -4.26 11.19
N GLU A 17 6.48 -5.58 11.27
CA GLU A 17 5.24 -6.18 11.77
C GLU A 17 4.90 -5.65 13.16
N GLY A 18 3.85 -4.85 13.24
CA GLY A 18 3.42 -4.31 14.51
C GLY A 18 2.89 -2.89 14.40
N ALA A 19 3.00 -2.31 13.22
CA ALA A 19 2.53 -0.94 12.99
C ALA A 19 1.01 -0.90 12.93
N LYS A 20 0.40 -0.30 13.94
CA LYS A 20 -1.06 -0.17 14.00
C LYS A 20 -1.50 1.12 13.31
N THR A 21 -0.83 2.21 13.64
CA THR A 21 -1.10 3.50 13.01
C THR A 21 0.16 4.33 12.91
N ARG A 22 0.61 4.56 11.67
CA ARG A 22 1.82 5.35 11.44
C ARG A 22 1.49 6.83 11.37
N LYS A 23 2.38 7.62 10.78
CA LYS A 23 2.17 9.05 10.65
C LYS A 23 2.85 9.60 9.41
N CYS A 24 2.23 10.60 8.80
CA CYS A 24 2.77 11.24 7.60
C CYS A 24 3.51 12.53 7.96
N VAL A 25 4.76 12.62 7.54
CA VAL A 25 5.58 13.79 7.83
C VAL A 25 5.05 15.02 7.09
N CYS A 26 4.36 14.77 5.99
CA CYS A 26 3.78 15.85 5.19
C CYS A 26 2.65 16.54 5.94
N GLY A 27 1.98 15.78 6.81
CA GLY A 27 0.87 16.34 7.58
C GLY A 27 -0.36 15.47 7.51
N ARG A 28 -0.28 14.27 8.09
CA ARG A 28 -1.39 13.33 8.11
C ARG A 28 -1.08 12.12 8.98
N THR A 29 -1.88 11.07 8.82
CA THR A 29 -1.69 9.84 9.59
C THR A 29 -1.91 8.61 8.71
N VAL A 30 -1.03 7.64 8.82
CA VAL A 30 -1.14 6.41 8.04
C VAL A 30 -1.85 5.31 8.81
N ASN A 31 -3.07 5.02 8.40
CA ASN A 31 -3.88 3.98 9.05
C ASN A 31 -3.73 2.64 8.34
N VAL A 32 -3.16 1.66 9.05
CA VAL A 32 -3.01 0.32 8.49
C VAL A 32 -4.36 -0.33 8.27
N LYS A 33 -4.36 -1.63 7.96
CA LYS A 33 -5.60 -2.35 7.72
C LYS A 33 -6.51 -2.29 8.95
N ASP A 34 -7.66 -2.95 8.87
CA ASP A 34 -8.61 -2.96 9.97
C ASP A 34 -8.33 -4.12 10.92
N ARG A 35 -8.09 -5.29 10.35
CA ARG A 35 -7.77 -6.47 11.13
C ARG A 35 -6.27 -6.52 11.43
N ARG A 36 -5.56 -7.42 10.77
CA ARG A 36 -4.11 -7.53 10.96
C ARG A 36 -3.37 -6.42 10.23
N ILE A 37 -2.96 -6.69 8.99
CA ILE A 37 -2.22 -5.72 8.19
C ILE A 37 -2.39 -6.01 6.69
N PHE A 38 -2.17 -4.97 5.87
CA PHE A 38 -2.26 -5.12 4.43
C PHE A 38 -0.90 -5.48 3.85
N GLY A 39 -0.90 -6.24 2.75
CA GLY A 39 0.34 -6.63 2.11
C GLY A 39 1.39 -7.12 3.10
N ARG A 40 1.42 -8.43 3.35
CA ARG A 40 2.40 -9.00 4.25
C ARG A 40 3.65 -9.40 3.47
N ALA A 41 4.58 -8.46 3.36
CA ALA A 41 5.80 -8.70 2.60
C ALA A 41 6.93 -9.17 3.50
N ASP A 42 7.45 -10.36 3.21
CA ASP A 42 8.56 -10.91 3.97
C ASP A 42 9.89 -10.34 3.46
N ASP A 43 9.99 -10.22 2.15
CA ASP A 43 11.19 -9.67 1.52
C ASP A 43 11.09 -8.16 1.35
N PHE A 44 12.18 -7.47 1.67
CA PHE A 44 12.21 -6.01 1.53
C PHE A 44 11.89 -5.61 0.09
N GLU A 45 12.36 -6.40 -0.86
CA GLU A 45 12.12 -6.14 -2.27
C GLU A 45 10.64 -6.28 -2.59
N GLU A 46 10.02 -7.32 -2.06
CA GLU A 46 8.60 -7.55 -2.28
C GLU A 46 7.76 -6.48 -1.60
N ALA A 47 8.32 -5.87 -0.55
CA ALA A 47 7.64 -4.83 0.18
C ALA A 47 7.31 -3.64 -0.72
N SER A 48 8.33 -3.09 -1.35
CA SER A 48 8.16 -1.95 -2.24
C SER A 48 7.21 -2.28 -3.39
N GLU A 49 7.26 -3.53 -3.85
CA GLU A 49 6.41 -3.98 -4.95
C GLU A 49 4.96 -4.06 -4.51
N LEU A 50 4.74 -4.52 -3.28
CA LEU A 50 3.39 -4.64 -2.74
C LEU A 50 2.77 -3.26 -2.52
N VAL A 51 3.61 -2.33 -2.07
CA VAL A 51 3.17 -0.96 -1.83
C VAL A 51 2.76 -0.28 -3.13
N ARG A 52 3.54 -0.52 -4.19
CA ARG A 52 3.26 0.05 -5.50
C ARG A 52 1.90 -0.41 -5.99
N LYS A 53 1.60 -1.68 -5.76
CA LYS A 53 0.30 -2.23 -6.12
C LYS A 53 -0.78 -1.62 -5.24
N LEU A 54 -0.43 -1.38 -3.98
CA LEU A 54 -1.34 -0.78 -3.03
C LEU A 54 -1.64 0.67 -3.41
N GLN A 55 -0.78 1.25 -4.25
CA GLN A 55 -0.93 2.62 -4.68
C GLN A 55 -2.17 2.80 -5.56
N GLU A 56 -2.28 3.97 -6.19
CA GLU A 56 -3.41 4.27 -7.07
C GLU A 56 -3.23 3.62 -8.43
N GLU A 57 -2.72 2.39 -8.43
CA GLU A 57 -2.50 1.66 -9.69
C GLU A 57 -3.81 1.11 -10.23
N LYS A 58 -3.80 0.72 -11.50
CA LYS A 58 -4.99 0.18 -12.15
C LYS A 58 -5.20 -1.28 -11.77
N TYR A 59 -6.45 -1.70 -11.71
CA TYR A 59 -6.80 -3.07 -11.35
C TYR A 59 -6.86 -3.96 -12.58
N GLY A 60 -7.96 -3.88 -13.32
CA GLY A 60 -8.11 -4.68 -14.52
C GLY A 60 -9.53 -5.21 -14.69
N SER A 61 -10.41 -4.81 -13.79
CA SER A 61 -11.80 -5.25 -13.83
C SER A 61 -12.64 -4.31 -14.71
N CYS A 62 -13.94 -4.58 -14.76
CA CYS A 62 -14.85 -3.76 -15.57
C CYS A 62 -15.56 -2.73 -14.70
N HIS A 63 -14.92 -2.34 -13.60
CA HIS A 63 -15.48 -1.36 -12.68
C HIS A 63 -15.30 0.06 -13.22
N PHE A 64 -14.38 0.21 -14.18
CA PHE A 64 -14.11 1.51 -14.77
C PHE A 64 -15.17 1.89 -15.79
N THR A 65 -15.65 3.12 -15.72
CA THR A 65 -16.68 3.61 -16.64
C THR A 65 -16.05 4.39 -17.79
N ASN A 66 -16.18 3.86 -19.00
CA ASN A 66 -15.62 4.51 -20.18
C ASN A 66 -16.54 5.62 -20.68
N PRO A 67 -15.97 6.64 -21.36
CA PRO A 67 -16.75 7.75 -21.91
C PRO A 67 -17.84 7.27 -22.85
N SER A 68 -17.55 6.21 -23.59
CA SER A 68 -18.51 5.64 -24.53
C SER A 68 -19.47 4.70 -23.80
N LYS A 69 -19.07 4.29 -22.61
CA LYS A 69 -19.91 3.40 -21.80
C LYS A 69 -20.87 4.20 -20.92
N ARG A 70 -22.03 4.52 -21.47
CA ARG A 70 -23.04 5.27 -20.75
C ARG A 70 -23.85 4.37 -19.82
N GLU A 71 -24.14 4.88 -18.63
CA GLU A 71 -24.91 4.12 -17.65
C GLU A 71 -26.40 4.36 -17.82
N MET A 1 9.83 -9.41 9.77
CA MET A 1 9.22 -9.26 8.43
C MET A 1 8.70 -7.85 8.21
N TYR A 2 8.14 -7.60 7.03
CA TYR A 2 7.61 -6.29 6.69
C TYR A 2 6.09 -6.34 6.51
N ILE A 3 5.45 -5.19 6.71
CA ILE A 3 4.01 -5.07 6.55
C ILE A 3 3.65 -3.92 5.64
N ILE A 4 2.44 -3.92 5.11
CA ILE A 4 1.98 -2.83 4.27
C ILE A 4 0.67 -2.25 4.80
N PHE A 5 0.48 -0.95 4.58
CA PHE A 5 -0.72 -0.27 5.08
C PHE A 5 -1.18 0.79 4.10
N ARG A 6 -2.01 1.72 4.58
CA ARG A 6 -2.53 2.79 3.74
C ARG A 6 -2.42 4.14 4.43
N CYS A 7 -1.66 5.04 3.81
CA CYS A 7 -1.47 6.38 4.35
C CYS A 7 -2.71 7.23 4.08
N ASP A 8 -2.95 8.22 4.94
CA ASP A 8 -4.14 9.07 4.85
C ASP A 8 -4.21 9.80 3.52
N CYS A 9 -3.07 9.95 2.86
CA CYS A 9 -3.02 10.59 1.55
C CYS A 9 -3.62 9.65 0.50
N GLY A 10 -4.18 8.54 0.97
CA GLY A 10 -4.75 7.54 0.08
C GLY A 10 -3.68 6.64 -0.47
N ARG A 11 -2.44 6.88 -0.04
CA ARG A 11 -1.30 6.09 -0.49
C ARG A 11 -1.16 4.81 0.32
N ALA A 12 0.06 4.26 0.30
CA ALA A 12 0.37 3.04 1.04
C ALA A 12 1.87 2.98 1.36
N LEU A 13 2.21 2.37 2.49
CA LEU A 13 3.62 2.29 2.88
C LEU A 13 3.96 0.94 3.51
N TYR A 14 5.24 0.76 3.84
CA TYR A 14 5.72 -0.49 4.44
C TYR A 14 6.54 -0.22 5.70
N SER A 15 6.42 -1.10 6.69
CA SER A 15 7.16 -0.97 7.94
C SER A 15 7.35 -2.34 8.59
N ARG A 16 7.82 -2.34 9.84
CA ARG A 16 8.03 -3.59 10.57
C ARG A 16 6.71 -4.18 11.04
N GLU A 17 6.63 -5.51 11.04
CA GLU A 17 5.43 -6.20 11.48
C GLU A 17 5.04 -5.79 12.90
N GLY A 18 3.96 -5.00 13.00
CA GLY A 18 3.50 -4.57 14.31
C GLY A 18 3.01 -3.13 14.31
N ALA A 19 3.14 -2.46 13.17
CA ALA A 19 2.70 -1.08 13.05
C ALA A 19 1.18 -0.99 12.96
N LYS A 20 0.55 -0.43 13.99
CA LYS A 20 -0.89 -0.28 14.01
C LYS A 20 -1.32 1.03 13.37
N THR A 21 -0.62 2.11 13.73
CA THR A 21 -0.90 3.43 13.19
C THR A 21 0.39 4.23 13.02
N ARG A 22 0.78 4.46 11.77
CA ARG A 22 1.98 5.22 11.48
C ARG A 22 1.66 6.72 11.41
N LYS A 23 2.54 7.49 10.77
CA LYS A 23 2.33 8.93 10.66
C LYS A 23 2.94 9.47 9.37
N CYS A 24 2.30 10.48 8.81
CA CYS A 24 2.78 11.11 7.58
C CYS A 24 3.54 12.39 7.91
N VAL A 25 4.77 12.49 7.42
CA VAL A 25 5.60 13.65 7.67
C VAL A 25 5.07 14.88 6.94
N CYS A 26 4.30 14.63 5.88
CA CYS A 26 3.70 15.70 5.09
C CYS A 26 2.63 16.43 5.90
N GLY A 27 2.14 15.77 6.95
CA GLY A 27 1.11 16.36 7.78
C GLY A 27 -0.16 15.54 7.83
N ARG A 28 -0.05 14.32 8.37
CA ARG A 28 -1.19 13.42 8.48
C ARG A 28 -0.83 12.18 9.30
N THR A 29 -1.66 11.14 9.19
CA THR A 29 -1.42 9.90 9.91
C THR A 29 -1.72 8.70 9.01
N VAL A 30 -0.86 7.69 9.07
CA VAL A 30 -1.03 6.50 8.24
C VAL A 30 -1.74 5.39 9.01
N ASN A 31 -2.96 5.08 8.60
CA ASN A 31 -3.74 4.03 9.24
C ASN A 31 -3.62 2.71 8.48
N VAL A 32 -3.08 1.70 9.15
CA VAL A 32 -2.94 0.39 8.55
C VAL A 32 -4.30 -0.24 8.27
N LYS A 33 -4.31 -1.53 7.95
CA LYS A 33 -5.55 -2.23 7.66
C LYS A 33 -6.54 -2.13 8.82
N ASP A 34 -7.71 -2.73 8.67
CA ASP A 34 -8.72 -2.71 9.72
C ASP A 34 -8.52 -3.86 10.68
N ARG A 35 -8.31 -5.05 10.13
CA ARG A 35 -8.06 -6.24 10.93
C ARG A 35 -6.57 -6.34 11.28
N ARG A 36 -5.86 -7.27 10.64
CA ARG A 36 -4.43 -7.43 10.88
C ARG A 36 -3.63 -6.35 10.17
N ILE A 37 -3.16 -6.66 8.96
CA ILE A 37 -2.37 -5.72 8.18
C ILE A 37 -2.52 -6.00 6.68
N PHE A 38 -2.24 -4.99 5.87
CA PHE A 38 -2.32 -5.15 4.42
C PHE A 38 -0.95 -5.57 3.87
N GLY A 39 -0.97 -6.40 2.83
CA GLY A 39 0.26 -6.85 2.20
C GLY A 39 1.32 -7.28 3.20
N ARG A 40 1.39 -8.57 3.48
CA ARG A 40 2.40 -9.09 4.41
C ARG A 40 3.65 -9.48 3.65
N ALA A 41 4.56 -8.53 3.49
CA ALA A 41 5.78 -8.77 2.74
C ALA A 41 6.92 -9.19 3.66
N ASP A 42 7.49 -10.36 3.39
CA ASP A 42 8.59 -10.87 4.18
C ASP A 42 9.90 -10.22 3.73
N ASP A 43 10.05 -10.09 2.42
CA ASP A 43 11.23 -9.45 1.85
C ASP A 43 11.06 -7.95 1.75
N PHE A 44 12.03 -7.20 2.26
CA PHE A 44 11.97 -5.75 2.22
C PHE A 44 11.79 -5.26 0.77
N GLU A 45 12.44 -5.95 -0.16
CA GLU A 45 12.33 -5.61 -1.57
C GLU A 45 10.93 -5.88 -2.09
N GLU A 46 10.32 -6.96 -1.60
CA GLU A 46 8.98 -7.32 -2.01
C GLU A 46 7.97 -6.30 -1.49
N ALA A 47 8.31 -5.67 -0.38
CA ALA A 47 7.45 -4.64 0.21
C ALA A 47 7.23 -3.50 -0.77
N SER A 48 8.31 -3.10 -1.44
CA SER A 48 8.26 -2.00 -2.41
C SER A 48 7.29 -2.32 -3.54
N GLU A 49 7.43 -3.51 -4.12
CA GLU A 49 6.59 -3.92 -5.23
C GLU A 49 5.14 -4.11 -4.80
N LEU A 50 4.96 -4.54 -3.55
CA LEU A 50 3.62 -4.77 -3.02
C LEU A 50 2.85 -3.47 -2.90
N VAL A 51 3.48 -2.47 -2.30
CA VAL A 51 2.86 -1.16 -2.13
C VAL A 51 2.55 -0.52 -3.48
N ARG A 52 3.34 -0.88 -4.49
CA ARG A 52 3.12 -0.35 -5.83
C ARG A 52 1.76 -0.79 -6.36
N LYS A 53 1.43 -2.07 -6.16
CA LYS A 53 0.13 -2.59 -6.56
C LYS A 53 -0.94 -1.93 -5.70
N LEU A 54 -0.56 -1.60 -4.46
CA LEU A 54 -1.44 -0.91 -3.54
C LEU A 54 -1.75 0.49 -4.05
N GLN A 55 -0.79 1.06 -4.78
CA GLN A 55 -0.93 2.41 -5.31
C GLN A 55 -2.03 2.47 -6.37
N GLU A 56 -2.21 3.67 -6.94
CA GLU A 56 -3.21 3.87 -7.97
C GLU A 56 -2.73 3.36 -9.32
N GLU A 57 -3.11 2.13 -9.66
CA GLU A 57 -2.71 1.52 -10.92
C GLU A 57 -3.49 2.12 -12.08
N LYS A 58 -2.96 1.95 -13.29
CA LYS A 58 -3.60 2.48 -14.49
C LYS A 58 -4.76 1.59 -14.93
N TYR A 59 -5.82 2.21 -15.42
CA TYR A 59 -6.99 1.47 -15.87
C TYR A 59 -6.87 1.11 -17.35
N GLY A 60 -7.91 0.46 -17.88
CA GLY A 60 -7.89 0.07 -19.28
C GLY A 60 -8.84 -1.08 -19.57
N SER A 61 -9.68 -1.40 -18.59
CA SER A 61 -10.64 -2.50 -18.74
C SER A 61 -11.95 -1.99 -19.35
N CYS A 62 -12.68 -1.19 -18.57
CA CYS A 62 -13.95 -0.63 -19.03
C CYS A 62 -14.05 0.85 -18.69
N HIS A 63 -14.91 1.56 -19.41
CA HIS A 63 -15.09 3.00 -19.20
C HIS A 63 -16.53 3.30 -18.80
N PHE A 64 -17.41 3.36 -19.78
CA PHE A 64 -18.82 3.66 -19.52
C PHE A 64 -19.48 2.49 -18.80
N THR A 65 -20.46 2.81 -17.95
CA THR A 65 -21.17 1.79 -17.19
C THR A 65 -22.48 1.40 -17.88
N ASN A 66 -23.01 0.25 -17.49
CA ASN A 66 -24.26 -0.24 -18.07
C ASN A 66 -25.47 0.46 -17.44
N PRO A 67 -26.56 0.64 -18.21
CA PRO A 67 -27.77 1.31 -17.72
C PRO A 67 -28.33 0.64 -16.47
N SER A 68 -28.32 -0.69 -16.45
CA SER A 68 -28.83 -1.44 -15.32
C SER A 68 -27.77 -1.56 -14.23
N LYS A 69 -26.56 -1.13 -14.53
CA LYS A 69 -25.46 -1.19 -13.58
C LYS A 69 -25.40 0.07 -12.72
N ARG A 70 -25.90 -0.04 -11.49
CA ARG A 70 -25.91 1.09 -10.56
C ARG A 70 -24.56 1.22 -9.87
N GLU A 71 -24.05 2.45 -9.81
CA GLU A 71 -22.76 2.71 -9.17
C GLU A 71 -22.95 3.07 -7.70
N MET A 1 10.59 -9.68 8.69
CA MET A 1 9.47 -9.49 7.74
C MET A 1 8.99 -8.04 7.73
N TYR A 2 8.07 -7.74 6.80
CA TYR A 2 7.55 -6.39 6.69
C TYR A 2 6.03 -6.41 6.52
N ILE A 3 5.41 -5.27 6.78
CA ILE A 3 3.96 -5.12 6.66
C ILE A 3 3.62 -3.90 5.80
N ILE A 4 2.49 -3.96 5.11
CA ILE A 4 2.06 -2.84 4.27
C ILE A 4 0.76 -2.25 4.80
N PHE A 5 0.58 -0.94 4.59
CA PHE A 5 -0.61 -0.24 5.07
C PHE A 5 -1.05 0.81 4.06
N ARG A 6 -1.98 1.68 4.47
CA ARG A 6 -2.49 2.71 3.57
C ARG A 6 -2.74 4.03 4.30
N CYS A 7 -2.06 5.08 3.85
CA CYS A 7 -2.24 6.40 4.44
C CYS A 7 -3.51 7.05 3.90
N ASP A 8 -4.03 8.04 4.63
CA ASP A 8 -5.27 8.71 4.25
C ASP A 8 -5.16 9.37 2.89
N CYS A 9 -3.93 9.61 2.45
CA CYS A 9 -3.70 10.18 1.14
C CYS A 9 -3.97 9.14 0.06
N GLY A 10 -4.46 7.98 0.50
CA GLY A 10 -4.74 6.89 -0.42
C GLY A 10 -3.48 6.16 -0.82
N ARG A 11 -2.37 6.54 -0.19
CA ARG A 11 -1.08 5.92 -0.48
C ARG A 11 -0.87 4.65 0.33
N ALA A 12 0.39 4.20 0.41
CA ALA A 12 0.73 3.00 1.16
C ALA A 12 2.20 3.03 1.56
N LEU A 13 2.54 2.29 2.63
CA LEU A 13 3.93 2.25 3.09
C LEU A 13 4.28 0.86 3.63
N TYR A 14 5.52 0.71 4.11
CA TYR A 14 5.99 -0.56 4.65
C TYR A 14 6.78 -0.35 5.94
N SER A 15 6.57 -1.25 6.90
CA SER A 15 7.26 -1.18 8.20
C SER A 15 7.35 -2.57 8.82
N ARG A 16 7.87 -2.63 10.05
CA ARG A 16 7.98 -3.89 10.76
C ARG A 16 6.63 -4.34 11.30
N GLU A 17 6.46 -5.65 11.46
CA GLU A 17 5.22 -6.22 11.97
C GLU A 17 4.87 -5.64 13.34
N GLY A 18 3.81 -4.84 13.40
CA GLY A 18 3.39 -4.26 14.66
C GLY A 18 2.86 -2.85 14.52
N ALA A 19 3.03 -2.27 13.34
CA ALA A 19 2.55 -0.92 13.08
C ALA A 19 1.04 -0.88 12.93
N LYS A 20 0.37 -0.33 13.93
CA LYS A 20 -1.08 -0.21 13.91
C LYS A 20 -1.50 1.11 13.26
N THR A 21 -0.79 2.17 13.61
CA THR A 21 -1.05 3.50 13.04
C THR A 21 0.24 4.30 12.91
N ARG A 22 0.63 4.56 11.67
CA ARG A 22 1.84 5.33 11.40
C ARG A 22 1.52 6.81 11.35
N LYS A 23 2.43 7.60 10.79
CA LYS A 23 2.24 9.04 10.69
C LYS A 23 2.96 9.61 9.47
N CYS A 24 2.34 10.61 8.86
CA CYS A 24 2.91 11.27 7.69
C CYS A 24 3.61 12.55 8.11
N VAL A 25 4.92 12.58 7.93
CA VAL A 25 5.72 13.75 8.28
C VAL A 25 5.36 14.93 7.37
N CYS A 26 4.81 14.61 6.20
CA CYS A 26 4.39 15.64 5.27
C CYS A 26 3.19 16.40 5.81
N GLY A 27 2.43 15.75 6.68
CA GLY A 27 1.25 16.38 7.27
C GLY A 27 0.02 15.50 7.20
N ARG A 28 0.07 14.33 7.84
CA ARG A 28 -1.05 13.40 7.84
C ARG A 28 -0.78 12.22 8.77
N THR A 29 -1.60 11.18 8.62
CA THR A 29 -1.45 9.96 9.44
C THR A 29 -1.75 8.72 8.59
N VAL A 30 -0.91 7.70 8.75
CA VAL A 30 -1.07 6.47 7.99
C VAL A 30 -1.82 5.40 8.79
N ASN A 31 -3.00 5.05 8.32
CA ASN A 31 -3.82 4.04 8.99
C ASN A 31 -3.69 2.68 8.31
N VAL A 32 -3.11 1.71 9.01
CA VAL A 32 -2.97 0.36 8.46
C VAL A 32 -4.34 -0.28 8.27
N LYS A 33 -4.36 -1.58 7.96
CA LYS A 33 -5.61 -2.29 7.75
C LYS A 33 -6.52 -2.19 8.98
N ASP A 34 -7.68 -2.82 8.91
CA ASP A 34 -8.63 -2.80 10.02
C ASP A 34 -8.34 -3.95 10.99
N ARG A 35 -8.13 -5.13 10.44
CA ARG A 35 -7.81 -6.29 11.24
C ARG A 35 -6.31 -6.35 11.53
N ARG A 36 -5.61 -7.28 10.88
CA ARG A 36 -4.17 -7.39 11.06
C ARG A 36 -3.42 -6.31 10.29
N ILE A 37 -3.00 -6.64 9.07
CA ILE A 37 -2.25 -5.71 8.22
C ILE A 37 -2.42 -6.07 6.76
N PHE A 38 -2.29 -5.07 5.89
CA PHE A 38 -2.40 -5.28 4.45
C PHE A 38 -1.03 -5.57 3.85
N GLY A 39 -1.02 -6.34 2.77
CA GLY A 39 0.23 -6.69 2.11
C GLY A 39 1.32 -7.13 3.08
N ARG A 40 1.38 -8.43 3.34
CA ARG A 40 2.40 -8.97 4.24
C ARG A 40 3.63 -9.37 3.45
N ALA A 41 4.56 -8.43 3.31
CA ALA A 41 5.78 -8.66 2.55
C ALA A 41 6.94 -9.03 3.45
N ASP A 42 7.42 -10.27 3.31
CA ASP A 42 8.57 -10.72 4.09
C ASP A 42 9.86 -10.27 3.44
N ASP A 43 9.87 -10.23 2.11
CA ASP A 43 11.04 -9.81 1.35
C ASP A 43 11.04 -8.29 1.16
N PHE A 44 12.17 -7.66 1.44
CA PHE A 44 12.30 -6.21 1.26
C PHE A 44 11.98 -5.82 -0.17
N GLU A 45 12.34 -6.68 -1.11
CA GLU A 45 12.09 -6.42 -2.53
C GLU A 45 10.60 -6.41 -2.82
N GLU A 46 9.90 -7.42 -2.32
CA GLU A 46 8.45 -7.53 -2.54
C GLU A 46 7.72 -6.43 -1.77
N ALA A 47 8.36 -5.91 -0.73
CA ALA A 47 7.78 -4.84 0.09
C ALA A 47 7.48 -3.61 -0.76
N SER A 48 8.51 -3.10 -1.42
CA SER A 48 8.36 -1.91 -2.26
C SER A 48 7.34 -2.13 -3.38
N GLU A 49 7.35 -3.32 -3.96
CA GLU A 49 6.44 -3.63 -5.06
C GLU A 49 4.99 -3.74 -4.56
N LEU A 50 4.83 -4.25 -3.35
CA LEU A 50 3.51 -4.39 -2.76
C LEU A 50 2.89 -3.03 -2.47
N VAL A 51 3.72 -2.11 -1.96
CA VAL A 51 3.28 -0.77 -1.63
C VAL A 51 2.84 0.00 -2.88
N ARG A 52 3.65 -0.07 -3.92
CA ARG A 52 3.35 0.62 -5.17
C ARG A 52 2.05 0.09 -5.77
N LYS A 53 1.87 -1.22 -5.73
CA LYS A 53 0.64 -1.83 -6.23
C LYS A 53 -0.51 -1.42 -5.33
N LEU A 54 -0.21 -1.25 -4.05
CA LEU A 54 -1.20 -0.82 -3.06
C LEU A 54 -1.63 0.61 -3.34
N GLN A 55 -0.78 1.36 -4.03
CA GLN A 55 -1.06 2.76 -4.35
C GLN A 55 -2.23 2.86 -5.33
N GLU A 56 -2.64 4.10 -5.60
CA GLU A 56 -3.75 4.35 -6.52
C GLU A 56 -3.30 4.19 -7.97
N GLU A 57 -3.39 2.98 -8.49
CA GLU A 57 -2.99 2.69 -9.86
C GLU A 57 -4.04 3.20 -10.85
N LYS A 58 -3.57 3.72 -11.98
CA LYS A 58 -4.46 4.24 -13.01
C LYS A 58 -5.06 3.11 -13.84
N TYR A 59 -6.38 2.99 -13.80
CA TYR A 59 -7.08 1.95 -14.55
C TYR A 59 -7.47 2.45 -15.93
N GLY A 60 -7.69 3.76 -16.04
CA GLY A 60 -8.07 4.35 -17.31
C GLY A 60 -9.43 3.86 -17.78
N SER A 61 -10.46 4.15 -16.98
CA SER A 61 -11.82 3.72 -17.31
C SER A 61 -12.53 4.79 -18.15
N CYS A 62 -11.98 6.00 -18.16
CA CYS A 62 -12.57 7.10 -18.92
C CYS A 62 -11.49 8.08 -19.37
N HIS A 63 -11.91 9.11 -20.11
CA HIS A 63 -10.99 10.12 -20.61
C HIS A 63 -10.65 11.14 -19.51
N PHE A 64 -9.90 12.17 -19.88
CA PHE A 64 -9.51 13.21 -18.93
C PHE A 64 -10.71 14.09 -18.58
N THR A 65 -11.31 14.70 -19.59
CA THR A 65 -12.45 15.57 -19.38
C THR A 65 -13.76 14.82 -19.64
N ASN A 66 -14.36 14.31 -18.57
CA ASN A 66 -15.62 13.58 -18.67
C ASN A 66 -16.76 14.50 -19.07
N PRO A 67 -17.32 14.31 -20.29
CA PRO A 67 -18.42 15.15 -20.80
C PRO A 67 -19.71 14.94 -20.01
N SER A 68 -20.02 13.68 -19.70
CA SER A 68 -21.23 13.34 -18.97
C SER A 68 -21.04 13.54 -17.47
N LYS A 69 -19.83 13.29 -16.99
CA LYS A 69 -19.52 13.43 -15.57
C LYS A 69 -19.10 14.86 -15.24
N ARG A 70 -18.93 15.13 -13.95
CA ARG A 70 -18.52 16.46 -13.50
C ARG A 70 -17.01 16.63 -13.59
N GLU A 71 -16.57 17.86 -13.86
CA GLU A 71 -15.16 18.16 -13.98
C GLU A 71 -14.57 18.57 -12.64
N MET A 1 9.43 -9.30 10.10
CA MET A 1 9.13 -9.14 8.66
C MET A 1 8.58 -7.75 8.37
N TYR A 2 8.13 -7.54 7.14
CA TYR A 2 7.59 -6.25 6.72
C TYR A 2 6.07 -6.32 6.54
N ILE A 3 5.42 -5.18 6.73
CA ILE A 3 3.97 -5.09 6.58
C ILE A 3 3.60 -3.94 5.66
N ILE A 4 2.40 -3.99 5.08
CA ILE A 4 1.94 -2.93 4.20
C ILE A 4 0.63 -2.33 4.74
N PHE A 5 0.41 -1.05 4.48
CA PHE A 5 -0.78 -0.36 4.97
C PHE A 5 -1.24 0.70 3.98
N ARG A 6 -2.05 1.65 4.44
CA ARG A 6 -2.57 2.70 3.58
C ARG A 6 -2.63 4.05 4.30
N CYS A 7 -2.13 5.08 3.65
CA CYS A 7 -2.15 6.43 4.21
C CYS A 7 -3.55 7.02 4.08
N ASP A 8 -3.84 8.04 4.88
CA ASP A 8 -5.16 8.68 4.86
C ASP A 8 -5.42 9.31 3.50
N CYS A 9 -4.34 9.69 2.83
CA CYS A 9 -4.44 10.26 1.49
C CYS A 9 -4.81 9.17 0.47
N GLY A 10 -5.05 7.98 0.99
CA GLY A 10 -5.37 6.84 0.13
C GLY A 10 -4.12 6.18 -0.39
N ARG A 11 -2.97 6.56 0.18
CA ARG A 11 -1.68 6.01 -0.24
C ARG A 11 -1.41 4.66 0.42
N ALA A 12 -0.14 4.27 0.42
CA ALA A 12 0.27 3.00 1.02
C ALA A 12 1.75 3.05 1.38
N LEU A 13 2.15 2.29 2.42
CA LEU A 13 3.55 2.26 2.83
C LEU A 13 3.95 0.89 3.38
N TYR A 14 5.19 0.79 3.86
CA TYR A 14 5.71 -0.45 4.42
C TYR A 14 6.51 -0.19 5.69
N SER A 15 6.39 -1.09 6.67
CA SER A 15 7.12 -0.96 7.93
C SER A 15 7.30 -2.32 8.59
N ARG A 16 7.77 -2.32 9.84
CA ARG A 16 7.99 -3.55 10.57
C ARG A 16 6.67 -4.16 11.03
N GLU A 17 6.61 -5.48 11.02
CA GLU A 17 5.41 -6.20 11.43
C GLU A 17 5.00 -5.81 12.85
N GLY A 18 3.93 -5.03 12.95
CA GLY A 18 3.44 -4.61 14.25
C GLY A 18 2.97 -3.17 14.26
N ALA A 19 3.13 -2.49 13.13
CA ALA A 19 2.71 -1.10 13.02
C ALA A 19 1.19 -0.98 12.92
N LYS A 20 0.58 -0.38 13.93
CA LYS A 20 -0.87 -0.19 13.95
C LYS A 20 -1.24 1.12 13.26
N THR A 21 -0.52 2.18 13.60
CA THR A 21 -0.77 3.48 13.02
C THR A 21 0.54 4.25 12.81
N ARG A 22 0.85 4.53 11.54
CA ARG A 22 2.06 5.26 11.20
C ARG A 22 1.80 6.76 11.18
N LYS A 23 2.75 7.52 10.65
CA LYS A 23 2.62 8.97 10.58
C LYS A 23 3.36 9.52 9.37
N CYS A 24 2.74 10.51 8.73
CA CYS A 24 3.34 11.14 7.56
C CYS A 24 4.04 12.43 7.95
N VAL A 25 5.33 12.51 7.61
CA VAL A 25 6.13 13.69 7.94
C VAL A 25 5.66 14.90 7.17
N CYS A 26 5.00 14.65 6.04
CA CYS A 26 4.46 15.72 5.21
C CYS A 26 3.29 16.41 5.91
N GLY A 27 2.68 15.71 6.88
CA GLY A 27 1.57 16.25 7.62
C GLY A 27 0.31 15.42 7.48
N ARG A 28 0.35 14.21 8.05
CA ARG A 28 -0.79 13.29 7.99
C ARG A 28 -0.55 12.07 8.86
N THR A 29 -1.44 11.08 8.73
CA THR A 29 -1.33 9.84 9.49
C THR A 29 -1.71 8.65 8.62
N VAL A 30 -0.87 7.62 8.65
CA VAL A 30 -1.10 6.42 7.85
C VAL A 30 -1.76 5.32 8.67
N ASN A 31 -3.02 5.02 8.36
CA ASN A 31 -3.77 3.99 9.07
C ASN A 31 -3.65 2.64 8.38
N VAL A 32 -3.09 1.65 9.06
CA VAL A 32 -2.96 0.31 8.51
C VAL A 32 -4.33 -0.33 8.28
N LYS A 33 -4.35 -1.63 8.00
CA LYS A 33 -5.59 -2.35 7.76
C LYS A 33 -6.53 -2.24 8.95
N ASP A 34 -7.67 -2.92 8.87
CA ASP A 34 -8.65 -2.90 9.95
C ASP A 34 -8.37 -4.03 10.93
N ARG A 35 -8.12 -5.22 10.40
CA ARG A 35 -7.81 -6.37 11.23
C ARG A 35 -6.31 -6.40 11.54
N ARG A 36 -5.59 -7.32 10.92
CA ARG A 36 -4.14 -7.43 11.13
C ARG A 36 -3.40 -6.34 10.36
N ILE A 37 -3.00 -6.66 9.13
CA ILE A 37 -2.27 -5.72 8.28
C ILE A 37 -2.47 -6.05 6.81
N PHE A 38 -2.28 -5.05 5.96
CA PHE A 38 -2.42 -5.25 4.52
C PHE A 38 -1.08 -5.65 3.91
N GLY A 39 -1.13 -6.53 2.92
CA GLY A 39 0.08 -6.98 2.26
C GLY A 39 1.18 -7.37 3.23
N ARG A 40 1.26 -8.67 3.53
CA ARG A 40 2.29 -9.16 4.44
C ARG A 40 3.53 -9.55 3.66
N ALA A 41 4.47 -8.62 3.58
CA ALA A 41 5.70 -8.83 2.84
C ALA A 41 6.85 -9.24 3.75
N ASP A 42 7.43 -10.40 3.48
CA ASP A 42 8.56 -10.89 4.26
C ASP A 42 9.86 -10.28 3.76
N ASP A 43 9.97 -10.14 2.45
CA ASP A 43 11.16 -9.56 1.83
C ASP A 43 11.03 -8.04 1.73
N PHE A 44 12.11 -7.33 2.04
CA PHE A 44 12.12 -5.88 1.97
C PHE A 44 11.75 -5.40 0.57
N GLU A 45 12.29 -6.09 -0.44
CA GLU A 45 12.02 -5.75 -1.83
C GLU A 45 10.56 -6.00 -2.17
N GLU A 46 9.99 -7.06 -1.59
CA GLU A 46 8.59 -7.40 -1.85
C GLU A 46 7.67 -6.35 -1.24
N ALA A 47 8.07 -5.77 -0.12
CA ALA A 47 7.29 -4.74 0.54
C ALA A 47 7.08 -3.53 -0.38
N SER A 48 8.18 -3.02 -0.94
CA SER A 48 8.12 -1.88 -1.82
C SER A 48 7.28 -2.16 -3.06
N GLU A 49 7.38 -3.37 -3.58
CA GLU A 49 6.62 -3.76 -4.77
C GLU A 49 5.12 -3.83 -4.48
N LEU A 50 4.79 -4.31 -3.28
CA LEU A 50 3.40 -4.42 -2.87
C LEU A 50 2.78 -3.05 -2.67
N VAL A 51 3.55 -2.15 -2.07
CA VAL A 51 3.08 -0.79 -1.83
C VAL A 51 2.86 -0.05 -3.14
N ARG A 52 3.78 -0.24 -4.09
CA ARG A 52 3.68 0.38 -5.39
C ARG A 52 2.44 -0.12 -6.13
N LYS A 53 2.15 -1.40 -5.96
CA LYS A 53 0.96 -1.99 -6.57
C LYS A 53 -0.28 -1.36 -5.95
N LEU A 54 -0.16 -1.00 -4.67
CA LEU A 54 -1.23 -0.34 -3.94
C LEU A 54 -1.50 1.04 -4.53
N GLN A 55 -0.44 1.66 -5.06
CA GLN A 55 -0.53 3.00 -5.62
C GLN A 55 -1.40 3.02 -6.86
N GLU A 56 -1.41 4.16 -7.55
CA GLU A 56 -2.21 4.33 -8.75
C GLU A 56 -1.56 3.62 -9.94
N GLU A 57 -1.84 2.33 -10.08
CA GLU A 57 -1.29 1.54 -11.18
C GLU A 57 -2.04 1.83 -12.48
N LYS A 58 -1.50 1.33 -13.59
CA LYS A 58 -2.11 1.55 -14.89
C LYS A 58 -3.29 0.59 -15.10
N TYR A 59 -4.41 1.15 -15.54
CA TYR A 59 -5.61 0.34 -15.80
C TYR A 59 -5.63 -0.17 -17.23
N GLY A 60 -5.13 0.66 -18.15
CA GLY A 60 -5.10 0.28 -19.55
C GLY A 60 -5.30 1.46 -20.47
N SER A 61 -4.42 2.46 -20.36
CA SER A 61 -4.51 3.65 -21.19
C SER A 61 -3.74 3.47 -22.49
N CYS A 62 -4.36 3.86 -23.60
CA CYS A 62 -3.74 3.74 -24.91
C CYS A 62 -3.09 5.06 -25.32
N HIS A 63 -3.18 6.06 -24.45
CA HIS A 63 -2.61 7.38 -24.71
C HIS A 63 -1.60 7.76 -23.64
N PHE A 64 -0.75 8.74 -23.95
CA PHE A 64 0.26 9.19 -23.02
C PHE A 64 -0.31 10.20 -22.02
N THR A 65 -1.48 9.89 -21.50
CA THR A 65 -2.16 10.77 -20.53
C THR A 65 -1.87 10.32 -19.10
N ASN A 66 -1.74 11.29 -18.20
CA ASN A 66 -1.47 11.00 -16.80
C ASN A 66 -2.71 10.43 -16.11
N PRO A 67 -2.52 9.69 -15.00
CA PRO A 67 -3.64 9.08 -14.26
C PRO A 67 -4.60 10.14 -13.70
N SER A 68 -4.05 11.28 -13.31
CA SER A 68 -4.85 12.37 -12.77
C SER A 68 -5.48 13.20 -13.89
N LYS A 69 -5.07 12.90 -15.12
CA LYS A 69 -5.59 13.61 -16.28
C LYS A 69 -6.85 12.94 -16.81
N ARG A 70 -7.56 13.63 -17.69
CA ARG A 70 -8.79 13.10 -18.27
C ARG A 70 -8.48 12.16 -19.44
N GLU A 71 -8.45 12.71 -20.66
CA GLU A 71 -8.17 11.91 -21.84
C GLU A 71 -6.68 11.94 -22.17
#